data_2GO8
# 
_entry.id   2GO8 
# 
_audit_conform.dict_name       mmcif_pdbx.dic 
_audit_conform.dict_version    5.398 
_audit_conform.dict_location   http://mmcif.pdb.org/dictionaries/ascii/mmcif_pdbx.dic 
# 
loop_
_database_2.database_id 
_database_2.database_code 
_database_2.pdbx_database_accession 
_database_2.pdbx_DOI 
PDB   2GO8         pdb_00002go8 10.2210/pdb2go8/pdb 
RCSB  RCSB037354   ?            ?                   
WWPDB D_1000037354 ?            ?                   
# 
loop_
_pdbx_audit_revision_history.ordinal 
_pdbx_audit_revision_history.data_content_type 
_pdbx_audit_revision_history.major_revision 
_pdbx_audit_revision_history.minor_revision 
_pdbx_audit_revision_history.revision_date 
1 'Structure model' 1 0 2006-04-25 
2 'Structure model' 1 1 2008-05-01 
3 'Structure model' 1 2 2011-07-13 
4 'Structure model' 1 3 2017-10-18 
5 'Structure model' 1 4 2024-10-30 
# 
_pdbx_audit_revision_details.ordinal             1 
_pdbx_audit_revision_details.revision_ordinal    1 
_pdbx_audit_revision_details.data_content_type   'Structure model' 
_pdbx_audit_revision_details.provider            repository 
_pdbx_audit_revision_details.type                'Initial release' 
_pdbx_audit_revision_details.description         ? 
_pdbx_audit_revision_details.details             ? 
# 
loop_
_pdbx_audit_revision_group.ordinal 
_pdbx_audit_revision_group.revision_ordinal 
_pdbx_audit_revision_group.data_content_type 
_pdbx_audit_revision_group.group 
1 2 'Structure model' 'Version format compliance' 
2 3 'Structure model' 'Derived calculations'      
3 3 'Structure model' 'Version format compliance' 
4 4 'Structure model' 'Refinement description'    
5 5 'Structure model' 'Data collection'           
6 5 'Structure model' 'Database references'       
7 5 'Structure model' 'Derived calculations'      
8 5 'Structure model' 'Structure summary'         
# 
loop_
_pdbx_audit_revision_category.ordinal 
_pdbx_audit_revision_category.revision_ordinal 
_pdbx_audit_revision_category.data_content_type 
_pdbx_audit_revision_category.category 
1 4 'Structure model' software                  
2 5 'Structure model' chem_comp_atom            
3 5 'Structure model' chem_comp_bond            
4 5 'Structure model' database_2                
5 5 'Structure model' pdbx_entry_details        
6 5 'Structure model' pdbx_modification_feature 
7 5 'Structure model' struct_conn               
8 5 'Structure model' struct_ref_seq_dif        
# 
loop_
_pdbx_audit_revision_item.ordinal 
_pdbx_audit_revision_item.revision_ordinal 
_pdbx_audit_revision_item.data_content_type 
_pdbx_audit_revision_item.item 
1  4 'Structure model' '_software.classification'            
2  4 'Structure model' '_software.contact_author'            
3  4 'Structure model' '_software.contact_author_email'      
4  4 'Structure model' '_software.date'                      
5  4 'Structure model' '_software.language'                  
6  4 'Structure model' '_software.location'                  
7  4 'Structure model' '_software.name'                      
8  4 'Structure model' '_software.type'                      
9  4 'Structure model' '_software.version'                   
10 5 'Structure model' '_database_2.pdbx_DOI'                
11 5 'Structure model' '_database_2.pdbx_database_accession' 
12 5 'Structure model' '_struct_conn.pdbx_leaving_atom_flag' 
13 5 'Structure model' '_struct_ref_seq_dif.details'         
# 
_pdbx_database_status.entry_id                        2GO8 
_pdbx_database_status.deposit_site                    RCSB 
_pdbx_database_status.process_site                    RCSB 
_pdbx_database_status.recvd_initial_deposition_date   2006-04-12 
_pdbx_database_status.status_code                     REL 
_pdbx_database_status.status_code_sf                  REL 
_pdbx_database_status.status_code_mr                  ? 
_pdbx_database_status.SG_entry                        Y 
_pdbx_database_status.pdb_format_compatible           Y 
_pdbx_database_status.status_code_cs                  ? 
_pdbx_database_status.methods_development_category    ? 
_pdbx_database_status.status_code_nmr_data            ? 
# 
_pdbx_database_related.db_name        TargetDB 
_pdbx_database_related.db_id          sr435 
_pdbx_database_related.details        . 
_pdbx_database_related.content_type   unspecified 
# 
loop_
_audit_author.name 
_audit_author.pdbx_ordinal 
'Benach, J.'                                      1  
'Su, M.'                                          2  
'Jayaraman, S.'                                   3  
'Fang, Y.'                                        4  
'Xiao, R.'                                        5  
'Ma, L.-C.'                                       6  
'Cunningham, K.'                                  7  
'Wang, D.'                                        8  
'Acton, T.B.'                                     9  
'Montelione, G.T.'                                10 
'Tong, L.'                                        11 
'Hunt, J.F.'                                      12 
'Northeast Structural Genomics Consortium (NESG)' 13 
# 
_citation.id                        primary 
_citation.title                     
'Crystal structure of YQJZ_BACSU from Bacillus subtilis. Northeast Structural Genomics TARGET SR435' 
_citation.journal_abbrev            'To be Published' 
_citation.journal_volume            ? 
_citation.page_first                ? 
_citation.page_last                 ? 
_citation.year                      ? 
_citation.journal_id_ASTM           ? 
_citation.country                   ? 
_citation.journal_id_ISSN           ? 
_citation.journal_id_CSD            0353 
_citation.book_publisher            ? 
_citation.pdbx_database_id_PubMed   ? 
_citation.pdbx_database_id_DOI      ? 
# 
loop_
_citation_author.citation_id 
_citation_author.name 
_citation_author.ordinal 
_citation_author.identifier_ORCID 
primary 'Benach, J.'       1  ? 
primary 'Su, M.'           2  ? 
primary 'Jayaraman, S.'    3  ? 
primary 'Fang, Y.'         4  ? 
primary 'Xiao, R.'         5  ? 
primary 'Ma, L.-C.'        6  ? 
primary 'Cunningham, K.'   7  ? 
primary 'Wang, D.'         8  ? 
primary 'Acton, T.B.'      9  ? 
primary 'Montelione, G.T.' 10 ? 
primary 'Tong, L.'         11 ? 
primary 'Hunt, J.F.'       12 ? 
# 
loop_
_entity.id 
_entity.type 
_entity.src_method 
_entity.pdbx_description 
_entity.formula_weight 
_entity.pdbx_number_of_molecules 
_entity.pdbx_ec 
_entity.pdbx_mutation 
_entity.pdbx_fragment 
_entity.details 
1 polymer man 'Hypothetical protein yqjZ' 14324.112 1   ? ? ? ? 
2 water   nat water                       18.015    136 ? ? ? ? 
# 
_entity_poly.entity_id                      1 
_entity_poly.type                           'polypeptide(L)' 
_entity_poly.nstd_linkage                   no 
_entity_poly.nstd_monomer                   yes 
_entity_poly.pdbx_seq_one_letter_code       
;(MSE)(MSE)DFLSKTPEPPYYAVIFSSVKSENDTGYGETAER(MSE)VSLAADQPGFLGVESVREADGRGITVSYWDS
(MSE)DAINHWRHHTEHQAAKEKGRSVWYESYAVRVAKVDRQRLFQENTNDLEHHHHHH
;
_entity_poly.pdbx_seq_one_letter_code_can   
;MMDFLSKTPEPPYYAVIFSSVKSENDTGYGETAERMVSLAADQPGFLGVESVREADGRGITVSYWDSMDAINHWRHHTEH
QAAKEKGRSVWYESYAVRVAKVDRQRLFQENTNDLEHHHHHH
;
_entity_poly.pdbx_strand_id                 A 
_entity_poly.pdbx_target_identifier         sr435 
# 
_pdbx_entity_nonpoly.entity_id   2 
_pdbx_entity_nonpoly.name        water 
_pdbx_entity_nonpoly.comp_id     HOH 
# 
loop_
_entity_poly_seq.entity_id 
_entity_poly_seq.num 
_entity_poly_seq.mon_id 
_entity_poly_seq.hetero 
1 1   MSE n 
1 2   MSE n 
1 3   ASP n 
1 4   PHE n 
1 5   LEU n 
1 6   SER n 
1 7   LYS n 
1 8   THR n 
1 9   PRO n 
1 10  GLU n 
1 11  PRO n 
1 12  PRO n 
1 13  TYR n 
1 14  TYR n 
1 15  ALA n 
1 16  VAL n 
1 17  ILE n 
1 18  PHE n 
1 19  SER n 
1 20  SER n 
1 21  VAL n 
1 22  LYS n 
1 23  SER n 
1 24  GLU n 
1 25  ASN n 
1 26  ASP n 
1 27  THR n 
1 28  GLY n 
1 29  TYR n 
1 30  GLY n 
1 31  GLU n 
1 32  THR n 
1 33  ALA n 
1 34  GLU n 
1 35  ARG n 
1 36  MSE n 
1 37  VAL n 
1 38  SER n 
1 39  LEU n 
1 40  ALA n 
1 41  ALA n 
1 42  ASP n 
1 43  GLN n 
1 44  PRO n 
1 45  GLY n 
1 46  PHE n 
1 47  LEU n 
1 48  GLY n 
1 49  VAL n 
1 50  GLU n 
1 51  SER n 
1 52  VAL n 
1 53  ARG n 
1 54  GLU n 
1 55  ALA n 
1 56  ASP n 
1 57  GLY n 
1 58  ARG n 
1 59  GLY n 
1 60  ILE n 
1 61  THR n 
1 62  VAL n 
1 63  SER n 
1 64  TYR n 
1 65  TRP n 
1 66  ASP n 
1 67  SER n 
1 68  MSE n 
1 69  ASP n 
1 70  ALA n 
1 71  ILE n 
1 72  ASN n 
1 73  HIS n 
1 74  TRP n 
1 75  ARG n 
1 76  HIS n 
1 77  HIS n 
1 78  THR n 
1 79  GLU n 
1 80  HIS n 
1 81  GLN n 
1 82  ALA n 
1 83  ALA n 
1 84  LYS n 
1 85  GLU n 
1 86  LYS n 
1 87  GLY n 
1 88  ARG n 
1 89  SER n 
1 90  VAL n 
1 91  TRP n 
1 92  TYR n 
1 93  GLU n 
1 94  SER n 
1 95  TYR n 
1 96  ALA n 
1 97  VAL n 
1 98  ARG n 
1 99  VAL n 
1 100 ALA n 
1 101 LYS n 
1 102 VAL n 
1 103 ASP n 
1 104 ARG n 
1 105 GLN n 
1 106 ARG n 
1 107 LEU n 
1 108 PHE n 
1 109 GLN n 
1 110 GLU n 
1 111 ASN n 
1 112 THR n 
1 113 ASN n 
1 114 ASP n 
1 115 LEU n 
1 116 GLU n 
1 117 HIS n 
1 118 HIS n 
1 119 HIS n 
1 120 HIS n 
1 121 HIS n 
1 122 HIS n 
# 
_entity_src_gen.entity_id                          1 
_entity_src_gen.pdbx_src_id                        1 
_entity_src_gen.pdbx_alt_source_flag               sample 
_entity_src_gen.pdbx_seq_type                      ? 
_entity_src_gen.pdbx_beg_seq_num                   ? 
_entity_src_gen.pdbx_end_seq_num                   ? 
_entity_src_gen.gene_src_common_name               ? 
_entity_src_gen.gene_src_genus                     Bacillus 
_entity_src_gen.pdbx_gene_src_gene                 yqjZ 
_entity_src_gen.gene_src_species                   ? 
_entity_src_gen.gene_src_strain                    ? 
_entity_src_gen.gene_src_tissue                    ? 
_entity_src_gen.gene_src_tissue_fraction           ? 
_entity_src_gen.gene_src_details                   ? 
_entity_src_gen.pdbx_gene_src_fragment             ? 
_entity_src_gen.pdbx_gene_src_scientific_name      'Bacillus subtilis' 
_entity_src_gen.pdbx_gene_src_ncbi_taxonomy_id     1423 
_entity_src_gen.pdbx_gene_src_variant              ? 
_entity_src_gen.pdbx_gene_src_cell_line            ? 
_entity_src_gen.pdbx_gene_src_atcc                 ? 
_entity_src_gen.pdbx_gene_src_organ                ? 
_entity_src_gen.pdbx_gene_src_organelle            ? 
_entity_src_gen.pdbx_gene_src_cell                 ? 
_entity_src_gen.pdbx_gene_src_cellular_location    ? 
_entity_src_gen.host_org_common_name               ? 
_entity_src_gen.pdbx_host_org_scientific_name      'Escherichia coli' 
_entity_src_gen.pdbx_host_org_ncbi_taxonomy_id     562 
_entity_src_gen.host_org_genus                     Escherichia 
_entity_src_gen.pdbx_host_org_gene                 ? 
_entity_src_gen.pdbx_host_org_organ                ? 
_entity_src_gen.host_org_species                   ? 
_entity_src_gen.pdbx_host_org_tissue               ? 
_entity_src_gen.pdbx_host_org_tissue_fraction      ? 
_entity_src_gen.pdbx_host_org_strain               'BL21(DE3)+ Magic' 
_entity_src_gen.pdbx_host_org_variant              ? 
_entity_src_gen.pdbx_host_org_cell_line            ? 
_entity_src_gen.pdbx_host_org_atcc                 ? 
_entity_src_gen.pdbx_host_org_culture_collection   ? 
_entity_src_gen.pdbx_host_org_cell                 ? 
_entity_src_gen.pdbx_host_org_organelle            ? 
_entity_src_gen.pdbx_host_org_cellular_location    ? 
_entity_src_gen.pdbx_host_org_vector_type          plasmid 
_entity_src_gen.pdbx_host_org_vector               ? 
_entity_src_gen.host_org_details                   ? 
_entity_src_gen.expression_system_id               ? 
_entity_src_gen.plasmid_name                       pet21 
_entity_src_gen.plasmid_details                    ? 
_entity_src_gen.pdbx_description                   ? 
# 
loop_
_chem_comp.id 
_chem_comp.type 
_chem_comp.mon_nstd_flag 
_chem_comp.name 
_chem_comp.pdbx_synonyms 
_chem_comp.formula 
_chem_comp.formula_weight 
ALA 'L-peptide linking' y ALANINE          ? 'C3 H7 N O2'     89.093  
ARG 'L-peptide linking' y ARGININE         ? 'C6 H15 N4 O2 1' 175.209 
ASN 'L-peptide linking' y ASPARAGINE       ? 'C4 H8 N2 O3'    132.118 
ASP 'L-peptide linking' y 'ASPARTIC ACID'  ? 'C4 H7 N O4'     133.103 
GLN 'L-peptide linking' y GLUTAMINE        ? 'C5 H10 N2 O3'   146.144 
GLU 'L-peptide linking' y 'GLUTAMIC ACID'  ? 'C5 H9 N O4'     147.129 
GLY 'peptide linking'   y GLYCINE          ? 'C2 H5 N O2'     75.067  
HIS 'L-peptide linking' y HISTIDINE        ? 'C6 H10 N3 O2 1' 156.162 
HOH non-polymer         . WATER            ? 'H2 O'           18.015  
ILE 'L-peptide linking' y ISOLEUCINE       ? 'C6 H13 N O2'    131.173 
LEU 'L-peptide linking' y LEUCINE          ? 'C6 H13 N O2'    131.173 
LYS 'L-peptide linking' y LYSINE           ? 'C6 H15 N2 O2 1' 147.195 
MET 'L-peptide linking' y METHIONINE       ? 'C5 H11 N O2 S'  149.211 
MSE 'L-peptide linking' n SELENOMETHIONINE ? 'C5 H11 N O2 Se' 196.106 
PHE 'L-peptide linking' y PHENYLALANINE    ? 'C9 H11 N O2'    165.189 
PRO 'L-peptide linking' y PROLINE          ? 'C5 H9 N O2'     115.130 
SER 'L-peptide linking' y SERINE           ? 'C3 H7 N O3'     105.093 
THR 'L-peptide linking' y THREONINE        ? 'C4 H9 N O3'     119.119 
TRP 'L-peptide linking' y TRYPTOPHAN       ? 'C11 H12 N2 O2'  204.225 
TYR 'L-peptide linking' y TYROSINE         ? 'C9 H11 N O3'    181.189 
VAL 'L-peptide linking' y VALINE           ? 'C5 H11 N O2'    117.146 
# 
loop_
_pdbx_poly_seq_scheme.asym_id 
_pdbx_poly_seq_scheme.entity_id 
_pdbx_poly_seq_scheme.seq_id 
_pdbx_poly_seq_scheme.mon_id 
_pdbx_poly_seq_scheme.ndb_seq_num 
_pdbx_poly_seq_scheme.pdb_seq_num 
_pdbx_poly_seq_scheme.auth_seq_num 
_pdbx_poly_seq_scheme.pdb_mon_id 
_pdbx_poly_seq_scheme.auth_mon_id 
_pdbx_poly_seq_scheme.pdb_strand_id 
_pdbx_poly_seq_scheme.pdb_ins_code 
_pdbx_poly_seq_scheme.hetero 
A 1 1   MSE 1   1   ?   ?   ?   A . n 
A 1 2   MSE 2   2   ?   ?   ?   A . n 
A 1 3   ASP 3   3   3   ASP ASP A . n 
A 1 4   PHE 4   4   4   PHE PHE A . n 
A 1 5   LEU 5   5   5   LEU LEU A . n 
A 1 6   SER 6   6   6   SER SER A . n 
A 1 7   LYS 7   7   7   LYS LYS A . n 
A 1 8   THR 8   8   8   THR THR A . n 
A 1 9   PRO 9   9   9   PRO PRO A . n 
A 1 10  GLU 10  10  10  GLU GLU A . n 
A 1 11  PRO 11  11  11  PRO PRO A . n 
A 1 12  PRO 12  12  12  PRO PRO A . n 
A 1 13  TYR 13  13  13  TYR TYR A . n 
A 1 14  TYR 14  14  14  TYR TYR A . n 
A 1 15  ALA 15  15  15  ALA ALA A . n 
A 1 16  VAL 16  16  16  VAL VAL A . n 
A 1 17  ILE 17  17  17  ILE ILE A . n 
A 1 18  PHE 18  18  18  PHE PHE A . n 
A 1 19  SER 19  19  19  SER SER A . n 
A 1 20  SER 20  20  20  SER SER A . n 
A 1 21  VAL 21  21  21  VAL VAL A . n 
A 1 22  LYS 22  22  22  LYS LYS A . n 
A 1 23  SER 23  23  23  SER SER A . n 
A 1 24  GLU 24  24  ?   ?   ?   A . n 
A 1 25  ASN 25  25  ?   ?   ?   A . n 
A 1 26  ASP 26  26  ?   ?   ?   A . n 
A 1 27  THR 27  27  ?   ?   ?   A . n 
A 1 28  GLY 28  28  ?   ?   ?   A . n 
A 1 29  TYR 29  29  ?   ?   ?   A . n 
A 1 30  GLY 30  30  30  GLY GLY A . n 
A 1 31  GLU 31  31  31  GLU GLU A . n 
A 1 32  THR 32  32  32  THR THR A . n 
A 1 33  ALA 33  33  33  ALA ALA A . n 
A 1 34  GLU 34  34  34  GLU GLU A . n 
A 1 35  ARG 35  35  35  ARG ARG A . n 
A 1 36  MSE 36  36  36  MSE MSE A . n 
A 1 37  VAL 37  37  37  VAL VAL A . n 
A 1 38  SER 38  38  38  SER SER A . n 
A 1 39  LEU 39  39  39  LEU LEU A . n 
A 1 40  ALA 40  40  40  ALA ALA A . n 
A 1 41  ALA 41  41  41  ALA ALA A . n 
A 1 42  ASP 42  42  42  ASP ASP A . n 
A 1 43  GLN 43  43  43  GLN GLN A . n 
A 1 44  PRO 44  44  44  PRO PRO A . n 
A 1 45  GLY 45  45  45  GLY GLY A . n 
A 1 46  PHE 46  46  46  PHE PHE A . n 
A 1 47  LEU 47  47  47  LEU LEU A . n 
A 1 48  GLY 48  48  48  GLY GLY A . n 
A 1 49  VAL 49  49  49  VAL VAL A . n 
A 1 50  GLU 50  50  50  GLU GLU A . n 
A 1 51  SER 51  51  51  SER SER A . n 
A 1 52  VAL 52  52  52  VAL VAL A . n 
A 1 53  ARG 53  53  53  ARG ARG A . n 
A 1 54  GLU 54  54  54  GLU GLU A . n 
A 1 55  ALA 55  55  55  ALA ALA A . n 
A 1 56  ASP 56  56  56  ASP ASP A . n 
A 1 57  GLY 57  57  57  GLY GLY A . n 
A 1 58  ARG 58  58  58  ARG ARG A . n 
A 1 59  GLY 59  59  59  GLY GLY A . n 
A 1 60  ILE 60  60  60  ILE ILE A . n 
A 1 61  THR 61  61  61  THR THR A . n 
A 1 62  VAL 62  62  62  VAL VAL A . n 
A 1 63  SER 63  63  63  SER SER A . n 
A 1 64  TYR 64  64  64  TYR TYR A . n 
A 1 65  TRP 65  65  65  TRP TRP A . n 
A 1 66  ASP 66  66  66  ASP ASP A . n 
A 1 67  SER 67  67  67  SER SER A . n 
A 1 68  MSE 68  68  68  MSE MSE A . n 
A 1 69  ASP 69  69  69  ASP ASP A . n 
A 1 70  ALA 70  70  70  ALA ALA A . n 
A 1 71  ILE 71  71  71  ILE ILE A . n 
A 1 72  ASN 72  72  72  ASN ASN A . n 
A 1 73  HIS 73  73  73  HIS HIS A . n 
A 1 74  TRP 74  74  74  TRP TRP A . n 
A 1 75  ARG 75  75  75  ARG ARG A . n 
A 1 76  HIS 76  76  76  HIS HIS A . n 
A 1 77  HIS 77  77  77  HIS HIS A . n 
A 1 78  THR 78  78  78  THR THR A . n 
A 1 79  GLU 79  79  ?   ?   ?   A . n 
A 1 80  HIS 80  80  ?   ?   ?   A . n 
A 1 81  GLN 81  81  ?   ?   ?   A . n 
A 1 82  ALA 82  82  ?   ?   ?   A . n 
A 1 83  ALA 83  83  ?   ?   ?   A . n 
A 1 84  LYS 84  84  ?   ?   ?   A . n 
A 1 85  GLU 85  85  ?   ?   ?   A . n 
A 1 86  LYS 86  86  ?   ?   ?   A . n 
A 1 87  GLY 87  87  ?   ?   ?   A . n 
A 1 88  ARG 88  88  ?   ?   ?   A . n 
A 1 89  SER 89  89  ?   ?   ?   A . n 
A 1 90  VAL 90  90  ?   ?   ?   A . n 
A 1 91  TRP 91  91  ?   ?   ?   A . n 
A 1 92  TYR 92  92  92  TYR TYR A . n 
A 1 93  GLU 93  93  93  GLU GLU A . n 
A 1 94  SER 94  94  94  SER SER A . n 
A 1 95  TYR 95  95  95  TYR TYR A . n 
A 1 96  ALA 96  96  96  ALA ALA A . n 
A 1 97  VAL 97  97  97  VAL VAL A . n 
A 1 98  ARG 98  98  98  ARG ARG A . n 
A 1 99  VAL 99  99  99  VAL VAL A . n 
A 1 100 ALA 100 100 100 ALA ALA A . n 
A 1 101 LYS 101 101 101 LYS LYS A . n 
A 1 102 VAL 102 102 102 VAL VAL A . n 
A 1 103 ASP 103 103 103 ASP ASP A . n 
A 1 104 ARG 104 104 104 ARG ARG A . n 
A 1 105 GLN 105 105 105 GLN GLN A . n 
A 1 106 ARG 106 106 106 ARG ARG A . n 
A 1 107 LEU 107 107 107 LEU LEU A . n 
A 1 108 PHE 108 108 108 PHE PHE A . n 
A 1 109 GLN 109 109 109 GLN GLN A . n 
A 1 110 GLU 110 110 110 GLU GLU A . n 
A 1 111 ASN 111 111 ?   ?   ?   A . n 
A 1 112 THR 112 112 ?   ?   ?   A . n 
A 1 113 ASN 113 113 ?   ?   ?   A . n 
A 1 114 ASP 114 114 ?   ?   ?   A . n 
A 1 115 LEU 115 115 ?   ?   ?   A . n 
A 1 116 GLU 116 116 ?   ?   ?   A . n 
A 1 117 HIS 117 117 ?   ?   ?   A . n 
A 1 118 HIS 118 118 ?   ?   ?   A . n 
A 1 119 HIS 119 119 ?   ?   ?   A . n 
A 1 120 HIS 120 120 ?   ?   ?   A . n 
A 1 121 HIS 121 121 ?   ?   ?   A . n 
A 1 122 HIS 122 122 ?   ?   ?   A . n 
# 
loop_
_pdbx_nonpoly_scheme.asym_id 
_pdbx_nonpoly_scheme.entity_id 
_pdbx_nonpoly_scheme.mon_id 
_pdbx_nonpoly_scheme.ndb_seq_num 
_pdbx_nonpoly_scheme.pdb_seq_num 
_pdbx_nonpoly_scheme.auth_seq_num 
_pdbx_nonpoly_scheme.pdb_mon_id 
_pdbx_nonpoly_scheme.auth_mon_id 
_pdbx_nonpoly_scheme.pdb_strand_id 
_pdbx_nonpoly_scheme.pdb_ins_code 
B 2 HOH 1   3001 3001 HOH HOH A . 
B 2 HOH 2   3002 3002 HOH HOH A . 
B 2 HOH 3   3003 3003 HOH HOH A . 
B 2 HOH 4   3005 3005 HOH HOH A . 
B 2 HOH 5   3007 3007 HOH HOH A . 
B 2 HOH 6   3008 3008 HOH HOH A . 
B 2 HOH 7   3009 3009 HOH HOH A . 
B 2 HOH 8   3011 3011 HOH HOH A . 
B 2 HOH 9   3014 3014 HOH HOH A . 
B 2 HOH 10  3015 3015 HOH HOH A . 
B 2 HOH 11  3016 3016 HOH HOH A . 
B 2 HOH 12  3017 3017 HOH HOH A . 
B 2 HOH 13  3019 3019 HOH HOH A . 
B 2 HOH 14  3022 3022 HOH HOH A . 
B 2 HOH 15  3023 3023 HOH HOH A . 
B 2 HOH 16  3025 3025 HOH HOH A . 
B 2 HOH 17  3026 3026 HOH HOH A . 
B 2 HOH 18  3028 3028 HOH HOH A . 
B 2 HOH 19  3032 3032 HOH HOH A . 
B 2 HOH 20  3033 3033 HOH HOH A . 
B 2 HOH 21  3034 3034 HOH HOH A . 
B 2 HOH 22  3035 3035 HOH HOH A . 
B 2 HOH 23  3036 3036 HOH HOH A . 
B 2 HOH 24  3037 3037 HOH HOH A . 
B 2 HOH 25  3042 3042 HOH HOH A . 
B 2 HOH 26  3043 3043 HOH HOH A . 
B 2 HOH 27  3047 3047 HOH HOH A . 
B 2 HOH 28  3053 3053 HOH HOH A . 
B 2 HOH 29  3057 3057 HOH HOH A . 
B 2 HOH 30  3064 3064 HOH HOH A . 
B 2 HOH 31  3065 3065 HOH HOH A . 
B 2 HOH 32  3071 3071 HOH HOH A . 
B 2 HOH 33  3080 3080 HOH HOH A . 
B 2 HOH 34  3082 3082 HOH HOH A . 
B 2 HOH 35  3083 3083 HOH HOH A . 
B 2 HOH 36  3084 3084 HOH HOH A . 
B 2 HOH 37  3089 3089 HOH HOH A . 
B 2 HOH 38  3127 3127 HOH HOH A . 
B 2 HOH 39  3129 3129 HOH HOH A . 
B 2 HOH 40  3131 3131 HOH HOH A . 
B 2 HOH 41  3133 3133 HOH HOH A . 
B 2 HOH 42  3136 3136 HOH HOH A . 
B 2 HOH 43  3138 3138 HOH HOH A . 
B 2 HOH 44  3144 3144 HOH HOH A . 
B 2 HOH 45  3145 3145 HOH HOH A . 
B 2 HOH 46  3149 3149 HOH HOH A . 
B 2 HOH 47  3151 3151 HOH HOH A . 
B 2 HOH 48  3160 3160 HOH HOH A . 
B 2 HOH 49  3162 3162 HOH HOH A . 
B 2 HOH 50  3165 3165 HOH HOH A . 
B 2 HOH 51  3168 3168 HOH HOH A . 
B 2 HOH 52  3172 3172 HOH HOH A . 
B 2 HOH 53  3180 3180 HOH HOH A . 
B 2 HOH 54  3181 3181 HOH HOH A . 
B 2 HOH 55  3196 3196 HOH HOH A . 
B 2 HOH 56  3200 3200 HOH HOH A . 
B 2 HOH 57  3201 3201 HOH HOH A . 
B 2 HOH 58  3202 3202 HOH HOH A . 
B 2 HOH 59  3203 3203 HOH HOH A . 
B 2 HOH 60  3204 3204 HOH HOH A . 
B 2 HOH 61  3206 3206 HOH HOH A . 
B 2 HOH 62  3215 3215 HOH HOH A . 
B 2 HOH 63  3218 3218 HOH HOH A . 
B 2 HOH 64  3224 3224 HOH HOH A . 
B 2 HOH 65  3233 3233 HOH HOH A . 
B 2 HOH 66  3237 3237 HOH HOH A . 
B 2 HOH 67  3239 3239 HOH HOH A . 
B 2 HOH 68  3243 3243 HOH HOH A . 
B 2 HOH 69  3245 3245 HOH HOH A . 
B 2 HOH 70  3250 3250 HOH HOH A . 
B 2 HOH 71  3251 3251 HOH HOH A . 
B 2 HOH 72  3252 3252 HOH HOH A . 
B 2 HOH 73  3253 3253 HOH HOH A . 
B 2 HOH 74  3260 3260 HOH HOH A . 
B 2 HOH 75  3261 3261 HOH HOH A . 
B 2 HOH 76  3270 3270 HOH HOH A . 
B 2 HOH 77  3272 3272 HOH HOH A . 
B 2 HOH 78  3275 3275 HOH HOH A . 
B 2 HOH 79  3276 3276 HOH HOH A . 
B 2 HOH 80  3279 3279 HOH HOH A . 
B 2 HOH 81  3280 3280 HOH HOH A . 
B 2 HOH 82  3283 3283 HOH HOH A . 
B 2 HOH 83  3284 3284 HOH HOH A . 
B 2 HOH 84  3286 3286 HOH HOH A . 
B 2 HOH 85  3287 3287 HOH HOH A . 
B 2 HOH 86  3288 3288 HOH HOH A . 
B 2 HOH 87  3289 3289 HOH HOH A . 
B 2 HOH 88  3293 3293 HOH HOH A . 
B 2 HOH 89  3295 3295 HOH HOH A . 
B 2 HOH 90  3300 3300 HOH HOH A . 
B 2 HOH 91  3309 3309 HOH HOH A . 
B 2 HOH 92  3310 3310 HOH HOH A . 
B 2 HOH 93  3315 3315 HOH HOH A . 
B 2 HOH 94  3317 3317 HOH HOH A . 
B 2 HOH 95  3318 3318 HOH HOH A . 
B 2 HOH 96  3320 3320 HOH HOH A . 
B 2 HOH 97  3321 3321 HOH HOH A . 
B 2 HOH 98  3322 3322 HOH HOH A . 
B 2 HOH 99  3323 3323 HOH HOH A . 
B 2 HOH 100 3324 3324 HOH HOH A . 
B 2 HOH 101 3325 3325 HOH HOH A . 
B 2 HOH 102 3326 3326 HOH HOH A . 
B 2 HOH 103 3327 3327 HOH HOH A . 
B 2 HOH 104 3328 3328 HOH HOH A . 
B 2 HOH 105 3329 3329 HOH HOH A . 
B 2 HOH 106 3330 3330 HOH HOH A . 
B 2 HOH 107 3331 3331 HOH HOH A . 
B 2 HOH 108 3332 3332 HOH HOH A . 
B 2 HOH 109 3333 3333 HOH HOH A . 
B 2 HOH 110 3334 3334 HOH HOH A . 
B 2 HOH 111 3335 3335 HOH HOH A . 
B 2 HOH 112 3336 3336 HOH HOH A . 
B 2 HOH 113 3337 3337 HOH HOH A . 
B 2 HOH 114 3338 3338 HOH HOH A . 
B 2 HOH 115 3339 3339 HOH HOH A . 
B 2 HOH 116 3340 3340 HOH HOH A . 
B 2 HOH 117 3341 3341 HOH HOH A . 
B 2 HOH 118 3342 3342 HOH HOH A . 
B 2 HOH 119 3343 3343 HOH HOH A . 
B 2 HOH 120 3344 3344 HOH HOH A . 
B 2 HOH 121 3345 3345 HOH HOH A . 
B 2 HOH 122 3346 3346 HOH HOH A . 
B 2 HOH 123 3347 3347 HOH HOH A . 
B 2 HOH 124 3348 3348 HOH HOH A . 
B 2 HOH 125 3349 3349 HOH HOH A . 
B 2 HOH 126 3350 3350 HOH HOH A . 
B 2 HOH 127 3351 3351 HOH HOH A . 
B 2 HOH 128 3352 3352 HOH HOH A . 
B 2 HOH 129 3353 3353 HOH HOH A . 
B 2 HOH 130 3354 3354 HOH HOH A . 
B 2 HOH 131 3355 3355 HOH HOH A . 
B 2 HOH 132 3356 3356 HOH HOH A . 
B 2 HOH 133 3357 3357 HOH HOH A . 
B 2 HOH 134 3358 3358 HOH HOH A . 
B 2 HOH 135 3359 3359 HOH HOH A . 
B 2 HOH 136 3360 3360 HOH HOH A . 
# 
loop_
_software.name 
_software.version 
_software.date 
_software.type 
_software.contact_author 
_software.contact_author_email 
_software.classification 
_software.location 
_software.language 
_software.citation_id 
_software.pdbx_ordinal 
DENZO       .     ?              package 'Zbyszek Otwinowski' zbyszek@mix.swmed.edu    'data reduction'  
http://www.lnls.br/infra/linhasluz/denzo-hkl.htm ?          ? 1 
SCALEPACK   .     ?              package 'Zbyszek Otwinowski' zbyszek@mix.swmed.edu    'data scaling'    
http://www.lnls.br/infra/linhasluz/denzo-hkl.htm ?          ? 2 
SOLVE       2.08  14-Sept-2004   package 'Tom Terwilliger'    terwilliger@LANL.gov     phasing           
http://www.solve.lanl.gov/                       ?          ? 3 
RESOLVE     2.08  14-Sept-2004   package 'Terwilliger, T. C'  terwilliger@LANL.gov     phasing           
http://www.solve.lanl.gov/                       ?          ? 4 
CNS         .     ?              package 'Axel T. Brunger'    axel.brunger@yale.edu    refinement        
http://cns.csb.yale.edu/v1.1/                    Fortran_77 ? 5 
PDB_EXTRACT 1.701 'Nov. 1, 2005' package PDB                  sw-help@rcsb.rutgers.edu 'data extraction' 
http://pdb.rutgers.edu/software/                 C++        ? 6 
ADSC        .     ?              ?       ?                    ?                        'data collection' ? ?          ? 7 
# 
_cell.entry_id           2GO8 
_cell.length_a           53.076 
_cell.length_b           59.650 
_cell.length_c           73.400 
_cell.angle_alpha        90.00 
_cell.angle_beta         90.00 
_cell.angle_gamma        90.00 
_cell.Z_PDB              8 
_cell.pdbx_unique_axis   ? 
_cell.length_a_esd       ? 
_cell.length_b_esd       ? 
_cell.length_c_esd       ? 
_cell.angle_alpha_esd    ? 
_cell.angle_beta_esd     ? 
_cell.angle_gamma_esd    ? 
# 
_symmetry.entry_id                         2GO8 
_symmetry.space_group_name_H-M             'C 2 2 21' 
_symmetry.pdbx_full_space_group_name_H-M   ? 
_symmetry.cell_setting                     ? 
_symmetry.Int_Tables_number                20 
_symmetry.space_group_name_Hall            ? 
# 
_exptl.crystals_number   1 
_exptl.entry_id          2GO8 
_exptl.method            'X-RAY DIFFRACTION' 
# 
_exptl_crystal.id                    1 
_exptl_crystal.density_Matthews      2.19 
_exptl_crystal.density_meas          ? 
_exptl_crystal.density_percent_sol   39.33 
_exptl_crystal.description           ? 
_exptl_crystal.F_000                 ? 
_exptl_crystal.preparation           ? 
# 
_exptl_crystal_grow.crystal_id      1 
_exptl_crystal_grow.method          'VAPOR DIFFUSION, HANGING DROP' 
_exptl_crystal_grow.pH              6.5 
_exptl_crystal_grow.temp            293 
_exptl_crystal_grow.temp_details    ? 
_exptl_crystal_grow.pdbx_details    '20% PEG400, 100mM MES, pH 6.5, VAPOR DIFFUSION, HANGING DROP, temperature 293K' 
_exptl_crystal_grow.pdbx_pH_range   . 
# 
loop_
_diffrn.id 
_diffrn.ambient_temp 
_diffrn.ambient_temp_details 
_diffrn.crystal_id 
1 100 ? 1 
2 ?   ? 1 
3 ?   ? 1 
# 
_diffrn_detector.diffrn_id              1 
_diffrn_detector.detector               CCD 
_diffrn_detector.type                   'ADSC QUANTUM 4' 
_diffrn_detector.pdbx_collection_date   2006-03-15 
_diffrn_detector.details                ? 
# 
_diffrn_radiation.diffrn_id                        1 
_diffrn_radiation.wavelength_id                    1 
_diffrn_radiation.pdbx_diffrn_protocol             MAD 
_diffrn_radiation.monochromator                    'Si 111 CHANNEL' 
_diffrn_radiation.pdbx_monochromatic_or_laue_m_l   M 
_diffrn_radiation.pdbx_scattering_type             x-ray 
# 
loop_
_diffrn_radiation_wavelength.id 
_diffrn_radiation_wavelength.wavelength 
_diffrn_radiation_wavelength.wt 
1 0.9791 1.0 
2 0.9794 1.0 
3 0.9678 1.0 
# 
_diffrn_source.diffrn_id                   1 
_diffrn_source.source                      SYNCHROTRON 
_diffrn_source.type                        'NSLS BEAMLINE X4A' 
_diffrn_source.pdbx_wavelength             ? 
_diffrn_source.pdbx_wavelength_list        '0.9791, 0.9794, 0.9678' 
_diffrn_source.pdbx_synchrotron_site       NSLS 
_diffrn_source.pdbx_synchrotron_beamline   X4A 
# 
_reflns.entry_id                     2GO8 
_reflns.d_resolution_high            2.100 
_reflns.d_resolution_low             20.000 
_reflns.number_obs                   13100 
_reflns.pdbx_Rmerge_I_obs            0.105 
_reflns.pdbx_netI_over_sigmaI        18.500 
_reflns.pdbx_chi_squared             1.042 
_reflns.pdbx_redundancy              8.100 
_reflns.percent_possible_obs         96.900 
_reflns.observed_criterion_sigma_F   0 
_reflns.observed_criterion_sigma_I   -3 
_reflns.number_all                   13100 
_reflns.pdbx_Rsym_value              ? 
_reflns.B_iso_Wilson_estimate        ? 
_reflns.R_free_details               ? 
_reflns.limit_h_max                  ? 
_reflns.limit_h_min                  ? 
_reflns.limit_k_max                  ? 
_reflns.limit_k_min                  ? 
_reflns.limit_l_max                  ? 
_reflns.limit_l_min                  ? 
_reflns.observed_criterion_F_max     ? 
_reflns.observed_criterion_F_min     ? 
_reflns.pdbx_scaling_rejects         ? 
_reflns.pdbx_ordinal                 1 
_reflns.pdbx_diffrn_id               1 
# 
_reflns_shell.d_res_high             2.10 
_reflns_shell.d_res_low              2.15 
_reflns_shell.number_measured_obs    ? 
_reflns_shell.number_measured_all    ? 
_reflns_shell.number_unique_obs      903 
_reflns_shell.Rmerge_I_obs           0.353 
_reflns_shell.meanI_over_sigI_obs    ? 
_reflns_shell.pdbx_Rsym_value        ? 
_reflns_shell.pdbx_chi_squared       1.145 
_reflns_shell.pdbx_redundancy        8.10 
_reflns_shell.percent_possible_obs   100.00 
_reflns_shell.number_unique_all      ? 
_reflns_shell.percent_possible_all   100 
_reflns_shell.pdbx_ordinal           1 
_reflns_shell.pdbx_diffrn_id         1 
# 
_refine.entry_id                                 2GO8 
_refine.ls_d_res_high                            2.300 
_refine.ls_d_res_low                             20.000 
_refine.pdbx_ls_sigma_F                          2 
_refine.ls_percent_reflns_obs                    89.600 
_refine.ls_number_reflns_obs                     8962 
_refine.ls_R_factor_R_work                       0.23 
_refine.ls_R_factor_R_free                       0.255 
_refine.ls_percent_reflns_R_free                 8.700 
_refine.ls_number_reflns_R_free                  874 
_refine.B_iso_mean                               42.641 
_refine.solvent_model_param_bsol                 64.176 
_refine.aniso_B[1][1]                            -23.484 
_refine.aniso_B[2][2]                            12.426 
_refine.aniso_B[3][3]                            11.058 
_refine.aniso_B[1][2]                            0.000 
_refine.aniso_B[1][3]                            0.000 
_refine.aniso_B[2][3]                            0.000 
_refine.pdbx_method_to_determine_struct          MAD 
_refine.overall_FOM_work_R_set                   0.834 
_refine.pdbx_ls_sigma_I                          ? 
_refine.ls_number_reflns_all                     8962 
_refine.ls_R_factor_all                          ? 
_refine.ls_R_factor_obs                          ? 
_refine.ls_redundancy_reflns_obs                 ? 
_refine.pdbx_data_cutoff_high_absF               ? 
_refine.pdbx_data_cutoff_low_absF                ? 
_refine.ls_number_parameters                     ? 
_refine.ls_number_restraints                     ? 
_refine.ls_R_factor_R_free_error                 ? 
_refine.ls_R_factor_R_free_error_details         ? 
_refine.pdbx_starting_model                      ? 
_refine.pdbx_ls_cross_valid_method               ? 
_refine.pdbx_R_Free_selection_details            random 
_refine.pdbx_stereochem_target_val_spec_case     ? 
_refine.pdbx_stereochemistry_target_values       'Engh & Huber' 
_refine.solvent_model_details                    ? 
_refine.solvent_model_param_ksol                 ? 
_refine.occupancy_max                            ? 
_refine.occupancy_min                            ? 
_refine.pdbx_isotropic_thermal_model             ? 
_refine.details                                  ? 
_refine.B_iso_min                                ? 
_refine.B_iso_max                                ? 
_refine.correlation_coeff_Fo_to_Fc               ? 
_refine.correlation_coeff_Fo_to_Fc_free          ? 
_refine.pdbx_solvent_vdw_probe_radii             ? 
_refine.pdbx_solvent_ion_probe_radii             ? 
_refine.pdbx_solvent_shrinkage_radii             ? 
_refine.overall_SU_R_Cruickshank_DPI             ? 
_refine.overall_SU_R_free                        ? 
_refine.overall_SU_ML                            ? 
_refine.overall_SU_B                             ? 
_refine.pdbx_overall_ESU_R_Free                  ? 
_refine.pdbx_data_cutoff_high_rms_absF           ? 
_refine.pdbx_overall_ESU_R                       ? 
_refine.ls_wR_factor_R_free                      ? 
_refine.ls_wR_factor_R_work                      ? 
_refine.overall_FOM_free_R_set                   ? 
_refine.pdbx_refine_id                           'X-RAY DIFFRACTION' 
_refine.pdbx_diffrn_id                           1 
_refine.pdbx_TLS_residual_ADP_flag               ? 
_refine.pdbx_overall_phase_error                 ? 
_refine.pdbx_overall_SU_R_free_Cruickshank_DPI   ? 
_refine.pdbx_overall_SU_R_Blow_DPI               ? 
_refine.pdbx_overall_SU_R_free_Blow_DPI          ? 
# 
_refine_hist.pdbx_refine_id                   'X-RAY DIFFRACTION' 
_refine_hist.cycle_id                         LAST 
_refine_hist.pdbx_number_atoms_protein        717 
_refine_hist.pdbx_number_atoms_nucleic_acid   0 
_refine_hist.pdbx_number_atoms_ligand         0 
_refine_hist.number_atoms_solvent             136 
_refine_hist.number_atoms_total               853 
_refine_hist.d_res_high                       2.300 
_refine_hist.d_res_low                        20.000 
# 
loop_
_refine_ls_shell.d_res_high 
_refine_ls_shell.d_res_low 
_refine_ls_shell.pdbx_total_number_of_bins_used 
_refine_ls_shell.percent_reflns_obs 
_refine_ls_shell.number_reflns_R_work 
_refine_ls_shell.R_factor_all 
_refine_ls_shell.R_factor_R_work 
_refine_ls_shell.R_factor_R_free 
_refine_ls_shell.percent_reflns_R_free 
_refine_ls_shell.number_reflns_R_free 
_refine_ls_shell.R_factor_R_free_error 
_refine_ls_shell.number_reflns_all 
_refine_ls_shell.number_reflns_obs 
_refine_ls_shell.redundancy_reflns_obs 
_refine_ls_shell.pdbx_refine_id 
2.300 2.350  17 . 445 . 0.272 0.305 . 51 . . 496 . 'X-RAY DIFFRACTION' 
2.350 2.400  17 . 430 . 0.234 0.251 . 31 . . 461 . 'X-RAY DIFFRACTION' 
2.400 2.450  17 . 465 . 0.215 0.225 . 59 . . 524 . 'X-RAY DIFFRACTION' 
2.450 2.510  17 . 484 . 0.216 0.245 . 47 . . 531 . 'X-RAY DIFFRACTION' 
2.510 2.580  17 . 479 . 0.229 0.287 . 50 . . 529 . 'X-RAY DIFFRACTION' 
2.580 2.660  17 . 493 . 0.274 0.299 . 58 . . 551 . 'X-RAY DIFFRACTION' 
2.660 2.740  17 . 500 . 0.247 0.28  . 50 . . 550 . 'X-RAY DIFFRACTION' 
2.740 2.840  17 . 520 . 0.252 0.278 . 47 . . 567 . 'X-RAY DIFFRACTION' 
2.840 2.960  17 . 498 . 0.237 0.284 . 52 . . 550 . 'X-RAY DIFFRACTION' 
2.960 3.090  17 . 519 . 0.25  0.367 . 62 . . 581 . 'X-RAY DIFFRACTION' 
3.090 3.250  17 . 483 . 0.189 0.232 . 77 . . 560 . 'X-RAY DIFFRACTION' 
3.250 3.450  17 . 524 . 0.219 0.208 . 47 . . 571 . 'X-RAY DIFFRACTION' 
3.450 3.720  17 . 320 . 0.224 0.245 . 35 . . 355 . 'X-RAY DIFFRACTION' 
3.720 4.090  17 . 403 . 0.201 0.315 . 50 . . 453 . 'X-RAY DIFFRACTION' 
4.090 4.680  17 . 530 . 0.183 0.169 . 49 . . 579 . 'X-RAY DIFFRACTION' 
4.680 5.870  17 . 516 . 0.229 0.251 . 59 . . 575 . 'X-RAY DIFFRACTION' 
5.870 20.000 17 . 479 . 0.313 0.273 . 50 . . 529 . 'X-RAY DIFFRACTION' 
# 
loop_
_pdbx_xplor_file.serial_no 
_pdbx_xplor_file.param_file 
_pdbx_xplor_file.topol_file 
_pdbx_xplor_file.pdbx_refine_id 
1 protein_rep.param ? 'X-RAY DIFFRACTION' 
2 water_rep.param   ? 'X-RAY DIFFRACTION' 
# 
_struct.entry_id                  2GO8 
_struct.title                     
'Crystal structure of YQJZ_BACSU FROM Bacillus subtilis. Northeast structural genomics TARGET SR435' 
_struct.pdbx_model_details        ? 
_struct.pdbx_CASP_flag            ? 
_struct.pdbx_model_type_details   ? 
# 
_struct_keywords.entry_id        2GO8 
_struct_keywords.pdbx_keywords   'STRUCTURAL GENOMICS, UNKNOWN FUNCTION' 
_struct_keywords.text            
;SR435, protein structure, Structural Genomics, PSI, Protein Structure Initiative, Northeast Structural Genomics Consortium, NESG, UNKNOWN FUNCTION
;
# 
loop_
_struct_asym.id 
_struct_asym.pdbx_blank_PDB_chainid_flag 
_struct_asym.pdbx_modified 
_struct_asym.entity_id 
_struct_asym.details 
A N N 1 ? 
B N N 2 ? 
# 
_struct_ref.id                         1 
_struct_ref.db_name                    UNP 
_struct_ref.db_code                    YQJZ_BACSU 
_struct_ref.pdbx_db_accession          P54563 
_struct_ref.entity_id                  1 
_struct_ref.pdbx_align_begin           1 
_struct_ref.pdbx_db_isoform            ? 
_struct_ref.pdbx_seq_one_letter_code   ? 
# 
_struct_ref_seq.align_id                      1 
_struct_ref_seq.ref_id                        1 
_struct_ref_seq.pdbx_PDB_id_code              2GO8 
_struct_ref_seq.pdbx_strand_id                A 
_struct_ref_seq.seq_align_beg                 1 
_struct_ref_seq.pdbx_seq_align_beg_ins_code   ? 
_struct_ref_seq.seq_align_end                 114 
_struct_ref_seq.pdbx_seq_align_end_ins_code   ? 
_struct_ref_seq.pdbx_db_accession             P54563 
_struct_ref_seq.db_align_beg                  1 
_struct_ref_seq.pdbx_db_align_beg_ins_code    ? 
_struct_ref_seq.db_align_end                  114 
_struct_ref_seq.pdbx_db_align_end_ins_code    ? 
_struct_ref_seq.pdbx_auth_seq_align_beg       1 
_struct_ref_seq.pdbx_auth_seq_align_end       114 
# 
loop_
_struct_ref_seq_dif.align_id 
_struct_ref_seq_dif.pdbx_pdb_id_code 
_struct_ref_seq_dif.mon_id 
_struct_ref_seq_dif.pdbx_pdb_strand_id 
_struct_ref_seq_dif.seq_num 
_struct_ref_seq_dif.pdbx_pdb_ins_code 
_struct_ref_seq_dif.pdbx_seq_db_name 
_struct_ref_seq_dif.pdbx_seq_db_accession_code 
_struct_ref_seq_dif.db_mon_id 
_struct_ref_seq_dif.pdbx_seq_db_seq_num 
_struct_ref_seq_dif.details 
_struct_ref_seq_dif.pdbx_auth_seq_num 
_struct_ref_seq_dif.pdbx_ordinal 
1 2GO8 MSE A 1   ? UNP P54563 MET 1  'modified residue' 1   1  
1 2GO8 MSE A 2   ? UNP P54563 MET 2  'modified residue' 2   2  
1 2GO8 MSE A 36  ? UNP P54563 MET 36 'modified residue' 36  3  
1 2GO8 MSE A 68  ? UNP P54563 MET 68 'modified residue' 68  4  
1 2GO8 LEU A 115 ? UNP P54563 ?   ?  'cloning artifact' 115 5  
1 2GO8 GLU A 116 ? UNP P54563 ?   ?  'cloning artifact' 116 6  
1 2GO8 HIS A 117 ? UNP P54563 ?   ?  'expression tag'   117 7  
1 2GO8 HIS A 118 ? UNP P54563 ?   ?  'expression tag'   118 8  
1 2GO8 HIS A 119 ? UNP P54563 ?   ?  'expression tag'   119 9  
1 2GO8 HIS A 120 ? UNP P54563 ?   ?  'expression tag'   120 10 
1 2GO8 HIS A 121 ? UNP P54563 ?   ?  'expression tag'   121 11 
1 2GO8 HIS A 122 ? UNP P54563 ?   ?  'expression tag'   122 12 
# 
_pdbx_struct_assembly.id                   1 
_pdbx_struct_assembly.details              author_and_software_defined_assembly 
_pdbx_struct_assembly.method_details       PISA,PQS 
_pdbx_struct_assembly.oligomeric_details   dimeric 
_pdbx_struct_assembly.oligomeric_count     2 
# 
loop_
_pdbx_struct_assembly_prop.biol_id 
_pdbx_struct_assembly_prop.type 
_pdbx_struct_assembly_prop.value 
_pdbx_struct_assembly_prop.details 
1 'ABSA (A^2)' 3530  ? 
1 MORE         -7    ? 
1 'SSA (A^2)'  10120 ? 
# 
_pdbx_struct_assembly_gen.assembly_id       1 
_pdbx_struct_assembly_gen.oper_expression   1,2 
_pdbx_struct_assembly_gen.asym_id_list      A,B 
# 
loop_
_pdbx_struct_oper_list.id 
_pdbx_struct_oper_list.type 
_pdbx_struct_oper_list.name 
_pdbx_struct_oper_list.symmetry_operation 
_pdbx_struct_oper_list.matrix[1][1] 
_pdbx_struct_oper_list.matrix[1][2] 
_pdbx_struct_oper_list.matrix[1][3] 
_pdbx_struct_oper_list.vector[1] 
_pdbx_struct_oper_list.matrix[2][1] 
_pdbx_struct_oper_list.matrix[2][2] 
_pdbx_struct_oper_list.matrix[2][3] 
_pdbx_struct_oper_list.vector[2] 
_pdbx_struct_oper_list.matrix[3][1] 
_pdbx_struct_oper_list.matrix[3][2] 
_pdbx_struct_oper_list.matrix[3][3] 
_pdbx_struct_oper_list.vector[3] 
1 'identity operation'         1_555 x,y,z         1.0000000000  0.0000000000  0.0000000000 0.0000000000   0.0000000000  1.0000000000 0.0000000000  0.0000000000  0.0000000000 0.0000000000  1.0000000000  0.0000000000  
2 'crystal symmetry operation' 3_655 -x+1,y,-z+1/2 -0.9926253496 -0.1030919552 0.0637727543 -12.3722535671 -0.1030919552 0.4411464387 -0.8914941774 -5.6095126366 0.0637727543 -0.8914941774 -0.4485210891 -7.6373458417 
# 
_struct_biol.id                    1 
_struct_biol.details               
;The second part of the biological assembly is generated  
by: -x, y, -z+1/2 and the translation (1 0 0)
;
_struct_biol.pdbx_parent_biol_id   ? 
# 
loop_
_struct_conf.conf_type_id 
_struct_conf.id 
_struct_conf.pdbx_PDB_helix_id 
_struct_conf.beg_label_comp_id 
_struct_conf.beg_label_asym_id 
_struct_conf.beg_label_seq_id 
_struct_conf.pdbx_beg_PDB_ins_code 
_struct_conf.end_label_comp_id 
_struct_conf.end_label_asym_id 
_struct_conf.end_label_seq_id 
_struct_conf.pdbx_end_PDB_ins_code 
_struct_conf.beg_auth_comp_id 
_struct_conf.beg_auth_asym_id 
_struct_conf.beg_auth_seq_id 
_struct_conf.end_auth_comp_id 
_struct_conf.end_auth_asym_id 
_struct_conf.end_auth_seq_id 
_struct_conf.pdbx_PDB_helix_class 
_struct_conf.details 
_struct_conf.pdbx_PDB_helix_length 
HELX_P HELX_P1 1 GLY A 30 ? GLN A 43 ? GLY A 30 GLN A 43 1 ? 14 
HELX_P HELX_P2 2 SER A 67 ? THR A 78 ? SER A 67 THR A 78 1 ? 12 
# 
_struct_conf_type.id          HELX_P 
_struct_conf_type.criteria    ? 
_struct_conf_type.reference   ? 
# 
loop_
_struct_conn.id 
_struct_conn.conn_type_id 
_struct_conn.pdbx_leaving_atom_flag 
_struct_conn.pdbx_PDB_id 
_struct_conn.ptnr1_label_asym_id 
_struct_conn.ptnr1_label_comp_id 
_struct_conn.ptnr1_label_seq_id 
_struct_conn.ptnr1_label_atom_id 
_struct_conn.pdbx_ptnr1_label_alt_id 
_struct_conn.pdbx_ptnr1_PDB_ins_code 
_struct_conn.pdbx_ptnr1_standard_comp_id 
_struct_conn.ptnr1_symmetry 
_struct_conn.ptnr2_label_asym_id 
_struct_conn.ptnr2_label_comp_id 
_struct_conn.ptnr2_label_seq_id 
_struct_conn.ptnr2_label_atom_id 
_struct_conn.pdbx_ptnr2_label_alt_id 
_struct_conn.pdbx_ptnr2_PDB_ins_code 
_struct_conn.ptnr1_auth_asym_id 
_struct_conn.ptnr1_auth_comp_id 
_struct_conn.ptnr1_auth_seq_id 
_struct_conn.ptnr2_auth_asym_id 
_struct_conn.ptnr2_auth_comp_id 
_struct_conn.ptnr2_auth_seq_id 
_struct_conn.ptnr2_symmetry 
_struct_conn.pdbx_ptnr3_label_atom_id 
_struct_conn.pdbx_ptnr3_label_seq_id 
_struct_conn.pdbx_ptnr3_label_comp_id 
_struct_conn.pdbx_ptnr3_label_asym_id 
_struct_conn.pdbx_ptnr3_label_alt_id 
_struct_conn.pdbx_ptnr3_PDB_ins_code 
_struct_conn.details 
_struct_conn.pdbx_dist_value 
_struct_conn.pdbx_value_order 
_struct_conn.pdbx_role 
covale1 covale both ? A ARG 35 C ? ? ? 1_555 A MSE 36 N ? ? A ARG 35 A MSE 36 1_555 ? ? ? ? ? ? ? 1.325 ? ? 
covale2 covale both ? A MSE 36 C ? ? ? 1_555 A VAL 37 N ? ? A MSE 36 A VAL 37 1_555 ? ? ? ? ? ? ? 1.332 ? ? 
covale3 covale both ? A SER 67 C ? ? ? 1_555 A MSE 68 N ? ? A SER 67 A MSE 68 1_555 ? ? ? ? ? ? ? 1.319 ? ? 
covale4 covale both ? A MSE 68 C ? ? ? 1_555 A ASP 69 N ? ? A MSE 68 A ASP 69 1_555 ? ? ? ? ? ? ? 1.330 ? ? 
# 
_struct_conn_type.id          covale 
_struct_conn_type.criteria    ? 
_struct_conn_type.reference   ? 
# 
loop_
_pdbx_modification_feature.ordinal 
_pdbx_modification_feature.label_comp_id 
_pdbx_modification_feature.label_asym_id 
_pdbx_modification_feature.label_seq_id 
_pdbx_modification_feature.label_alt_id 
_pdbx_modification_feature.modified_residue_label_comp_id 
_pdbx_modification_feature.modified_residue_label_asym_id 
_pdbx_modification_feature.modified_residue_label_seq_id 
_pdbx_modification_feature.modified_residue_label_alt_id 
_pdbx_modification_feature.auth_comp_id 
_pdbx_modification_feature.auth_asym_id 
_pdbx_modification_feature.auth_seq_id 
_pdbx_modification_feature.PDB_ins_code 
_pdbx_modification_feature.symmetry 
_pdbx_modification_feature.modified_residue_auth_comp_id 
_pdbx_modification_feature.modified_residue_auth_asym_id 
_pdbx_modification_feature.modified_residue_auth_seq_id 
_pdbx_modification_feature.modified_residue_PDB_ins_code 
_pdbx_modification_feature.modified_residue_symmetry 
_pdbx_modification_feature.comp_id_linking_atom 
_pdbx_modification_feature.modified_residue_id_linking_atom 
_pdbx_modification_feature.modified_residue_id 
_pdbx_modification_feature.ref_pcm_id 
_pdbx_modification_feature.ref_comp_id 
_pdbx_modification_feature.type 
_pdbx_modification_feature.category 
1 MSE A 36 ? . . . . MSE A 36 ? 1_555 . . . . . . . MET 1 MSE Selenomethionine 'Named protein modification' 
2 MSE A 68 ? . . . . MSE A 68 ? 1_555 . . . . . . . MET 1 MSE Selenomethionine 'Named protein modification' 
# 
_struct_mon_prot_cis.pdbx_id                1 
_struct_mon_prot_cis.label_comp_id          PRO 
_struct_mon_prot_cis.label_seq_id           11 
_struct_mon_prot_cis.label_asym_id          A 
_struct_mon_prot_cis.label_alt_id           . 
_struct_mon_prot_cis.pdbx_PDB_ins_code      ? 
_struct_mon_prot_cis.auth_comp_id           PRO 
_struct_mon_prot_cis.auth_seq_id            11 
_struct_mon_prot_cis.auth_asym_id           A 
_struct_mon_prot_cis.pdbx_label_comp_id_2   PRO 
_struct_mon_prot_cis.pdbx_label_seq_id_2    12 
_struct_mon_prot_cis.pdbx_label_asym_id_2   A 
_struct_mon_prot_cis.pdbx_PDB_ins_code_2    ? 
_struct_mon_prot_cis.pdbx_auth_comp_id_2    PRO 
_struct_mon_prot_cis.pdbx_auth_seq_id_2     12 
_struct_mon_prot_cis.pdbx_auth_asym_id_2    A 
_struct_mon_prot_cis.pdbx_PDB_model_num     1 
_struct_mon_prot_cis.pdbx_omega_angle       -0.12 
# 
_struct_sheet.id               A 
_struct_sheet.type             ? 
_struct_sheet.number_strands   4 
_struct_sheet.details          ? 
# 
loop_
_struct_sheet_order.sheet_id 
_struct_sheet_order.range_id_1 
_struct_sheet_order.range_id_2 
_struct_sheet_order.offset 
_struct_sheet_order.sense 
A 1 2 ? anti-parallel 
A 2 3 ? anti-parallel 
A 3 4 ? anti-parallel 
# 
loop_
_struct_sheet_range.sheet_id 
_struct_sheet_range.id 
_struct_sheet_range.beg_label_comp_id 
_struct_sheet_range.beg_label_asym_id 
_struct_sheet_range.beg_label_seq_id 
_struct_sheet_range.pdbx_beg_PDB_ins_code 
_struct_sheet_range.end_label_comp_id 
_struct_sheet_range.end_label_asym_id 
_struct_sheet_range.end_label_seq_id 
_struct_sheet_range.pdbx_end_PDB_ins_code 
_struct_sheet_range.beg_auth_comp_id 
_struct_sheet_range.beg_auth_asym_id 
_struct_sheet_range.beg_auth_seq_id 
_struct_sheet_range.end_auth_comp_id 
_struct_sheet_range.end_auth_asym_id 
_struct_sheet_range.end_auth_seq_id 
A 1 PHE A 46 ? ARG A 53  ? PHE A 46 ARG A 53  
A 2 ARG A 58 ? TRP A 65  ? ARG A 58 TRP A 65  
A 3 TYR A 13 ? VAL A 21  ? TYR A 13 VAL A 21  
A 4 SER A 94 ? VAL A 102 ? SER A 94 VAL A 102 
# 
loop_
_pdbx_struct_sheet_hbond.sheet_id 
_pdbx_struct_sheet_hbond.range_id_1 
_pdbx_struct_sheet_hbond.range_id_2 
_pdbx_struct_sheet_hbond.range_1_label_atom_id 
_pdbx_struct_sheet_hbond.range_1_label_comp_id 
_pdbx_struct_sheet_hbond.range_1_label_asym_id 
_pdbx_struct_sheet_hbond.range_1_label_seq_id 
_pdbx_struct_sheet_hbond.range_1_PDB_ins_code 
_pdbx_struct_sheet_hbond.range_1_auth_atom_id 
_pdbx_struct_sheet_hbond.range_1_auth_comp_id 
_pdbx_struct_sheet_hbond.range_1_auth_asym_id 
_pdbx_struct_sheet_hbond.range_1_auth_seq_id 
_pdbx_struct_sheet_hbond.range_2_label_atom_id 
_pdbx_struct_sheet_hbond.range_2_label_comp_id 
_pdbx_struct_sheet_hbond.range_2_label_asym_id 
_pdbx_struct_sheet_hbond.range_2_label_seq_id 
_pdbx_struct_sheet_hbond.range_2_PDB_ins_code 
_pdbx_struct_sheet_hbond.range_2_auth_atom_id 
_pdbx_struct_sheet_hbond.range_2_auth_comp_id 
_pdbx_struct_sheet_hbond.range_2_auth_asym_id 
_pdbx_struct_sheet_hbond.range_2_auth_seq_id 
A 1 2 N LEU A 47 ? N LEU A 47 O TYR A 64 ? O TYR A 64 
A 2 3 O TRP A 65 ? O TRP A 65 N TYR A 14 ? N TYR A 14 
A 3 4 N ILE A 17 ? N ILE A 17 O ARG A 98 ? O ARG A 98 
# 
_pdbx_entry_details.entry_id                   2GO8 
_pdbx_entry_details.compound_details           ? 
_pdbx_entry_details.source_details             ? 
_pdbx_entry_details.nonpolymer_details         ? 
_pdbx_entry_details.sequence_details           ? 
_pdbx_entry_details.has_ligand_of_interest     ? 
_pdbx_entry_details.has_protein_modification   Y 
# 
loop_
_pdbx_validate_close_contact.id 
_pdbx_validate_close_contact.PDB_model_num 
_pdbx_validate_close_contact.auth_atom_id_1 
_pdbx_validate_close_contact.auth_asym_id_1 
_pdbx_validate_close_contact.auth_comp_id_1 
_pdbx_validate_close_contact.auth_seq_id_1 
_pdbx_validate_close_contact.PDB_ins_code_1 
_pdbx_validate_close_contact.label_alt_id_1 
_pdbx_validate_close_contact.auth_atom_id_2 
_pdbx_validate_close_contact.auth_asym_id_2 
_pdbx_validate_close_contact.auth_comp_id_2 
_pdbx_validate_close_contact.auth_seq_id_2 
_pdbx_validate_close_contact.PDB_ins_code_2 
_pdbx_validate_close_contact.label_alt_id_2 
_pdbx_validate_close_contact.dist 
1 1 OE2 A GLU 54 ? ? O A HOH 3035 ? ? 2.09 
2 1 O   A PRO 12 ? ? O A HOH 3129 ? ? 2.19 
# 
_pdbx_validate_symm_contact.id                1 
_pdbx_validate_symm_contact.PDB_model_num     1 
_pdbx_validate_symm_contact.auth_atom_id_1    NH1 
_pdbx_validate_symm_contact.auth_asym_id_1    A 
_pdbx_validate_symm_contact.auth_comp_id_1    ARG 
_pdbx_validate_symm_contact.auth_seq_id_1     106 
_pdbx_validate_symm_contact.PDB_ins_code_1    ? 
_pdbx_validate_symm_contact.label_alt_id_1    ? 
_pdbx_validate_symm_contact.site_symmetry_1   1_555 
_pdbx_validate_symm_contact.auth_atom_id_2    OE2 
_pdbx_validate_symm_contact.auth_asym_id_2    A 
_pdbx_validate_symm_contact.auth_comp_id_2    GLU 
_pdbx_validate_symm_contact.auth_seq_id_2     110 
_pdbx_validate_symm_contact.PDB_ins_code_2    ? 
_pdbx_validate_symm_contact.label_alt_id_2    ? 
_pdbx_validate_symm_contact.site_symmetry_2   4_555 
_pdbx_validate_symm_contact.dist              2.11 
# 
loop_
_pdbx_validate_rmsd_angle.id 
_pdbx_validate_rmsd_angle.PDB_model_num 
_pdbx_validate_rmsd_angle.auth_atom_id_1 
_pdbx_validate_rmsd_angle.auth_asym_id_1 
_pdbx_validate_rmsd_angle.auth_comp_id_1 
_pdbx_validate_rmsd_angle.auth_seq_id_1 
_pdbx_validate_rmsd_angle.PDB_ins_code_1 
_pdbx_validate_rmsd_angle.label_alt_id_1 
_pdbx_validate_rmsd_angle.auth_atom_id_2 
_pdbx_validate_rmsd_angle.auth_asym_id_2 
_pdbx_validate_rmsd_angle.auth_comp_id_2 
_pdbx_validate_rmsd_angle.auth_seq_id_2 
_pdbx_validate_rmsd_angle.PDB_ins_code_2 
_pdbx_validate_rmsd_angle.label_alt_id_2 
_pdbx_validate_rmsd_angle.auth_atom_id_3 
_pdbx_validate_rmsd_angle.auth_asym_id_3 
_pdbx_validate_rmsd_angle.auth_comp_id_3 
_pdbx_validate_rmsd_angle.auth_seq_id_3 
_pdbx_validate_rmsd_angle.PDB_ins_code_3 
_pdbx_validate_rmsd_angle.label_alt_id_3 
_pdbx_validate_rmsd_angle.angle_value 
_pdbx_validate_rmsd_angle.angle_target_value 
_pdbx_validate_rmsd_angle.angle_deviation 
_pdbx_validate_rmsd_angle.angle_standard_deviation 
_pdbx_validate_rmsd_angle.linker_flag 
1 1 N  A GLU 31 ? ? CA A GLU 31 ? ? C  A GLU 31 ? ? 91.29  111.00 -19.71 2.70 N 
2 1 C  A GLU 31 ? ? N  A THR 32 ? ? CA A THR 32 ? ? 106.37 121.70 -15.33 2.50 Y 
3 1 CA A LEU 39 ? ? CB A LEU 39 ? ? CG A LEU 39 ? ? 129.91 115.30 14.61  2.30 N 
# 
_pdbx_validate_torsion.id              1 
_pdbx_validate_torsion.PDB_model_num   1 
_pdbx_validate_torsion.auth_comp_id    ASP 
_pdbx_validate_torsion.auth_asym_id    A 
_pdbx_validate_torsion.auth_seq_id     56 
_pdbx_validate_torsion.PDB_ins_code    ? 
_pdbx_validate_torsion.label_alt_id    ? 
_pdbx_validate_torsion.phi             -65.93 
_pdbx_validate_torsion.psi             1.21 
# 
_pdbx_SG_project.id                    1 
_pdbx_SG_project.project_name          'PSI, Protein Structure Initiative' 
_pdbx_SG_project.full_name_of_center   'Northeast Structural Genomics Consortium' 
_pdbx_SG_project.initial_of_center     NESG 
# 
loop_
_pdbx_struct_mod_residue.id 
_pdbx_struct_mod_residue.label_asym_id 
_pdbx_struct_mod_residue.label_comp_id 
_pdbx_struct_mod_residue.label_seq_id 
_pdbx_struct_mod_residue.auth_asym_id 
_pdbx_struct_mod_residue.auth_comp_id 
_pdbx_struct_mod_residue.auth_seq_id 
_pdbx_struct_mod_residue.PDB_ins_code 
_pdbx_struct_mod_residue.parent_comp_id 
_pdbx_struct_mod_residue.details 
1 A MSE 36 A MSE 36 ? MET SELENOMETHIONINE 
2 A MSE 68 A MSE 68 ? MET SELENOMETHIONINE 
# 
loop_
_diffrn_reflns.diffrn_id 
_diffrn_reflns.pdbx_d_res_high 
_diffrn_reflns.pdbx_d_res_low 
_diffrn_reflns.pdbx_number_obs 
_diffrn_reflns.pdbx_Rmerge_I_obs 
_diffrn_reflns.pdbx_Rsym_value 
_diffrn_reflns.pdbx_chi_squared 
_diffrn_reflns.av_sigmaI_over_netI 
_diffrn_reflns.pdbx_redundancy 
_diffrn_reflns.pdbx_percent_possible_obs 
_diffrn_reflns.number 
_diffrn_reflns.pdbx_observed_criterion 
_diffrn_reflns.limit_h_max 
_diffrn_reflns.limit_h_min 
_diffrn_reflns.limit_k_max 
_diffrn_reflns.limit_k_min 
_diffrn_reflns.limit_l_max 
_diffrn_reflns.limit_l_min 
1 2.100 20.000 13100 0.105 ? 1.04 18.50 8.10 96.90 106759 ? ? ? ? ? ? ? 
2 2.100 20.000 12803 0.103 ? 1.02 19.00 8.20 96.90 104618 ? ? ? ? ? ? ? 
3 2.100 20.000 13200 0.109 ? 1.06 17.40 8.10 97.00 106284 ? ? ? ? ? ? ? 
# 
loop_
_pdbx_diffrn_reflns_shell.diffrn_id 
_pdbx_diffrn_reflns_shell.d_res_high 
_pdbx_diffrn_reflns_shell.d_res_low 
_pdbx_diffrn_reflns_shell.number_obs 
_pdbx_diffrn_reflns_shell.rejects 
_pdbx_diffrn_reflns_shell.Rmerge_I_obs 
_pdbx_diffrn_reflns_shell.Rsym_value 
_pdbx_diffrn_reflns_shell.chi_squared 
_pdbx_diffrn_reflns_shell.redundancy 
_pdbx_diffrn_reflns_shell.percent_possible_obs 
1 5.15 20.00 911 ? 0.066 ? 1.028 8.40 99.70  
1 4.10 5.15  896 ? 0.075 ? 0.964 8.70 99.80  
1 3.59 4.10  863 ? 0.086 ? 0.957 6.20 94.50  
1 3.26 3.59  892 ? 0.093 ? 0.895 8.70 100.00 
1 3.03 3.26  916 ? 0.100 ? 1.072 9.00 100.00 
1 2.85 3.03  874 ? 0.110 ? 0.977 8.90 100.00 
1 2.71 2.85  903 ? 0.137 ? 1.100 8.90 100.00 
1 2.59 2.71  921 ? 0.166 ? 0.886 8.80 100.00 
1 2.49 2.59  888 ? 0.187 ? 1.057 8.90 100.00 
1 2.40 2.49  899 ? 0.207 ? 1.093 8.90 100.00 
1 2.33 2.40  909 ? 0.247 ? 1.068 8.80 100.00 
1 2.26 2.33  729 ? 0.308 ? 1.178 5.60 81.00  
1 2.20 2.26  732 ? 0.299 ? 1.287 4.70 79.00  
1 2.15 2.20  864 ? 0.312 ? 1.130 8.40 100.00 
1 2.10 2.15  903 ? 0.353 ? 1.145 8.10 100.00 
2 5.15 20.00 888 ? 0.066 ? 1.037 8.50 99.70  
2 4.10 5.15  881 ? 0.073 ? 0.947 8.70 99.90  
2 3.59 4.10  837 ? 0.085 ? 0.941 6.60 94.90  
2 3.26 3.59  889 ? 0.092 ? 0.858 8.30 99.40  
2 3.03 3.26  871 ? 0.098 ? 1.057 8.90 100.00 
2 2.85 3.03  867 ? 0.106 ? 0.905 8.90 100.00 
2 2.71 2.85  894 ? 0.132 ? 1.067 8.90 100.00 
2 2.59 2.71  874 ? 0.159 ? 0.860 8.80 100.00 
2 2.49 2.59  891 ? 0.175 ? 1.007 9.00 100.00 
2 2.40 2.49  898 ? 0.200 ? 1.082 8.90 100.00 
2 2.33 2.40  865 ? 0.230 ? 1.068 8.80 100.00 
2 2.26 2.33  772 ? 0.323 ? 1.112 7.20 88.40  
2 2.20 2.26  615 ? 0.284 ? 1.175 2.90 70.30  
2 2.15 2.20  894 ? 0.334 ? 1.193 8.10 99.90  
2 2.10 2.15  867 ? 0.318 ? 1.139 8.40 100.00 
3 5.15 20.00 920 ? 0.070 ? 1.171 8.30 99.80  
3 4.10 5.15  901 ? 0.075 ? 0.993 8.70 100.00 
3 3.59 4.10  868 ? 0.089 ? 0.998 6.20 94.30  
3 3.26 3.59  902 ? 0.093 ? 0.872 8.70 100.00 
3 3.03 3.26  899 ? 0.102 ? 1.089 8.80 100.00 
3 2.85 3.03  909 ? 0.111 ? 0.973 8.80 100.00 
3 2.71 2.85  896 ? 0.143 ? 1.134 8.80 100.00 
3 2.59 2.71  927 ? 0.173 ? 0.916 8.70 100.00 
3 2.49 2.59  906 ? 0.195 ? 1.055 8.70 100.00 
3 2.40 2.49  890 ? 0.215 ? 1.102 8.60 100.00 
3 2.33 2.40  908 ? 0.263 ? 1.055 8.60 100.00 
3 2.26 2.33  739 ? 0.337 ? 1.241 5.30 81.20  
3 2.20 2.26  742 ? 0.351 ? 1.221 5.20 79.60  
3 2.15 2.20  862 ? 0.339 ? 1.140 8.30 100.00 
3 2.10 2.15  931 ? 0.396 ? 1.193 7.90 100.00 
# 
_pdbx_phasing_dm.entry_id          2GO8 
_pdbx_phasing_dm.fom_acentric      0.680 
_pdbx_phasing_dm.fom_centric       0.790 
_pdbx_phasing_dm.fom               0.700 
_pdbx_phasing_dm.reflns_acentric   3137 
_pdbx_phasing_dm.reflns_centric    617 
_pdbx_phasing_dm.reflns            3754 
# 
loop_
_pdbx_phasing_dm_shell.d_res_high 
_pdbx_phasing_dm_shell.d_res_low 
_pdbx_phasing_dm_shell.delta_phi_final 
_pdbx_phasing_dm_shell.delta_phi_initial 
_pdbx_phasing_dm_shell.fom_acentric 
_pdbx_phasing_dm_shell.fom_centric 
_pdbx_phasing_dm_shell.fom 
_pdbx_phasing_dm_shell.reflns_acentric 
_pdbx_phasing_dm_shell.reflns_centric 
_pdbx_phasing_dm_shell.reflns 
7.400 19.927 ? ? 1.090 1.890 1.390 111 67  178  
4.600 7.400  ? ? 0.900 0.820 0.880 406 124 530  
3.700 4.600  ? ? 0.860 0.840 0.850 518 112 630  
3.300 3.700  ? ? 0.770 0.860 0.780 532 89  621  
2.800 3.300  ? ? 0.590 0.480 0.580 972 144 1116 
2.600 2.800  ? ? 0.390 0.250 0.370 598 81  679  
# 
_phasing.method   MAD 
# 
_phasing_MAD_clust.id           1 
_phasing_MAD_clust.expt_id      '3 wavelength' 
_phasing_MAD_clust.number_set   ? 
# 
_phasing_MAD_expt.id         '3 wavelength' 
_phasing_MAD_expt.mean_fom   ? 
# 
loop_
_phasing_MAD_set.clust_id 
_phasing_MAD_set.expt_id 
_phasing_MAD_set.set_id 
_phasing_MAD_set.wavelength 
_phasing_MAD_set.pdbx_f_prime_refined 
_phasing_MAD_set.pdbx_f_double_prime_refined 
1 '3 wavelength' 1 0.9791 -8.01 5.09 
1 '3 wavelength' 2 0.9794 -7.20 1.92 
1 '3 wavelength' 3 0.9678 -4.94 3.29 
# 
loop_
_phasing_set.id 
_phasing_set.pdbx_d_res_high 
_phasing_set.pdbx_d_res_low 
1 . . 
2 . . 
3 . . 
# 
loop_
_pdbx_unobs_or_zero_occ_residues.id 
_pdbx_unobs_or_zero_occ_residues.PDB_model_num 
_pdbx_unobs_or_zero_occ_residues.polymer_flag 
_pdbx_unobs_or_zero_occ_residues.occupancy_flag 
_pdbx_unobs_or_zero_occ_residues.auth_asym_id 
_pdbx_unobs_or_zero_occ_residues.auth_comp_id 
_pdbx_unobs_or_zero_occ_residues.auth_seq_id 
_pdbx_unobs_or_zero_occ_residues.PDB_ins_code 
_pdbx_unobs_or_zero_occ_residues.label_asym_id 
_pdbx_unobs_or_zero_occ_residues.label_comp_id 
_pdbx_unobs_or_zero_occ_residues.label_seq_id 
1  1 Y 1 A MSE 1   ? A MSE 1   
2  1 Y 1 A MSE 2   ? A MSE 2   
3  1 Y 1 A GLU 24  ? A GLU 24  
4  1 Y 1 A ASN 25  ? A ASN 25  
5  1 Y 1 A ASP 26  ? A ASP 26  
6  1 Y 1 A THR 27  ? A THR 27  
7  1 Y 1 A GLY 28  ? A GLY 28  
8  1 Y 1 A TYR 29  ? A TYR 29  
9  1 Y 1 A GLU 79  ? A GLU 79  
10 1 Y 1 A HIS 80  ? A HIS 80  
11 1 Y 1 A GLN 81  ? A GLN 81  
12 1 Y 1 A ALA 82  ? A ALA 82  
13 1 Y 1 A ALA 83  ? A ALA 83  
14 1 Y 1 A LYS 84  ? A LYS 84  
15 1 Y 1 A GLU 85  ? A GLU 85  
16 1 Y 1 A LYS 86  ? A LYS 86  
17 1 Y 1 A GLY 87  ? A GLY 87  
18 1 Y 1 A ARG 88  ? A ARG 88  
19 1 Y 1 A SER 89  ? A SER 89  
20 1 Y 1 A VAL 90  ? A VAL 90  
21 1 Y 1 A TRP 91  ? A TRP 91  
22 1 Y 1 A ASN 111 ? A ASN 111 
23 1 Y 1 A THR 112 ? A THR 112 
24 1 Y 1 A ASN 113 ? A ASN 113 
25 1 Y 1 A ASP 114 ? A ASP 114 
26 1 Y 1 A LEU 115 ? A LEU 115 
27 1 Y 1 A GLU 116 ? A GLU 116 
28 1 Y 1 A HIS 117 ? A HIS 117 
29 1 Y 1 A HIS 118 ? A HIS 118 
30 1 Y 1 A HIS 119 ? A HIS 119 
31 1 Y 1 A HIS 120 ? A HIS 120 
32 1 Y 1 A HIS 121 ? A HIS 121 
33 1 Y 1 A HIS 122 ? A HIS 122 
# 
loop_
_chem_comp_atom.comp_id 
_chem_comp_atom.atom_id 
_chem_comp_atom.type_symbol 
_chem_comp_atom.pdbx_aromatic_flag 
_chem_comp_atom.pdbx_stereo_config 
_chem_comp_atom.pdbx_ordinal 
ALA N    N  N N 1   
ALA CA   C  N S 2   
ALA C    C  N N 3   
ALA O    O  N N 4   
ALA CB   C  N N 5   
ALA OXT  O  N N 6   
ALA H    H  N N 7   
ALA H2   H  N N 8   
ALA HA   H  N N 9   
ALA HB1  H  N N 10  
ALA HB2  H  N N 11  
ALA HB3  H  N N 12  
ALA HXT  H  N N 13  
ARG N    N  N N 14  
ARG CA   C  N S 15  
ARG C    C  N N 16  
ARG O    O  N N 17  
ARG CB   C  N N 18  
ARG CG   C  N N 19  
ARG CD   C  N N 20  
ARG NE   N  N N 21  
ARG CZ   C  N N 22  
ARG NH1  N  N N 23  
ARG NH2  N  N N 24  
ARG OXT  O  N N 25  
ARG H    H  N N 26  
ARG H2   H  N N 27  
ARG HA   H  N N 28  
ARG HB2  H  N N 29  
ARG HB3  H  N N 30  
ARG HG2  H  N N 31  
ARG HG3  H  N N 32  
ARG HD2  H  N N 33  
ARG HD3  H  N N 34  
ARG HE   H  N N 35  
ARG HH11 H  N N 36  
ARG HH12 H  N N 37  
ARG HH21 H  N N 38  
ARG HH22 H  N N 39  
ARG HXT  H  N N 40  
ASN N    N  N N 41  
ASN CA   C  N S 42  
ASN C    C  N N 43  
ASN O    O  N N 44  
ASN CB   C  N N 45  
ASN CG   C  N N 46  
ASN OD1  O  N N 47  
ASN ND2  N  N N 48  
ASN OXT  O  N N 49  
ASN H    H  N N 50  
ASN H2   H  N N 51  
ASN HA   H  N N 52  
ASN HB2  H  N N 53  
ASN HB3  H  N N 54  
ASN HD21 H  N N 55  
ASN HD22 H  N N 56  
ASN HXT  H  N N 57  
ASP N    N  N N 58  
ASP CA   C  N S 59  
ASP C    C  N N 60  
ASP O    O  N N 61  
ASP CB   C  N N 62  
ASP CG   C  N N 63  
ASP OD1  O  N N 64  
ASP OD2  O  N N 65  
ASP OXT  O  N N 66  
ASP H    H  N N 67  
ASP H2   H  N N 68  
ASP HA   H  N N 69  
ASP HB2  H  N N 70  
ASP HB3  H  N N 71  
ASP HD2  H  N N 72  
ASP HXT  H  N N 73  
GLN N    N  N N 74  
GLN CA   C  N S 75  
GLN C    C  N N 76  
GLN O    O  N N 77  
GLN CB   C  N N 78  
GLN CG   C  N N 79  
GLN CD   C  N N 80  
GLN OE1  O  N N 81  
GLN NE2  N  N N 82  
GLN OXT  O  N N 83  
GLN H    H  N N 84  
GLN H2   H  N N 85  
GLN HA   H  N N 86  
GLN HB2  H  N N 87  
GLN HB3  H  N N 88  
GLN HG2  H  N N 89  
GLN HG3  H  N N 90  
GLN HE21 H  N N 91  
GLN HE22 H  N N 92  
GLN HXT  H  N N 93  
GLU N    N  N N 94  
GLU CA   C  N S 95  
GLU C    C  N N 96  
GLU O    O  N N 97  
GLU CB   C  N N 98  
GLU CG   C  N N 99  
GLU CD   C  N N 100 
GLU OE1  O  N N 101 
GLU OE2  O  N N 102 
GLU OXT  O  N N 103 
GLU H    H  N N 104 
GLU H2   H  N N 105 
GLU HA   H  N N 106 
GLU HB2  H  N N 107 
GLU HB3  H  N N 108 
GLU HG2  H  N N 109 
GLU HG3  H  N N 110 
GLU HE2  H  N N 111 
GLU HXT  H  N N 112 
GLY N    N  N N 113 
GLY CA   C  N N 114 
GLY C    C  N N 115 
GLY O    O  N N 116 
GLY OXT  O  N N 117 
GLY H    H  N N 118 
GLY H2   H  N N 119 
GLY HA2  H  N N 120 
GLY HA3  H  N N 121 
GLY HXT  H  N N 122 
HIS N    N  N N 123 
HIS CA   C  N S 124 
HIS C    C  N N 125 
HIS O    O  N N 126 
HIS CB   C  N N 127 
HIS CG   C  Y N 128 
HIS ND1  N  Y N 129 
HIS CD2  C  Y N 130 
HIS CE1  C  Y N 131 
HIS NE2  N  Y N 132 
HIS OXT  O  N N 133 
HIS H    H  N N 134 
HIS H2   H  N N 135 
HIS HA   H  N N 136 
HIS HB2  H  N N 137 
HIS HB3  H  N N 138 
HIS HD1  H  N N 139 
HIS HD2  H  N N 140 
HIS HE1  H  N N 141 
HIS HE2  H  N N 142 
HIS HXT  H  N N 143 
HOH O    O  N N 144 
HOH H1   H  N N 145 
HOH H2   H  N N 146 
ILE N    N  N N 147 
ILE CA   C  N S 148 
ILE C    C  N N 149 
ILE O    O  N N 150 
ILE CB   C  N S 151 
ILE CG1  C  N N 152 
ILE CG2  C  N N 153 
ILE CD1  C  N N 154 
ILE OXT  O  N N 155 
ILE H    H  N N 156 
ILE H2   H  N N 157 
ILE HA   H  N N 158 
ILE HB   H  N N 159 
ILE HG12 H  N N 160 
ILE HG13 H  N N 161 
ILE HG21 H  N N 162 
ILE HG22 H  N N 163 
ILE HG23 H  N N 164 
ILE HD11 H  N N 165 
ILE HD12 H  N N 166 
ILE HD13 H  N N 167 
ILE HXT  H  N N 168 
LEU N    N  N N 169 
LEU CA   C  N S 170 
LEU C    C  N N 171 
LEU O    O  N N 172 
LEU CB   C  N N 173 
LEU CG   C  N N 174 
LEU CD1  C  N N 175 
LEU CD2  C  N N 176 
LEU OXT  O  N N 177 
LEU H    H  N N 178 
LEU H2   H  N N 179 
LEU HA   H  N N 180 
LEU HB2  H  N N 181 
LEU HB3  H  N N 182 
LEU HG   H  N N 183 
LEU HD11 H  N N 184 
LEU HD12 H  N N 185 
LEU HD13 H  N N 186 
LEU HD21 H  N N 187 
LEU HD22 H  N N 188 
LEU HD23 H  N N 189 
LEU HXT  H  N N 190 
LYS N    N  N N 191 
LYS CA   C  N S 192 
LYS C    C  N N 193 
LYS O    O  N N 194 
LYS CB   C  N N 195 
LYS CG   C  N N 196 
LYS CD   C  N N 197 
LYS CE   C  N N 198 
LYS NZ   N  N N 199 
LYS OXT  O  N N 200 
LYS H    H  N N 201 
LYS H2   H  N N 202 
LYS HA   H  N N 203 
LYS HB2  H  N N 204 
LYS HB3  H  N N 205 
LYS HG2  H  N N 206 
LYS HG3  H  N N 207 
LYS HD2  H  N N 208 
LYS HD3  H  N N 209 
LYS HE2  H  N N 210 
LYS HE3  H  N N 211 
LYS HZ1  H  N N 212 
LYS HZ2  H  N N 213 
LYS HZ3  H  N N 214 
LYS HXT  H  N N 215 
MET N    N  N N 216 
MET CA   C  N S 217 
MET C    C  N N 218 
MET O    O  N N 219 
MET CB   C  N N 220 
MET CG   C  N N 221 
MET SD   S  N N 222 
MET CE   C  N N 223 
MET OXT  O  N N 224 
MET H    H  N N 225 
MET H2   H  N N 226 
MET HA   H  N N 227 
MET HB2  H  N N 228 
MET HB3  H  N N 229 
MET HG2  H  N N 230 
MET HG3  H  N N 231 
MET HE1  H  N N 232 
MET HE2  H  N N 233 
MET HE3  H  N N 234 
MET HXT  H  N N 235 
MSE N    N  N N 236 
MSE CA   C  N S 237 
MSE C    C  N N 238 
MSE O    O  N N 239 
MSE OXT  O  N N 240 
MSE CB   C  N N 241 
MSE CG   C  N N 242 
MSE SE   SE N N 243 
MSE CE   C  N N 244 
MSE H    H  N N 245 
MSE H2   H  N N 246 
MSE HA   H  N N 247 
MSE HXT  H  N N 248 
MSE HB2  H  N N 249 
MSE HB3  H  N N 250 
MSE HG2  H  N N 251 
MSE HG3  H  N N 252 
MSE HE1  H  N N 253 
MSE HE2  H  N N 254 
MSE HE3  H  N N 255 
PHE N    N  N N 256 
PHE CA   C  N S 257 
PHE C    C  N N 258 
PHE O    O  N N 259 
PHE CB   C  N N 260 
PHE CG   C  Y N 261 
PHE CD1  C  Y N 262 
PHE CD2  C  Y N 263 
PHE CE1  C  Y N 264 
PHE CE2  C  Y N 265 
PHE CZ   C  Y N 266 
PHE OXT  O  N N 267 
PHE H    H  N N 268 
PHE H2   H  N N 269 
PHE HA   H  N N 270 
PHE HB2  H  N N 271 
PHE HB3  H  N N 272 
PHE HD1  H  N N 273 
PHE HD2  H  N N 274 
PHE HE1  H  N N 275 
PHE HE2  H  N N 276 
PHE HZ   H  N N 277 
PHE HXT  H  N N 278 
PRO N    N  N N 279 
PRO CA   C  N S 280 
PRO C    C  N N 281 
PRO O    O  N N 282 
PRO CB   C  N N 283 
PRO CG   C  N N 284 
PRO CD   C  N N 285 
PRO OXT  O  N N 286 
PRO H    H  N N 287 
PRO HA   H  N N 288 
PRO HB2  H  N N 289 
PRO HB3  H  N N 290 
PRO HG2  H  N N 291 
PRO HG3  H  N N 292 
PRO HD2  H  N N 293 
PRO HD3  H  N N 294 
PRO HXT  H  N N 295 
SER N    N  N N 296 
SER CA   C  N S 297 
SER C    C  N N 298 
SER O    O  N N 299 
SER CB   C  N N 300 
SER OG   O  N N 301 
SER OXT  O  N N 302 
SER H    H  N N 303 
SER H2   H  N N 304 
SER HA   H  N N 305 
SER HB2  H  N N 306 
SER HB3  H  N N 307 
SER HG   H  N N 308 
SER HXT  H  N N 309 
THR N    N  N N 310 
THR CA   C  N S 311 
THR C    C  N N 312 
THR O    O  N N 313 
THR CB   C  N R 314 
THR OG1  O  N N 315 
THR CG2  C  N N 316 
THR OXT  O  N N 317 
THR H    H  N N 318 
THR H2   H  N N 319 
THR HA   H  N N 320 
THR HB   H  N N 321 
THR HG1  H  N N 322 
THR HG21 H  N N 323 
THR HG22 H  N N 324 
THR HG23 H  N N 325 
THR HXT  H  N N 326 
TRP N    N  N N 327 
TRP CA   C  N S 328 
TRP C    C  N N 329 
TRP O    O  N N 330 
TRP CB   C  N N 331 
TRP CG   C  Y N 332 
TRP CD1  C  Y N 333 
TRP CD2  C  Y N 334 
TRP NE1  N  Y N 335 
TRP CE2  C  Y N 336 
TRP CE3  C  Y N 337 
TRP CZ2  C  Y N 338 
TRP CZ3  C  Y N 339 
TRP CH2  C  Y N 340 
TRP OXT  O  N N 341 
TRP H    H  N N 342 
TRP H2   H  N N 343 
TRP HA   H  N N 344 
TRP HB2  H  N N 345 
TRP HB3  H  N N 346 
TRP HD1  H  N N 347 
TRP HE1  H  N N 348 
TRP HE3  H  N N 349 
TRP HZ2  H  N N 350 
TRP HZ3  H  N N 351 
TRP HH2  H  N N 352 
TRP HXT  H  N N 353 
TYR N    N  N N 354 
TYR CA   C  N S 355 
TYR C    C  N N 356 
TYR O    O  N N 357 
TYR CB   C  N N 358 
TYR CG   C  Y N 359 
TYR CD1  C  Y N 360 
TYR CD2  C  Y N 361 
TYR CE1  C  Y N 362 
TYR CE2  C  Y N 363 
TYR CZ   C  Y N 364 
TYR OH   O  N N 365 
TYR OXT  O  N N 366 
TYR H    H  N N 367 
TYR H2   H  N N 368 
TYR HA   H  N N 369 
TYR HB2  H  N N 370 
TYR HB3  H  N N 371 
TYR HD1  H  N N 372 
TYR HD2  H  N N 373 
TYR HE1  H  N N 374 
TYR HE2  H  N N 375 
TYR HH   H  N N 376 
TYR HXT  H  N N 377 
VAL N    N  N N 378 
VAL CA   C  N S 379 
VAL C    C  N N 380 
VAL O    O  N N 381 
VAL CB   C  N N 382 
VAL CG1  C  N N 383 
VAL CG2  C  N N 384 
VAL OXT  O  N N 385 
VAL H    H  N N 386 
VAL H2   H  N N 387 
VAL HA   H  N N 388 
VAL HB   H  N N 389 
VAL HG11 H  N N 390 
VAL HG12 H  N N 391 
VAL HG13 H  N N 392 
VAL HG21 H  N N 393 
VAL HG22 H  N N 394 
VAL HG23 H  N N 395 
VAL HXT  H  N N 396 
# 
loop_
_chem_comp_bond.comp_id 
_chem_comp_bond.atom_id_1 
_chem_comp_bond.atom_id_2 
_chem_comp_bond.value_order 
_chem_comp_bond.pdbx_aromatic_flag 
_chem_comp_bond.pdbx_stereo_config 
_chem_comp_bond.pdbx_ordinal 
ALA N   CA   sing N N 1   
ALA N   H    sing N N 2   
ALA N   H2   sing N N 3   
ALA CA  C    sing N N 4   
ALA CA  CB   sing N N 5   
ALA CA  HA   sing N N 6   
ALA C   O    doub N N 7   
ALA C   OXT  sing N N 8   
ALA CB  HB1  sing N N 9   
ALA CB  HB2  sing N N 10  
ALA CB  HB3  sing N N 11  
ALA OXT HXT  sing N N 12  
ARG N   CA   sing N N 13  
ARG N   H    sing N N 14  
ARG N   H2   sing N N 15  
ARG CA  C    sing N N 16  
ARG CA  CB   sing N N 17  
ARG CA  HA   sing N N 18  
ARG C   O    doub N N 19  
ARG C   OXT  sing N N 20  
ARG CB  CG   sing N N 21  
ARG CB  HB2  sing N N 22  
ARG CB  HB3  sing N N 23  
ARG CG  CD   sing N N 24  
ARG CG  HG2  sing N N 25  
ARG CG  HG3  sing N N 26  
ARG CD  NE   sing N N 27  
ARG CD  HD2  sing N N 28  
ARG CD  HD3  sing N N 29  
ARG NE  CZ   sing N N 30  
ARG NE  HE   sing N N 31  
ARG CZ  NH1  sing N N 32  
ARG CZ  NH2  doub N N 33  
ARG NH1 HH11 sing N N 34  
ARG NH1 HH12 sing N N 35  
ARG NH2 HH21 sing N N 36  
ARG NH2 HH22 sing N N 37  
ARG OXT HXT  sing N N 38  
ASN N   CA   sing N N 39  
ASN N   H    sing N N 40  
ASN N   H2   sing N N 41  
ASN CA  C    sing N N 42  
ASN CA  CB   sing N N 43  
ASN CA  HA   sing N N 44  
ASN C   O    doub N N 45  
ASN C   OXT  sing N N 46  
ASN CB  CG   sing N N 47  
ASN CB  HB2  sing N N 48  
ASN CB  HB3  sing N N 49  
ASN CG  OD1  doub N N 50  
ASN CG  ND2  sing N N 51  
ASN ND2 HD21 sing N N 52  
ASN ND2 HD22 sing N N 53  
ASN OXT HXT  sing N N 54  
ASP N   CA   sing N N 55  
ASP N   H    sing N N 56  
ASP N   H2   sing N N 57  
ASP CA  C    sing N N 58  
ASP CA  CB   sing N N 59  
ASP CA  HA   sing N N 60  
ASP C   O    doub N N 61  
ASP C   OXT  sing N N 62  
ASP CB  CG   sing N N 63  
ASP CB  HB2  sing N N 64  
ASP CB  HB3  sing N N 65  
ASP CG  OD1  doub N N 66  
ASP CG  OD2  sing N N 67  
ASP OD2 HD2  sing N N 68  
ASP OXT HXT  sing N N 69  
GLN N   CA   sing N N 70  
GLN N   H    sing N N 71  
GLN N   H2   sing N N 72  
GLN CA  C    sing N N 73  
GLN CA  CB   sing N N 74  
GLN CA  HA   sing N N 75  
GLN C   O    doub N N 76  
GLN C   OXT  sing N N 77  
GLN CB  CG   sing N N 78  
GLN CB  HB2  sing N N 79  
GLN CB  HB3  sing N N 80  
GLN CG  CD   sing N N 81  
GLN CG  HG2  sing N N 82  
GLN CG  HG3  sing N N 83  
GLN CD  OE1  doub N N 84  
GLN CD  NE2  sing N N 85  
GLN NE2 HE21 sing N N 86  
GLN NE2 HE22 sing N N 87  
GLN OXT HXT  sing N N 88  
GLU N   CA   sing N N 89  
GLU N   H    sing N N 90  
GLU N   H2   sing N N 91  
GLU CA  C    sing N N 92  
GLU CA  CB   sing N N 93  
GLU CA  HA   sing N N 94  
GLU C   O    doub N N 95  
GLU C   OXT  sing N N 96  
GLU CB  CG   sing N N 97  
GLU CB  HB2  sing N N 98  
GLU CB  HB3  sing N N 99  
GLU CG  CD   sing N N 100 
GLU CG  HG2  sing N N 101 
GLU CG  HG3  sing N N 102 
GLU CD  OE1  doub N N 103 
GLU CD  OE2  sing N N 104 
GLU OE2 HE2  sing N N 105 
GLU OXT HXT  sing N N 106 
GLY N   CA   sing N N 107 
GLY N   H    sing N N 108 
GLY N   H2   sing N N 109 
GLY CA  C    sing N N 110 
GLY CA  HA2  sing N N 111 
GLY CA  HA3  sing N N 112 
GLY C   O    doub N N 113 
GLY C   OXT  sing N N 114 
GLY OXT HXT  sing N N 115 
HIS N   CA   sing N N 116 
HIS N   H    sing N N 117 
HIS N   H2   sing N N 118 
HIS CA  C    sing N N 119 
HIS CA  CB   sing N N 120 
HIS CA  HA   sing N N 121 
HIS C   O    doub N N 122 
HIS C   OXT  sing N N 123 
HIS CB  CG   sing N N 124 
HIS CB  HB2  sing N N 125 
HIS CB  HB3  sing N N 126 
HIS CG  ND1  sing Y N 127 
HIS CG  CD2  doub Y N 128 
HIS ND1 CE1  doub Y N 129 
HIS ND1 HD1  sing N N 130 
HIS CD2 NE2  sing Y N 131 
HIS CD2 HD2  sing N N 132 
HIS CE1 NE2  sing Y N 133 
HIS CE1 HE1  sing N N 134 
HIS NE2 HE2  sing N N 135 
HIS OXT HXT  sing N N 136 
HOH O   H1   sing N N 137 
HOH O   H2   sing N N 138 
ILE N   CA   sing N N 139 
ILE N   H    sing N N 140 
ILE N   H2   sing N N 141 
ILE CA  C    sing N N 142 
ILE CA  CB   sing N N 143 
ILE CA  HA   sing N N 144 
ILE C   O    doub N N 145 
ILE C   OXT  sing N N 146 
ILE CB  CG1  sing N N 147 
ILE CB  CG2  sing N N 148 
ILE CB  HB   sing N N 149 
ILE CG1 CD1  sing N N 150 
ILE CG1 HG12 sing N N 151 
ILE CG1 HG13 sing N N 152 
ILE CG2 HG21 sing N N 153 
ILE CG2 HG22 sing N N 154 
ILE CG2 HG23 sing N N 155 
ILE CD1 HD11 sing N N 156 
ILE CD1 HD12 sing N N 157 
ILE CD1 HD13 sing N N 158 
ILE OXT HXT  sing N N 159 
LEU N   CA   sing N N 160 
LEU N   H    sing N N 161 
LEU N   H2   sing N N 162 
LEU CA  C    sing N N 163 
LEU CA  CB   sing N N 164 
LEU CA  HA   sing N N 165 
LEU C   O    doub N N 166 
LEU C   OXT  sing N N 167 
LEU CB  CG   sing N N 168 
LEU CB  HB2  sing N N 169 
LEU CB  HB3  sing N N 170 
LEU CG  CD1  sing N N 171 
LEU CG  CD2  sing N N 172 
LEU CG  HG   sing N N 173 
LEU CD1 HD11 sing N N 174 
LEU CD1 HD12 sing N N 175 
LEU CD1 HD13 sing N N 176 
LEU CD2 HD21 sing N N 177 
LEU CD2 HD22 sing N N 178 
LEU CD2 HD23 sing N N 179 
LEU OXT HXT  sing N N 180 
LYS N   CA   sing N N 181 
LYS N   H    sing N N 182 
LYS N   H2   sing N N 183 
LYS CA  C    sing N N 184 
LYS CA  CB   sing N N 185 
LYS CA  HA   sing N N 186 
LYS C   O    doub N N 187 
LYS C   OXT  sing N N 188 
LYS CB  CG   sing N N 189 
LYS CB  HB2  sing N N 190 
LYS CB  HB3  sing N N 191 
LYS CG  CD   sing N N 192 
LYS CG  HG2  sing N N 193 
LYS CG  HG3  sing N N 194 
LYS CD  CE   sing N N 195 
LYS CD  HD2  sing N N 196 
LYS CD  HD3  sing N N 197 
LYS CE  NZ   sing N N 198 
LYS CE  HE2  sing N N 199 
LYS CE  HE3  sing N N 200 
LYS NZ  HZ1  sing N N 201 
LYS NZ  HZ2  sing N N 202 
LYS NZ  HZ3  sing N N 203 
LYS OXT HXT  sing N N 204 
MET N   CA   sing N N 205 
MET N   H    sing N N 206 
MET N   H2   sing N N 207 
MET CA  C    sing N N 208 
MET CA  CB   sing N N 209 
MET CA  HA   sing N N 210 
MET C   O    doub N N 211 
MET C   OXT  sing N N 212 
MET CB  CG   sing N N 213 
MET CB  HB2  sing N N 214 
MET CB  HB3  sing N N 215 
MET CG  SD   sing N N 216 
MET CG  HG2  sing N N 217 
MET CG  HG3  sing N N 218 
MET SD  CE   sing N N 219 
MET CE  HE1  sing N N 220 
MET CE  HE2  sing N N 221 
MET CE  HE3  sing N N 222 
MET OXT HXT  sing N N 223 
MSE N   CA   sing N N 224 
MSE N   H    sing N N 225 
MSE N   H2   sing N N 226 
MSE CA  C    sing N N 227 
MSE CA  CB   sing N N 228 
MSE CA  HA   sing N N 229 
MSE C   O    doub N N 230 
MSE C   OXT  sing N N 231 
MSE OXT HXT  sing N N 232 
MSE CB  CG   sing N N 233 
MSE CB  HB2  sing N N 234 
MSE CB  HB3  sing N N 235 
MSE CG  SE   sing N N 236 
MSE CG  HG2  sing N N 237 
MSE CG  HG3  sing N N 238 
MSE SE  CE   sing N N 239 
MSE CE  HE1  sing N N 240 
MSE CE  HE2  sing N N 241 
MSE CE  HE3  sing N N 242 
PHE N   CA   sing N N 243 
PHE N   H    sing N N 244 
PHE N   H2   sing N N 245 
PHE CA  C    sing N N 246 
PHE CA  CB   sing N N 247 
PHE CA  HA   sing N N 248 
PHE C   O    doub N N 249 
PHE C   OXT  sing N N 250 
PHE CB  CG   sing N N 251 
PHE CB  HB2  sing N N 252 
PHE CB  HB3  sing N N 253 
PHE CG  CD1  doub Y N 254 
PHE CG  CD2  sing Y N 255 
PHE CD1 CE1  sing Y N 256 
PHE CD1 HD1  sing N N 257 
PHE CD2 CE2  doub Y N 258 
PHE CD2 HD2  sing N N 259 
PHE CE1 CZ   doub Y N 260 
PHE CE1 HE1  sing N N 261 
PHE CE2 CZ   sing Y N 262 
PHE CE2 HE2  sing N N 263 
PHE CZ  HZ   sing N N 264 
PHE OXT HXT  sing N N 265 
PRO N   CA   sing N N 266 
PRO N   CD   sing N N 267 
PRO N   H    sing N N 268 
PRO CA  C    sing N N 269 
PRO CA  CB   sing N N 270 
PRO CA  HA   sing N N 271 
PRO C   O    doub N N 272 
PRO C   OXT  sing N N 273 
PRO CB  CG   sing N N 274 
PRO CB  HB2  sing N N 275 
PRO CB  HB3  sing N N 276 
PRO CG  CD   sing N N 277 
PRO CG  HG2  sing N N 278 
PRO CG  HG3  sing N N 279 
PRO CD  HD2  sing N N 280 
PRO CD  HD3  sing N N 281 
PRO OXT HXT  sing N N 282 
SER N   CA   sing N N 283 
SER N   H    sing N N 284 
SER N   H2   sing N N 285 
SER CA  C    sing N N 286 
SER CA  CB   sing N N 287 
SER CA  HA   sing N N 288 
SER C   O    doub N N 289 
SER C   OXT  sing N N 290 
SER CB  OG   sing N N 291 
SER CB  HB2  sing N N 292 
SER CB  HB3  sing N N 293 
SER OG  HG   sing N N 294 
SER OXT HXT  sing N N 295 
THR N   CA   sing N N 296 
THR N   H    sing N N 297 
THR N   H2   sing N N 298 
THR CA  C    sing N N 299 
THR CA  CB   sing N N 300 
THR CA  HA   sing N N 301 
THR C   O    doub N N 302 
THR C   OXT  sing N N 303 
THR CB  OG1  sing N N 304 
THR CB  CG2  sing N N 305 
THR CB  HB   sing N N 306 
THR OG1 HG1  sing N N 307 
THR CG2 HG21 sing N N 308 
THR CG2 HG22 sing N N 309 
THR CG2 HG23 sing N N 310 
THR OXT HXT  sing N N 311 
TRP N   CA   sing N N 312 
TRP N   H    sing N N 313 
TRP N   H2   sing N N 314 
TRP CA  C    sing N N 315 
TRP CA  CB   sing N N 316 
TRP CA  HA   sing N N 317 
TRP C   O    doub N N 318 
TRP C   OXT  sing N N 319 
TRP CB  CG   sing N N 320 
TRP CB  HB2  sing N N 321 
TRP CB  HB3  sing N N 322 
TRP CG  CD1  doub Y N 323 
TRP CG  CD2  sing Y N 324 
TRP CD1 NE1  sing Y N 325 
TRP CD1 HD1  sing N N 326 
TRP CD2 CE2  doub Y N 327 
TRP CD2 CE3  sing Y N 328 
TRP NE1 CE2  sing Y N 329 
TRP NE1 HE1  sing N N 330 
TRP CE2 CZ2  sing Y N 331 
TRP CE3 CZ3  doub Y N 332 
TRP CE3 HE3  sing N N 333 
TRP CZ2 CH2  doub Y N 334 
TRP CZ2 HZ2  sing N N 335 
TRP CZ3 CH2  sing Y N 336 
TRP CZ3 HZ3  sing N N 337 
TRP CH2 HH2  sing N N 338 
TRP OXT HXT  sing N N 339 
TYR N   CA   sing N N 340 
TYR N   H    sing N N 341 
TYR N   H2   sing N N 342 
TYR CA  C    sing N N 343 
TYR CA  CB   sing N N 344 
TYR CA  HA   sing N N 345 
TYR C   O    doub N N 346 
TYR C   OXT  sing N N 347 
TYR CB  CG   sing N N 348 
TYR CB  HB2  sing N N 349 
TYR CB  HB3  sing N N 350 
TYR CG  CD1  doub Y N 351 
TYR CG  CD2  sing Y N 352 
TYR CD1 CE1  sing Y N 353 
TYR CD1 HD1  sing N N 354 
TYR CD2 CE2  doub Y N 355 
TYR CD2 HD2  sing N N 356 
TYR CE1 CZ   doub Y N 357 
TYR CE1 HE1  sing N N 358 
TYR CE2 CZ   sing Y N 359 
TYR CE2 HE2  sing N N 360 
TYR CZ  OH   sing N N 361 
TYR OH  HH   sing N N 362 
TYR OXT HXT  sing N N 363 
VAL N   CA   sing N N 364 
VAL N   H    sing N N 365 
VAL N   H2   sing N N 366 
VAL CA  C    sing N N 367 
VAL CA  CB   sing N N 368 
VAL CA  HA   sing N N 369 
VAL C   O    doub N N 370 
VAL C   OXT  sing N N 371 
VAL CB  CG1  sing N N 372 
VAL CB  CG2  sing N N 373 
VAL CB  HB   sing N N 374 
VAL CG1 HG11 sing N N 375 
VAL CG1 HG12 sing N N 376 
VAL CG1 HG13 sing N N 377 
VAL CG2 HG21 sing N N 378 
VAL CG2 HG22 sing N N 379 
VAL CG2 HG23 sing N N 380 
VAL OXT HXT  sing N N 381 
# 
_atom_sites.entry_id                    2GO8 
_atom_sites.fract_transf_matrix[1][1]   -0.01542793 
_atom_sites.fract_transf_matrix[1][2]   -0.00646623 
_atom_sites.fract_transf_matrix[1][3]   -0.00866892 
_atom_sites.fract_transf_matrix[2][1]   -0.00101797 
_atom_sites.fract_transf_matrix[2][2]   0.01423039 
_atom_sites.fract_transf_matrix[2][3]   -0.00880293 
_atom_sites.fract_transf_matrix[3][1]   0.00777642 
_atom_sites.fract_transf_matrix[3][2]   -0.00547747 
_atom_sites.fract_transf_matrix[3][3]   -0.00975387 
_atom_sites.fract_transf_vector[1]      0.353323 
_atom_sites.fract_transf_vector[2]      -0.004696 
_atom_sites.fract_transf_vector[3]      0.245497 
# 
loop_
_atom_type.symbol 
C  
N  
O  
SE 
# 
loop_
_atom_site.group_PDB 
_atom_site.id 
_atom_site.type_symbol 
_atom_site.label_atom_id 
_atom_site.label_alt_id 
_atom_site.label_comp_id 
_atom_site.label_asym_id 
_atom_site.label_entity_id 
_atom_site.label_seq_id 
_atom_site.pdbx_PDB_ins_code 
_atom_site.Cartn_x 
_atom_site.Cartn_y 
_atom_site.Cartn_z 
_atom_site.occupancy 
_atom_site.B_iso_or_equiv 
_atom_site.pdbx_formal_charge 
_atom_site.auth_seq_id 
_atom_site.auth_comp_id 
_atom_site.auth_asym_id 
_atom_site.auth_atom_id 
_atom_site.pdbx_PDB_model_num 
ATOM   1   N  N   . ASP A 1 3   ? -7.758  -0.528  13.570  1.00 43.47 ? 3    ASP A N   1 
ATOM   2   C  CA  . ASP A 1 3   ? -6.521  -1.296  13.260  1.00 42.81 ? 3    ASP A CA  1 
ATOM   3   C  C   . ASP A 1 3   ? -6.259  -1.753  11.809  1.00 40.49 ? 3    ASP A C   1 
ATOM   4   O  O   . ASP A 1 3   ? -5.189  -1.447  11.289  1.00 41.65 ? 3    ASP A O   1 
ATOM   5   C  CB  . ASP A 1 3   ? -6.410  -2.492  14.201  1.00 45.39 ? 3    ASP A CB  1 
ATOM   6   C  CG  . ASP A 1 3   ? -5.069  -3.191  14.076  1.00 50.60 ? 3    ASP A CG  1 
ATOM   7   O  OD1 . ASP A 1 3   ? -4.026  -2.502  14.149  1.00 52.93 ? 3    ASP A OD1 1 
ATOM   8   O  OD2 . ASP A 1 3   ? -5.044  -4.424  13.881  1.00 52.14 ? 3    ASP A OD2 1 
ATOM   9   N  N   . PHE A 1 4   ? -7.174  -2.471  11.149  1.00 38.66 ? 4    PHE A N   1 
ATOM   10  C  CA  . PHE A 1 4   ? -6.875  -2.890  9.770   1.00 35.26 ? 4    PHE A CA  1 
ATOM   11  C  C   . PHE A 1 4   ? -7.068  -1.808  8.717   1.00 33.09 ? 4    PHE A C   1 
ATOM   12  O  O   . PHE A 1 4   ? -6.139  -1.518  7.963   1.00 31.58 ? 4    PHE A O   1 
ATOM   13  C  CB  . PHE A 1 4   ? -7.684  -4.124  9.337   1.00 34.54 ? 4    PHE A CB  1 
ATOM   14  C  CG  . PHE A 1 4   ? -7.373  -4.594  7.913   1.00 32.57 ? 4    PHE A CG  1 
ATOM   15  C  CD1 . PHE A 1 4   ? -8.390  -4.764  6.968   1.00 29.26 ? 4    PHE A CD1 1 
ATOM   16  C  CD2 . PHE A 1 4   ? -6.061  -4.829  7.510   1.00 31.08 ? 4    PHE A CD2 1 
ATOM   17  C  CE1 . PHE A 1 4   ? -8.096  -5.159  5.645   1.00 30.40 ? 4    PHE A CE1 1 
ATOM   18  C  CE2 . PHE A 1 4   ? -5.769  -5.220  6.194   1.00 30.96 ? 4    PHE A CE2 1 
ATOM   19  C  CZ  . PHE A 1 4   ? -6.785  -5.380  5.266   1.00 29.29 ? 4    PHE A CZ  1 
ATOM   20  N  N   . LEU A 1 5   ? -8.266  -1.240  8.635   1.00 30.70 ? 5    LEU A N   1 
ATOM   21  C  CA  . LEU A 1 5   ? -8.532  -0.209  7.648   1.00 31.37 ? 5    LEU A CA  1 
ATOM   22  C  C   . LEU A 1 5   ? -7.668  1.027   7.847   1.00 32.54 ? 5    LEU A C   1 
ATOM   23  O  O   . LEU A 1 5   ? -7.455  1.479   8.964   1.00 32.55 ? 5    LEU A O   1 
ATOM   24  C  CB  . LEU A 1 5   ? -9.996  0.203   7.704   1.00 30.52 ? 5    LEU A CB  1 
ATOM   25  C  CG  . LEU A 1 5   ? -10.995 -0.898  7.395   1.00 29.50 ? 5    LEU A CG  1 
ATOM   26  C  CD1 . LEU A 1 5   ? -12.373 -0.384  7.574   1.00 29.42 ? 5    LEU A CD1 1 
ATOM   27  C  CD2 . LEU A 1 5   ? -10.756 -1.410  5.985   1.00 32.41 ? 5    LEU A CD2 1 
ATOM   28  N  N   . SER A 1 6   ? -7.155  1.563   6.752   1.00 33.35 ? 6    SER A N   1 
ATOM   29  C  CA  . SER A 1 6   ? -6.359  2.774   6.831   1.00 33.98 ? 6    SER A CA  1 
ATOM   30  C  C   . SER A 1 6   ? -7.312  3.935   6.946   1.00 34.01 ? 6    SER A C   1 
ATOM   31  O  O   . SER A 1 6   ? -8.303  4.004   6.217   1.00 35.67 ? 6    SER A O   1 
ATOM   32  C  CB  . SER A 1 6   ? -5.501  2.945   5.583   1.00 32.82 ? 6    SER A CB  1 
ATOM   33  O  OG  . SER A 1 6   ? -4.260  2.279   5.738   1.00 36.10 ? 6    SER A OG  1 
ATOM   34  N  N   . LYS A 1 7   ? -7.041  4.834   7.881   1.00 34.68 ? 7    LYS A N   1 
ATOM   35  C  CA  . LYS A 1 7   ? -7.916  5.977   8.037   1.00 35.87 ? 7    LYS A CA  1 
ATOM   36  C  C   . LYS A 1 7   ? -7.353  7.093   7.172   1.00 35.44 ? 7    LYS A C   1 
ATOM   37  O  O   . LYS A 1 7   ? -6.522  7.899   7.575   1.00 35.68 ? 7    LYS A O   1 
ATOM   38  C  CB  . LYS A 1 7   ? -8.041  6.382   9.509   1.00 38.82 ? 7    LYS A CB  1 
ATOM   39  C  CG  . LYS A 1 7   ? -8.523  5.251   10.411  1.00 40.85 ? 7    LYS A CG  1 
ATOM   40  C  CD  . LYS A 1 7   ? -9.742  4.457   9.855   1.00 43.41 ? 7    LYS A CD  1 
ATOM   41  C  CE  . LYS A 1 7   ? -9.972  3.200   10.709  1.00 43.23 ? 7    LYS A CE  1 
ATOM   42  N  NZ  . LYS A 1 7   ? -10.880 2.163   10.172  1.00 44.26 ? 7    LYS A NZ  1 
ATOM   43  N  N   . THR A 1 8   ? -7.849  7.111   5.949   1.00 33.19 ? 8    THR A N   1 
ATOM   44  C  CA  . THR A 1 8   ? -7.424  8.049   4.948   1.00 32.20 ? 8    THR A CA  1 
ATOM   45  C  C   . THR A 1 8   ? -8.228  9.319   4.881   1.00 33.09 ? 8    THR A C   1 
ATOM   46  O  O   . THR A 1 8   ? -9.413  9.345   5.214   1.00 33.98 ? 8    THR A O   1 
ATOM   47  C  CB  . THR A 1 8   ? -7.484  7.404   3.564   1.00 29.63 ? 8    THR A CB  1 
ATOM   48  O  OG1 . THR A 1 8   ? -8.688  6.628   3.447   1.00 27.61 ? 8    THR A OG1 1 
ATOM   49  C  CG2 . THR A 1 8   ? -6.269  6.568   3.338   1.00 28.05 ? 8    THR A CG2 1 
ATOM   50  N  N   . PRO A 1 9   ? -7.562  10.399  4.467   1.00 33.24 ? 9    PRO A N   1 
ATOM   51  C  CA  . PRO A 1 9   ? -8.099  11.743  4.296   1.00 34.59 ? 9    PRO A CA  1 
ATOM   52  C  C   . PRO A 1 9   ? -9.097  11.762  3.134   1.00 35.94 ? 9    PRO A C   1 
ATOM   53  O  O   . PRO A 1 9   ? -9.285  10.758  2.424   1.00 36.48 ? 9    PRO A O   1 
ATOM   54  C  CB  . PRO A 1 9   ? -6.849  12.573  4.000   1.00 33.57 ? 9    PRO A CB  1 
ATOM   55  C  CG  . PRO A 1 9   ? -5.861  11.573  3.454   1.00 33.05 ? 9    PRO A CG  1 
ATOM   56  C  CD  . PRO A 1 9   ? -6.095  10.397  4.330   1.00 33.25 ? 9    PRO A CD  1 
ATOM   57  N  N   . GLU A 1 10  ? -9.750  12.903  2.950   1.00 34.96 ? 10   GLU A N   1 
ATOM   58  C  CA  . GLU A 1 10  ? -10.706 13.032  1.860   1.00 35.62 ? 10   GLU A CA  1 
ATOM   59  C  C   . GLU A 1 10  ? -9.990  12.955  0.535   1.00 34.51 ? 10   GLU A C   1 
ATOM   60  O  O   . GLU A 1 10  ? -8.899  13.501  0.370   1.00 35.08 ? 10   GLU A O   1 
ATOM   61  C  CB  . GLU A 1 10  ? -11.438 14.370  1.899   1.00 39.66 ? 10   GLU A CB  1 
ATOM   62  C  CG  . GLU A 1 10  ? -12.535 14.478  2.951   1.00 45.59 ? 10   GLU A CG  1 
ATOM   63  C  CD  . GLU A 1 10  ? -13.637 15.446  2.550   1.00 49.10 ? 10   GLU A CD  1 
ATOM   64  O  OE1 . GLU A 1 10  ? -13.594 15.989  1.422   1.00 49.46 ? 10   GLU A OE1 1 
ATOM   65  O  OE2 . GLU A 1 10  ? -14.557 15.657  3.367   1.00 51.79 ? 10   GLU A OE2 1 
ATOM   66  N  N   . PRO A 1 11  ? -10.578 12.242  -0.426  1.00 32.64 ? 11   PRO A N   1 
ATOM   67  C  CA  . PRO A 1 11  ? -9.962  12.140  -1.740  1.00 31.15 ? 11   PRO A CA  1 
ATOM   68  C  C   . PRO A 1 11  ? -9.686  13.568  -2.216  1.00 31.35 ? 11   PRO A C   1 
ATOM   69  O  O   . PRO A 1 11  ? -10.334 14.516  -1.774  1.00 32.80 ? 11   PRO A O   1 
ATOM   70  C  CB  . PRO A 1 11  ? -11.040 11.450  -2.554  1.00 33.14 ? 11   PRO A CB  1 
ATOM   71  C  CG  . PRO A 1 11  ? -11.555 10.481  -1.591  1.00 34.21 ? 11   PRO A CG  1 
ATOM   72  C  CD  . PRO A 1 11  ? -11.638 11.237  -0.276  1.00 33.21 ? 11   PRO A CD  1 
ATOM   73  N  N   . PRO A 1 12  ? -8.740  13.737  -3.136  1.00 30.09 ? 12   PRO A N   1 
ATOM   74  C  CA  . PRO A 1 12  ? -7.967  12.631  -3.697  1.00 27.79 ? 12   PRO A CA  1 
ATOM   75  C  C   . PRO A 1 12  ? -6.707  12.265  -2.937  1.00 27.07 ? 12   PRO A C   1 
ATOM   76  O  O   . PRO A 1 12  ? -6.187  13.059  -2.170  1.00 27.06 ? 12   PRO A O   1 
ATOM   77  C  CB  . PRO A 1 12  ? -7.671  13.110  -5.111  1.00 27.43 ? 12   PRO A CB  1 
ATOM   78  C  CG  . PRO A 1 12  ? -7.536  14.592  -4.952  1.00 29.25 ? 12   PRO A CG  1 
ATOM   79  C  CD  . PRO A 1 12  ? -8.558  14.980  -3.913  1.00 30.15 ? 12   PRO A CD  1 
ATOM   80  N  N   . TYR A 1 13  ? -6.267  11.029  -3.126  1.00 26.70 ? 13   TYR A N   1 
ATOM   81  C  CA  . TYR A 1 13  ? -5.038  10.525  -2.543  1.00 25.53 ? 13   TYR A CA  1 
ATOM   82  C  C   . TYR A 1 13  ? -4.697  9.377   -3.452  1.00 24.15 ? 13   TYR A C   1 
ATOM   83  O  O   . TYR A 1 13  ? -5.512  9.000   -4.286  1.00 24.97 ? 13   TYR A O   1 
ATOM   84  C  CB  . TYR A 1 13  ? -5.192  10.091  -1.076  1.00 25.69 ? 13   TYR A CB  1 
ATOM   85  C  CG  . TYR A 1 13  ? -6.325  9.145   -0.724  1.00 27.52 ? 13   TYR A CG  1 
ATOM   86  C  CD1 . TYR A 1 13  ? -7.545  9.618   -0.247  1.00 25.47 ? 13   TYR A CD1 1 
ATOM   87  C  CD2 . TYR A 1 13  ? -6.173  7.775   -0.852  1.00 25.46 ? 13   TYR A CD2 1 
ATOM   88  C  CE1 . TYR A 1 13  ? -8.569  8.742   0.099   1.00 24.69 ? 13   TYR A CE1 1 
ATOM   89  C  CE2 . TYR A 1 13  ? -7.195  6.903   -0.511  1.00 25.71 ? 13   TYR A CE2 1 
ATOM   90  C  CZ  . TYR A 1 13  ? -8.387  7.391   -0.044  1.00 23.97 ? 13   TYR A CZ  1 
ATOM   91  O  OH  . TYR A 1 13  ? -9.393  6.519   0.276   1.00 21.88 ? 13   TYR A OH  1 
ATOM   92  N  N   . TYR A 1 14  ? -3.492  8.850   -3.351  1.00 21.96 ? 14   TYR A N   1 
ATOM   93  C  CA  . TYR A 1 14  ? -3.117  7.789   -4.254  1.00 21.43 ? 14   TYR A CA  1 
ATOM   94  C  C   . TYR A 1 14  ? -3.035  6.447   -3.596  1.00 21.54 ? 14   TYR A C   1 
ATOM   95  O  O   . TYR A 1 14  ? -2.934  6.346   -2.386  1.00 21.43 ? 14   TYR A O   1 
ATOM   96  C  CB  . TYR A 1 14  ? -1.803  8.133   -4.921  1.00 23.43 ? 14   TYR A CB  1 
ATOM   97  C  CG  . TYR A 1 14  ? -1.922  9.290   -5.876  1.00 29.11 ? 14   TYR A CG  1 
ATOM   98  C  CD1 . TYR A 1 14  ? -2.202  9.082   -7.216  1.00 29.39 ? 14   TYR A CD1 1 
ATOM   99  C  CD2 . TYR A 1 14  ? -1.738  10.593  -5.441  1.00 30.48 ? 14   TYR A CD2 1 
ATOM   100 C  CE1 . TYR A 1 14  ? -2.286  10.138  -8.099  1.00 32.51 ? 14   TYR A CE1 1 
ATOM   101 C  CE2 . TYR A 1 14  ? -1.832  11.655  -6.315  1.00 32.69 ? 14   TYR A CE2 1 
ATOM   102 C  CZ  . TYR A 1 14  ? -2.097  11.428  -7.644  1.00 34.65 ? 14   TYR A CZ  1 
ATOM   103 O  OH  . TYR A 1 14  ? -2.143  12.497  -8.519  1.00 38.60 ? 14   TYR A OH  1 
ATOM   104 N  N   . ALA A 1 15  ? -3.118  5.401   -4.403  1.00 19.77 ? 15   ALA A N   1 
ATOM   105 C  CA  . ALA A 1 15  ? -3.051  4.060   -3.857  1.00 18.84 ? 15   ALA A CA  1 
ATOM   106 C  C   . ALA A 1 15  ? -2.119  3.210   -4.704  1.00 18.29 ? 15   ALA A C   1 
ATOM   107 O  O   . ALA A 1 15  ? -2.155  3.257   -5.938  1.00 18.43 ? 15   ALA A O   1 
ATOM   108 C  CB  . ALA A 1 15  ? -4.431  3.460   -3.823  1.00 17.14 ? 15   ALA A CB  1 
ATOM   109 N  N   . VAL A 1 16  ? -1.235  2.481   -4.037  1.00 20.94 ? 16   VAL A N   1 
ATOM   110 C  CA  . VAL A 1 16  ? -0.312  1.598   -4.738  1.00 21.10 ? 16   VAL A CA  1 
ATOM   111 C  C   . VAL A 1 16  ? -0.761  0.165   -4.437  1.00 20.96 ? 16   VAL A C   1 
ATOM   112 O  O   . VAL A 1 16  ? -0.584  -0.330  -3.327  1.00 21.60 ? 16   VAL A O   1 
ATOM   113 C  CB  . VAL A 1 16  ? 1.141   1.824   -4.275  1.00 22.28 ? 16   VAL A CB  1 
ATOM   114 C  CG1 . VAL A 1 16  ? 2.060   0.803   -4.904  1.00 25.08 ? 16   VAL A CG1 1 
ATOM   115 C  CG2 . VAL A 1 16  ? 1.578   3.241   -4.646  1.00 22.58 ? 16   VAL A CG2 1 
ATOM   116 N  N   . ILE A 1 17  ? -1.381  -0.464  -5.437  1.00 22.94 ? 17   ILE A N   1 
ATOM   117 C  CA  . ILE A 1 17  ? -1.892  -1.826  -5.333  1.00 24.06 ? 17   ILE A CA  1 
ATOM   118 C  C   . ILE A 1 17  ? -0.824  -2.824  -5.762  1.00 24.37 ? 17   ILE A C   1 
ATOM   119 O  O   . ILE A 1 17  ? -0.412  -2.860  -6.921  1.00 25.02 ? 17   ILE A O   1 
ATOM   120 C  CB  . ILE A 1 17  ? -3.182  -2.024  -6.202  1.00 24.67 ? 17   ILE A CB  1 
ATOM   121 C  CG1 . ILE A 1 17  ? -4.205  -0.923  -5.897  1.00 26.35 ? 17   ILE A CG1 1 
ATOM   122 C  CG2 . ILE A 1 17  ? -3.828  -3.377  -5.896  1.00 23.65 ? 17   ILE A CG2 1 
ATOM   123 C  CD1 . ILE A 1 17  ? -3.909  0.388   -6.587  1.00 36.26 ? 17   ILE A CD1 1 
ATOM   124 N  N   . PHE A 1 18  ? -0.356  -3.612  -4.800  1.00 25.92 ? 18   PHE A N   1 
ATOM   125 C  CA  . PHE A 1 18  ? 0.666   -4.616  -5.050  1.00 25.34 ? 18   PHE A CA  1 
ATOM   126 C  C   . PHE A 1 18  ? 0.032   -5.977  -4.890  1.00 24.82 ? 18   PHE A C   1 
ATOM   127 O  O   . PHE A 1 18  ? -0.278  -6.402  -3.787  1.00 25.68 ? 18   PHE A O   1 
ATOM   128 C  CB  . PHE A 1 18  ? 1.837   -4.444  -4.072  1.00 23.54 ? 18   PHE A CB  1 
ATOM   129 C  CG  . PHE A 1 18  ? 2.919   -5.489  -4.211  1.00 25.28 ? 18   PHE A CG  1 
ATOM   130 C  CD1 . PHE A 1 18  ? 3.193   -6.354  -3.178  1.00 24.69 ? 18   PHE A CD1 1 
ATOM   131 C  CD2 . PHE A 1 18  ? 3.664   -5.607  -5.373  1.00 25.37 ? 18   PHE A CD2 1 
ATOM   132 C  CE1 . PHE A 1 18  ? 4.194   -7.321  -3.308  1.00 26.49 ? 18   PHE A CE1 1 
ATOM   133 C  CE2 . PHE A 1 18  ? 4.656   -6.569  -5.495  1.00 26.49 ? 18   PHE A CE2 1 
ATOM   134 C  CZ  . PHE A 1 18  ? 4.920   -7.418  -4.475  1.00 25.06 ? 18   PHE A CZ  1 
ATOM   135 N  N   . SER A 1 19  ? -0.178  -6.650  -6.009  1.00 25.78 ? 19   SER A N   1 
ATOM   136 C  CA  . SER A 1 19  ? -0.786  -7.974  -6.000  1.00 26.18 ? 19   SER A CA  1 
ATOM   137 C  C   . SER A 1 19  ? 0.279   -9.011  -6.270  1.00 24.74 ? 19   SER A C   1 
ATOM   138 O  O   . SER A 1 19  ? 0.930   -8.981  -7.298  1.00 26.39 ? 19   SER A O   1 
ATOM   139 C  CB  . SER A 1 19  ? -1.890  -8.046  -7.042  1.00 26.28 ? 19   SER A CB  1 
ATOM   140 O  OG  . SER A 1 19  ? -2.957  -7.209  -6.641  1.00 29.46 ? 19   SER A OG  1 
ATOM   141 N  N   . SER A 1 20  ? 0.435   -9.947  -5.349  1.00 25.73 ? 20   SER A N   1 
ATOM   142 C  CA  . SER A 1 20  ? 1.497   -10.932 -5.474  1.00 27.67 ? 20   SER A CA  1 
ATOM   143 C  C   . SER A 1 20  ? 1.121   -12.387 -5.236  1.00 30.52 ? 20   SER A C   1 
ATOM   144 O  O   . SER A 1 20  ? 0.149   -12.723 -4.547  1.00 28.81 ? 20   SER A O   1 
ATOM   145 C  CB  . SER A 1 20  ? 2.646   -10.563 -4.515  1.00 25.74 ? 20   SER A CB  1 
ATOM   146 O  OG  . SER A 1 20  ? 2.172   -10.517 -3.169  1.00 27.89 ? 20   SER A OG  1 
ATOM   147 N  N   . VAL A 1 21  ? 1.883   -13.254 -5.881  1.00 31.70 ? 21   VAL A N   1 
ATOM   148 C  CA  . VAL A 1 21  ? 1.719   -14.682 -5.698  1.00 33.44 ? 21   VAL A CA  1 
ATOM   149 C  C   . VAL A 1 21  ? 3.083   -15.145 -5.215  1.00 36.00 ? 21   VAL A C   1 
ATOM   150 O  O   . VAL A 1 21  ? 4.107   -14.938 -5.875  1.00 36.07 ? 21   VAL A O   1 
ATOM   151 C  CB  . VAL A 1 21  ? 1.416   -15.421 -6.988  1.00 31.71 ? 21   VAL A CB  1 
ATOM   152 C  CG1 . VAL A 1 21  ? 1.569   -16.899 -6.759  1.00 30.31 ? 21   VAL A CG1 1 
ATOM   153 C  CG2 . VAL A 1 21  ? 0.008   -15.106 -7.455  1.00 31.75 ? 21   VAL A CG2 1 
ATOM   154 N  N   . LYS A 1 22  ? 3.107   -15.806 -4.075  1.00 40.28 ? 22   LYS A N   1 
ATOM   155 C  CA  . LYS A 1 22  ? 4.377   -16.230 -3.546  1.00 43.88 ? 22   LYS A CA  1 
ATOM   156 C  C   . LYS A 1 22  ? 5.035   -17.499 -4.048  1.00 46.31 ? 22   LYS A C   1 
ATOM   157 O  O   . LYS A 1 22  ? 4.397   -18.526 -4.272  1.00 46.61 ? 22   LYS A O   1 
ATOM   158 C  CB  . LYS A 1 22  ? 4.298   -16.241 -2.047  1.00 44.65 ? 22   LYS A CB  1 
ATOM   159 C  CG  . LYS A 1 22  ? 5.284   -15.242 -1.506  1.00 46.31 ? 22   LYS A CG  1 
ATOM   160 C  CD  . LYS A 1 22  ? 4.735   -14.446 -0.377  1.00 48.00 ? 22   LYS A CD  1 
ATOM   161 C  CE  . LYS A 1 22  ? 5.768   -14.420 0.723   1.00 49.04 ? 22   LYS A CE  1 
ATOM   162 N  NZ  . LYS A 1 22  ? 5.748   -15.722 1.414   1.00 50.56 ? 22   LYS A NZ  1 
ATOM   163 N  N   . SER A 1 23  ? 6.347   -17.377 -4.230  1.00 48.83 ? 23   SER A N   1 
ATOM   164 C  CA  . SER A 1 23  ? 7.210   -18.445 -4.716  1.00 51.25 ? 23   SER A CA  1 
ATOM   165 C  C   . SER A 1 23  ? 6.968   -19.770 -4.013  1.00 51.21 ? 23   SER A C   1 
ATOM   166 O  O   . SER A 1 23  ? 6.882   -19.824 -2.783  1.00 52.44 ? 23   SER A O   1 
ATOM   167 C  CB  . SER A 1 23  ? 8.685   -18.042 -4.555  1.00 51.99 ? 23   SER A CB  1 
ATOM   168 O  OG  . SER A 1 23  ? 9.070   -17.068 -5.519  1.00 54.87 ? 23   SER A OG  1 
ATOM   169 N  N   . GLY A 1 30  ? 9.918   -11.379 3.236   1.00 56.94 ? 30   GLY A N   1 
ATOM   170 C  CA  . GLY A 1 30  ? 9.391   -12.235 4.289   1.00 57.61 ? 30   GLY A CA  1 
ATOM   171 C  C   . GLY A 1 30  ? 9.660   -11.490 5.573   1.00 57.16 ? 30   GLY A C   1 
ATOM   172 O  O   . GLY A 1 30  ? 8.777   -10.828 6.120   1.00 55.76 ? 30   GLY A O   1 
ATOM   173 N  N   . GLU A 1 31  ? 10.856  -11.666 6.120   1.00 58.23 ? 31   GLU A N   1 
ATOM   174 C  CA  . GLU A 1 31  ? 11.190  -10.844 7.252   1.00 58.36 ? 31   GLU A CA  1 
ATOM   175 C  C   . GLU A 1 31  ? 11.304  -9.643  6.388   1.00 59.44 ? 31   GLU A C   1 
ATOM   176 O  O   . GLU A 1 31  ? 10.894  -8.556  6.775   1.00 59.45 ? 31   GLU A O   1 
ATOM   177 C  CB  . GLU A 1 31  ? 12.592  -11.066 7.807   1.00 57.51 ? 31   GLU A CB  1 
ATOM   178 C  CG  . GLU A 1 31  ? 13.047  -9.932  8.784   1.00 57.22 ? 31   GLU A CG  1 
ATOM   179 C  CD  . GLU A 1 31  ? 13.779  -8.751  8.127   1.00 57.21 ? 31   GLU A CD  1 
ATOM   180 O  OE1 . GLU A 1 31  ? 14.201  -7.820  8.849   1.00 57.96 ? 31   GLU A OE1 1 
ATOM   181 O  OE2 . GLU A 1 31  ? 13.945  -8.743  6.896   1.00 56.72 ? 31   GLU A OE2 1 
ATOM   182 N  N   . THR A 1 32  ? 11.737  -9.809  5.149   1.00 59.40 ? 32   THR A N   1 
ATOM   183 C  CA  . THR A 1 32  ? 11.894  -8.533  4.615   1.00 60.93 ? 32   THR A CA  1 
ATOM   184 C  C   . THR A 1 32  ? 10.667  -7.851  3.984   1.00 61.88 ? 32   THR A C   1 
ATOM   185 O  O   . THR A 1 32  ? 10.727  -6.663  3.677   1.00 62.16 ? 32   THR A O   1 
ATOM   186 C  CB  . THR A 1 32  ? 13.343  -8.347  4.037   1.00 61.63 ? 32   THR A CB  1 
ATOM   187 O  OG1 . THR A 1 32  ? 13.527  -6.954  3.810   1.00 62.32 ? 32   THR A OG1 1 
ATOM   188 C  CG2 . THR A 1 32  ? 13.701  -9.247  2.918   1.00 61.38 ? 32   THR A CG2 1 
ATOM   189 N  N   . ALA A 1 33  ? 9.527   -8.549  3.889   1.00 62.11 ? 33   ALA A N   1 
ATOM   190 C  CA  . ALA A 1 33  ? 8.312   -7.893  3.456   1.00 62.76 ? 33   ALA A CA  1 
ATOM   191 C  C   . ALA A 1 33  ? 8.017   -6.910  4.579   1.00 62.65 ? 33   ALA A C   1 
ATOM   192 O  O   . ALA A 1 33  ? 7.488   -5.839  4.299   1.00 62.00 ? 33   ALA A O   1 
ATOM   193 C  CB  . ALA A 1 33  ? 7.162   -8.926  3.302   1.00 63.04 ? 33   ALA A CB  1 
ATOM   194 N  N   . GLU A 1 34  ? 8.382   -7.250  5.824   1.00 62.87 ? 34   GLU A N   1 
ATOM   195 C  CA  . GLU A 1 34  ? 8.081   -6.328  6.911   1.00 63.35 ? 34   GLU A CA  1 
ATOM   196 C  C   . GLU A 1 34  ? 9.034   -5.149  7.102   1.00 63.68 ? 34   GLU A C   1 
ATOM   197 O  O   . GLU A 1 34  ? 8.707   -4.195  7.808   1.00 62.98 ? 34   GLU A O   1 
ATOM   198 C  CB  . GLU A 1 34  ? 7.800   -7.062  8.259   1.00 63.25 ? 34   GLU A CB  1 
ATOM   199 C  CG  . GLU A 1 34  ? 8.887   -7.949  8.919   1.00 62.61 ? 34   GLU A CG  1 
ATOM   200 C  CD  . GLU A 1 34  ? 8.361   -8.779  10.118  1.00 62.09 ? 34   GLU A CD  1 
ATOM   201 O  OE1 . GLU A 1 34  ? 7.149   -9.059  10.186  1.00 61.81 ? 34   GLU A OE1 1 
ATOM   202 O  OE2 . GLU A 1 34  ? 9.162   -9.184  10.986  1.00 60.38 ? 34   GLU A OE2 1 
ATOM   203 N  N   . ARG A 1 35  ? 10.198  -5.190  6.471   1.00 65.35 ? 35   ARG A N   1 
ATOM   204 C  CA  . ARG A 1 35  ? 11.108  -4.065  6.571   1.00 67.10 ? 35   ARG A CA  1 
ATOM   205 C  C   . ARG A 1 35  ? 10.585  -3.126  5.509   1.00 67.94 ? 35   ARG A C   1 
ATOM   206 O  O   . ARG A 1 35  ? 10.459  -1.924  5.720   1.00 67.90 ? 35   ARG A O   1 
ATOM   207 C  CB  . ARG A 1 35  ? 12.506  -4.481  6.194   1.00 67.84 ? 35   ARG A CB  1 
ATOM   208 C  CG  . ARG A 1 35  ? 13.552  -3.945  7.105   1.00 69.49 ? 35   ARG A CG  1 
ATOM   209 C  CD  . ARG A 1 35  ? 14.854  -4.402  6.582   1.00 71.01 ? 35   ARG A CD  1 
ATOM   210 N  NE  . ARG A 1 35  ? 14.764  -5.792  6.173   1.00 71.95 ? 35   ARG A NE  1 
ATOM   211 C  CZ  . ARG A 1 35  ? 15.776  -6.452  5.632   1.00 72.77 ? 35   ARG A CZ  1 
ATOM   212 N  NH1 . ARG A 1 35  ? 16.930  -5.835  5.440   1.00 73.64 ? 35   ARG A NH1 1 
ATOM   213 N  NH2 . ARG A 1 35  ? 15.649  -7.723  5.296   1.00 73.18 ? 35   ARG A NH2 1 
HETATM 214 N  N   . MSE A 1 36  ? 10.292  -3.686  4.345   1.00 69.15 ? 36   MSE A N   1 
HETATM 215 C  CA  . MSE A 1 36  ? 9.775   -2.874  3.280   1.00 70.52 ? 36   MSE A CA  1 
HETATM 216 C  C   . MSE A 1 36  ? 8.536   -2.140  3.768   1.00 68.82 ? 36   MSE A C   1 
HETATM 217 O  O   . MSE A 1 36  ? 8.182   -1.122  3.202   1.00 69.26 ? 36   MSE A O   1 
HETATM 218 C  CB  . MSE A 1 36  ? 9.480   -3.728  2.052   1.00 75.16 ? 36   MSE A CB  1 
HETATM 219 C  CG  . MSE A 1 36  ? 10.656  -3.807  1.104   1.00 80.98 ? 36   MSE A CG  1 
HETATM 220 SE SE  . MSE A 1 36  ? 10.129  -3.953  -0.702  1.00 91.71 ? 36   MSE A SE  1 
HETATM 221 C  CE  . MSE A 1 36  ? 10.396  -5.785  -0.981  1.00 86.72 ? 36   MSE A CE  1 
ATOM   222 N  N   . VAL A 1 37  ? 7.889   -2.620  4.830   1.00 66.63 ? 37   VAL A N   1 
ATOM   223 C  CA  . VAL A 1 37  ? 6.731   -1.903  5.335   1.00 64.64 ? 37   VAL A CA  1 
ATOM   224 C  C   . VAL A 1 37  ? 7.054   -0.818  6.349   1.00 63.75 ? 37   VAL A C   1 
ATOM   225 O  O   . VAL A 1 37  ? 6.401   0.214   6.332   1.00 63.12 ? 37   VAL A O   1 
ATOM   226 C  CB  . VAL A 1 37  ? 5.696   -2.825  5.972   1.00 65.00 ? 37   VAL A CB  1 
ATOM   227 C  CG1 . VAL A 1 37  ? 5.196   -2.236  7.283   1.00 64.41 ? 37   VAL A CG1 1 
ATOM   228 C  CG2 . VAL A 1 37  ? 4.500   -2.960  5.016   1.00 65.04 ? 37   VAL A CG2 1 
ATOM   229 N  N   . SER A 1 38  ? 8.029   -1.032  7.233   1.00 62.67 ? 38   SER A N   1 
ATOM   230 C  CA  . SER A 1 38  ? 8.341   -0.019  8.234   1.00 61.76 ? 38   SER A CA  1 
ATOM   231 C  C   . SER A 1 38  ? 8.745   1.236   7.495   1.00 60.58 ? 38   SER A C   1 
ATOM   232 O  O   . SER A 1 38  ? 8.432   2.345   7.908   1.00 60.66 ? 38   SER A O   1 
ATOM   233 C  CB  . SER A 1 38  ? 9.505   -0.459  9.130   1.00 63.07 ? 38   SER A CB  1 
ATOM   234 O  OG  . SER A 1 38  ? 9.809   -1.845  9.018   1.00 63.35 ? 38   SER A OG  1 
ATOM   235 N  N   . LEU A 1 39  ? 9.469   1.019   6.409   1.00 59.98 ? 39   LEU A N   1 
ATOM   236 C  CA  . LEU A 1 39  ? 9.990   2.037   5.526   1.00 59.00 ? 39   LEU A CA  1 
ATOM   237 C  C   . LEU A 1 39  ? 8.854   2.873   4.875   1.00 57.72 ? 39   LEU A C   1 
ATOM   238 O  O   . LEU A 1 39  ? 8.938   4.080   4.841   1.00 58.10 ? 39   LEU A O   1 
ATOM   239 C  CB  . LEU A 1 39  ? 10.855  1.272   4.524   1.00 58.39 ? 39   LEU A CB  1 
ATOM   240 C  CG  . LEU A 1 39  ? 12.034  1.756   3.672   1.00 58.74 ? 39   LEU A CG  1 
ATOM   241 C  CD1 . LEU A 1 39  ? 11.583  2.081   2.246   1.00 58.55 ? 39   LEU A CD1 1 
ATOM   242 C  CD2 . LEU A 1 39  ? 12.749  2.880   4.374   1.00 59.52 ? 39   LEU A CD2 1 
ATOM   243 N  N   . ALA A 1 40  ? 7.791   2.240   4.387   1.00 55.90 ? 40   ALA A N   1 
ATOM   244 C  CA  . ALA A 1 40  ? 6.667   2.957   3.787   1.00 53.88 ? 40   ALA A CA  1 
ATOM   245 C  C   . ALA A 1 40  ? 6.117   3.879   4.839   1.00 53.62 ? 40   ALA A C   1 
ATOM   246 O  O   . ALA A 1 40  ? 6.025   5.076   4.645   1.00 53.99 ? 40   ALA A O   1 
ATOM   247 C  CB  . ALA A 1 40  ? 5.583   1.957   3.367   1.00 53.60 ? 40   ALA A CB  1 
ATOM   248 N  N   . ALA A 1 41  ? 5.784   3.259   5.964   1.00 53.34 ? 41   ALA A N   1 
ATOM   249 C  CA  . ALA A 1 41  ? 5.198   3.874   7.141   1.00 53.28 ? 41   ALA A CA  1 
ATOM   250 C  C   . ALA A 1 41  ? 5.951   5.101   7.555   1.00 53.56 ? 41   ALA A C   1 
ATOM   251 O  O   . ALA A 1 41  ? 5.389   6.085   8.059   1.00 54.31 ? 41   ALA A O   1 
ATOM   252 C  CB  . ALA A 1 41  ? 5.229   2.877   8.267   1.00 52.85 ? 41   ALA A CB  1 
ATOM   253 N  N   . ASP A 1 42  ? 7.249   5.029   7.332   1.00 54.05 ? 42   ASP A N   1 
ATOM   254 C  CA  . ASP A 1 42  ? 8.114   6.106   7.746   1.00 54.55 ? 42   ASP A CA  1 
ATOM   255 C  C   . ASP A 1 42  ? 8.203   7.310   6.829   1.00 53.97 ? 42   ASP A C   1 
ATOM   256 O  O   . ASP A 1 42  ? 8.646   8.385   7.223   1.00 53.84 ? 42   ASP A O   1 
ATOM   257 C  CB  . ASP A 1 42  ? 9.508   5.553   7.967   1.00 56.68 ? 42   ASP A CB  1 
ATOM   258 C  CG  . ASP A 1 42  ? 9.945   5.681   9.388   1.00 58.99 ? 42   ASP A CG  1 
ATOM   259 O  OD1 . ASP A 1 42  ? 11.016  6.281   9.610   1.00 59.90 ? 42   ASP A OD1 1 
ATOM   260 O  OD2 . ASP A 1 42  ? 9.218   5.184   10.275  1.00 59.20 ? 42   ASP A OD2 1 
ATOM   261 N  N   . GLN A 1 43  ? 7.779   7.135   5.594   1.00 52.23 ? 43   GLN A N   1 
ATOM   262 C  CA  . GLN A 1 43  ? 7.895   8.212   4.638   1.00 50.78 ? 43   GLN A CA  1 
ATOM   263 C  C   . GLN A 1 43  ? 6.986   9.407   4.764   1.00 48.79 ? 43   GLN A C   1 
ATOM   264 O  O   . GLN A 1 43  ? 5.944   9.378   5.417   1.00 49.40 ? 43   GLN A O   1 
ATOM   265 C  CB  . GLN A 1 43  ? 7.744   7.659   3.240   1.00 52.32 ? 43   GLN A CB  1 
ATOM   266 C  CG  . GLN A 1 43  ? 8.581   6.451   3.010   1.00 54.33 ? 43   GLN A CG  1 
ATOM   267 C  CD  . GLN A 1 43  ? 9.985   6.775   2.598   1.00 56.79 ? 43   GLN A CD  1 
ATOM   268 O  OE1 . GLN A 1 43  ? 10.235  7.188   1.466   1.00 58.47 ? 43   GLN A OE1 1 
ATOM   269 N  NE2 . GLN A 1 43  ? 10.922  6.575   3.508   1.00 57.88 ? 43   GLN A NE2 1 
ATOM   270 N  N   . PRO A 1 44  ? 7.428   10.517  4.184   1.00 45.89 ? 44   PRO A N   1 
ATOM   271 C  CA  . PRO A 1 44  ? 6.657   11.755  4.196   1.00 43.12 ? 44   PRO A CA  1 
ATOM   272 C  C   . PRO A 1 44  ? 5.496   11.450  3.239   1.00 40.83 ? 44   PRO A C   1 
ATOM   273 O  O   . PRO A 1 44  ? 5.692   10.820  2.194   1.00 37.96 ? 44   PRO A O   1 
ATOM   274 C  CB  . PRO A 1 44  ? 7.624   12.807  3.630   1.00 44.07 ? 44   PRO A CB  1 
ATOM   275 C  CG  . PRO A 1 44  ? 8.751   12.049  3.001   1.00 45.64 ? 44   PRO A CG  1 
ATOM   276 C  CD  . PRO A 1 44  ? 8.663   10.598  3.386   1.00 45.63 ? 44   PRO A CD  1 
ATOM   277 N  N   . GLY A 1 45  ? 4.282   11.830  3.617   1.00 38.23 ? 45   GLY A N   1 
ATOM   278 C  CA  . GLY A 1 45  ? 3.149   11.595  2.746   1.00 37.65 ? 45   GLY A CA  1 
ATOM   279 C  C   . GLY A 1 45  ? 2.561   10.202  2.778   1.00 36.29 ? 45   GLY A C   1 
ATOM   280 O  O   . GLY A 1 45  ? 1.653   9.898   2.005   1.00 34.66 ? 45   GLY A O   1 
ATOM   281 N  N   . PHE A 1 46  ? 3.102   9.332   3.618   1.00 35.27 ? 46   PHE A N   1 
ATOM   282 C  CA  . PHE A 1 46  ? 2.549   7.989   3.709   1.00 34.71 ? 46   PHE A CA  1 
ATOM   283 C  C   . PHE A 1 46  ? 1.246   8.091   4.490   1.00 34.45 ? 46   PHE A C   1 
ATOM   284 O  O   . PHE A 1 46  ? 1.224   8.638   5.588   1.00 35.12 ? 46   PHE A O   1 
ATOM   285 C  CB  . PHE A 1 46  ? 3.503   7.077   4.444   1.00 35.85 ? 46   PHE A CB  1 
ATOM   286 C  CG  . PHE A 1 46  ? 2.916   5.748   4.793   1.00 36.52 ? 46   PHE A CG  1 
ATOM   287 C  CD1 . PHE A 1 46  ? 3.013   4.677   3.923   1.00 34.69 ? 46   PHE A CD1 1 
ATOM   288 C  CD2 . PHE A 1 46  ? 2.257   5.566   5.996   1.00 36.79 ? 46   PHE A CD2 1 
ATOM   289 C  CE1 . PHE A 1 46  ? 2.468   3.459   4.249   1.00 35.48 ? 46   PHE A CE1 1 
ATOM   290 C  CE2 . PHE A 1 46  ? 1.709   4.341   6.319   1.00 36.84 ? 46   PHE A CE2 1 
ATOM   291 C  CZ  . PHE A 1 46  ? 1.817   3.291   5.444   1.00 38.11 ? 46   PHE A CZ  1 
ATOM   292 N  N   . LEU A 1 47  ? 0.164   7.557   3.929   1.00 32.51 ? 47   LEU A N   1 
ATOM   293 C  CA  . LEU A 1 47  ? -1.143  7.633   4.570   1.00 30.36 ? 47   LEU A CA  1 
ATOM   294 C  C   . LEU A 1 47  ? -1.589  6.372   5.295   1.00 29.09 ? 47   LEU A C   1 
ATOM   295 O  O   . LEU A 1 47  ? -2.459  6.433   6.156   1.00 30.73 ? 47   LEU A O   1 
ATOM   296 C  CB  . LEU A 1 47  ? -2.198  8.032   3.539   1.00 28.39 ? 47   LEU A CB  1 
ATOM   297 C  CG  . LEU A 1 47  ? -1.910  9.326   2.781   1.00 28.21 ? 47   LEU A CG  1 
ATOM   298 C  CD1 . LEU A 1 47  ? -2.986  9.581   1.781   1.00 26.99 ? 47   LEU A CD1 1 
ATOM   299 C  CD2 . LEU A 1 47  ? -1.787  10.481  3.773   1.00 27.88 ? 47   LEU A CD2 1 
ATOM   300 N  N   . GLY A 1 48  ? -0.996  5.233   4.967   1.00 27.51 ? 48   GLY A N   1 
ATOM   301 C  CA  . GLY A 1 48  ? -1.387  4.001   5.634   1.00 25.53 ? 48   GLY A CA  1 
ATOM   302 C  C   . GLY A 1 48  ? -1.196  2.806   4.723   1.00 25.59 ? 48   GLY A C   1 
ATOM   303 O  O   . GLY A 1 48  ? -0.811  2.965   3.563   1.00 23.54 ? 48   GLY A O   1 
ATOM   304 N  N   . VAL A 1 49  ? -1.448  1.605   5.243   1.00 26.03 ? 49   VAL A N   1 
ATOM   305 C  CA  . VAL A 1 49  ? -1.297  0.403   4.442   1.00 24.48 ? 49   VAL A CA  1 
ATOM   306 C  C   . VAL A 1 49  ? -2.194  -0.731  4.889   1.00 25.80 ? 49   VAL A C   1 
ATOM   307 O  O   . VAL A 1 49  ? -2.378  -0.962  6.084   1.00 24.51 ? 49   VAL A O   1 
ATOM   308 C  CB  . VAL A 1 49  ? 0.169   -0.098  4.469   1.00 27.47 ? 49   VAL A CB  1 
ATOM   309 C  CG1 . VAL A 1 49  ? 0.484   -0.763  5.811   1.00 29.71 ? 49   VAL A CG1 1 
ATOM   310 C  CG2 . VAL A 1 49  ? 0.436   -1.038  3.320   1.00 25.79 ? 49   VAL A CG2 1 
ATOM   311 N  N   . GLU A 1 50  ? -2.742  -1.449  3.915   1.00 25.67 ? 50   GLU A N   1 
ATOM   312 C  CA  . GLU A 1 50  ? -3.578  -2.597  4.212   1.00 23.54 ? 50   GLU A CA  1 
ATOM   313 C  C   . GLU A 1 50  ? -2.896  -3.790  3.543   1.00 24.20 ? 50   GLU A C   1 
ATOM   314 O  O   . GLU A 1 50  ? -2.664  -3.804  2.332   1.00 22.58 ? 50   GLU A O   1 
ATOM   315 C  CB  . GLU A 1 50  ? -4.990  -2.339  3.705   1.00 23.64 ? 50   GLU A CB  1 
ATOM   316 C  CG  . GLU A 1 50  ? -5.630  -1.131  4.452   1.00 21.85 ? 50   GLU A CG  1 
ATOM   317 C  CD  . GLU A 1 50  ? -6.843  -0.534  3.754   1.00 24.69 ? 50   GLU A CD  1 
ATOM   318 O  OE1 . GLU A 1 50  ? -7.105  -0.853  2.581   1.00 25.95 ? 50   GLU A OE1 1 
ATOM   319 O  OE2 . GLU A 1 50  ? -7.542  0.296   4.367   1.00 25.39 ? 50   GLU A OE2 1 
ATOM   320 N  N   . SER A 1 51  ? -2.512  -4.766  4.354   1.00 24.37 ? 51   SER A N   1 
ATOM   321 C  CA  . SER A 1 51  ? -1.816  -5.920  3.822   1.00 26.53 ? 51   SER A CA  1 
ATOM   322 C  C   . SER A 1 51  ? -2.483  -7.205  4.239   1.00 26.65 ? 51   SER A C   1 
ATOM   323 O  O   . SER A 1 51  ? -2.863  -7.401  5.394   1.00 25.71 ? 51   SER A O   1 
ATOM   324 C  CB  . SER A 1 51  ? -0.347  -5.902  4.233   1.00 26.51 ? 51   SER A CB  1 
ATOM   325 O  OG  . SER A 1 51  ? 0.388   -6.797  3.406   1.00 31.37 ? 51   SER A OG  1 
ATOM   326 N  N   . VAL A 1 52  ? -2.612  -8.088  3.265   1.00 24.92 ? 52   VAL A N   1 
ATOM   327 C  CA  . VAL A 1 52  ? -3.313  -9.330  3.470   1.00 25.72 ? 52   VAL A CA  1 
ATOM   328 C  C   . VAL A 1 52  ? -2.630  -10.393 2.606   1.00 27.71 ? 52   VAL A C   1 
ATOM   329 O  O   . VAL A 1 52  ? -2.280  -10.132 1.450   1.00 23.61 ? 52   VAL A O   1 
ATOM   330 C  CB  . VAL A 1 52  ? -4.799  -9.065  3.091   1.00 29.42 ? 52   VAL A CB  1 
ATOM   331 C  CG1 . VAL A 1 52  ? -5.207  -9.895  1.938   1.00 29.87 ? 52   VAL A CG1 1 
ATOM   332 C  CG2 . VAL A 1 52  ? -5.695  -9.229  4.309   1.00 29.01 ? 52   VAL A CG2 1 
ATOM   333 N  N   . ARG A 1 53  ? -2.414  -11.577 3.171   1.00 30.81 ? 53   ARG A N   1 
ATOM   334 C  CA  . ARG A 1 53  ? -1.719  -12.639 2.446   1.00 33.13 ? 53   ARG A CA  1 
ATOM   335 C  C   . ARG A 1 53  ? -2.348  -13.969 2.803   1.00 34.84 ? 53   ARG A C   1 
ATOM   336 O  O   . ARG A 1 53  ? -2.365  -14.330 3.967   1.00 38.20 ? 53   ARG A O   1 
ATOM   337 C  CB  . ARG A 1 53  ? -0.231  -12.624 2.838   1.00 29.64 ? 53   ARG A CB  1 
ATOM   338 C  CG  . ARG A 1 53  ? 0.582   -13.812 2.392   1.00 30.15 ? 53   ARG A CG  1 
ATOM   339 C  CD  . ARG A 1 53  ? 0.989   -13.750 0.925   1.00 28.29 ? 53   ARG A CD  1 
ATOM   340 N  NE  . ARG A 1 53  ? 1.912   -12.647 0.649   1.00 28.07 ? 53   ARG A NE  1 
ATOM   341 C  CZ  . ARG A 1 53  ? 2.242   -12.233 -0.574  1.00 28.71 ? 53   ARG A CZ  1 
ATOM   342 N  NH1 . ARG A 1 53  ? 1.730   -12.826 -1.652  1.00 24.88 ? 53   ARG A NH1 1 
ATOM   343 N  NH2 . ARG A 1 53  ? 3.075   -11.209 -0.728  1.00 29.34 ? 53   ARG A NH2 1 
ATOM   344 N  N   . GLU A 1 54  ? -2.926  -14.674 1.829   1.00 35.95 ? 54   GLU A N   1 
ATOM   345 C  CA  . GLU A 1 54  ? -3.523  -15.976 2.147   1.00 37.99 ? 54   GLU A CA  1 
ATOM   346 C  C   . GLU A 1 54  ? -2.477  -17.083 2.194   1.00 39.58 ? 54   GLU A C   1 
ATOM   347 O  O   . GLU A 1 54  ? -1.324  -16.946 1.761   1.00 37.42 ? 54   GLU A O   1 
ATOM   348 C  CB  . GLU A 1 54  ? -4.555  -16.468 1.115   1.00 38.49 ? 54   GLU A CB  1 
ATOM   349 C  CG  . GLU A 1 54  ? -5.783  -15.620 0.868   1.00 40.82 ? 54   GLU A CG  1 
ATOM   350 C  CD  . GLU A 1 54  ? -6.761  -16.297 -0.073  1.00 43.05 ? 54   GLU A CD  1 
ATOM   351 O  OE1 . GLU A 1 54  ? -6.471  -17.405 -0.579  1.00 46.49 ? 54   GLU A OE1 1 
ATOM   352 O  OE2 . GLU A 1 54  ? -7.828  -15.713 -0.311  1.00 42.72 ? 54   GLU A OE2 1 
ATOM   353 N  N   . ALA A 1 55  ? -2.956  -18.196 2.728   1.00 41.14 ? 55   ALA A N   1 
ATOM   354 C  CA  . ALA A 1 55  ? -2.255  -19.455 2.869   1.00 42.15 ? 55   ALA A CA  1 
ATOM   355 C  C   . ALA A 1 55  ? -1.471  -19.882 1.647   1.00 42.78 ? 55   ALA A C   1 
ATOM   356 O  O   . ALA A 1 55  ? -0.257  -20.055 1.733   1.00 43.35 ? 55   ALA A O   1 
ATOM   357 C  CB  . ALA A 1 55  ? -3.276  -20.541 3.207   1.00 42.68 ? 55   ALA A CB  1 
ATOM   358 N  N   . ASP A 1 56  ? -2.198  -20.055 0.545   1.00 41.29 ? 56   ASP A N   1 
ATOM   359 C  CA  . ASP A 1 56  ? -1.694  -20.502 -0.733  1.00 40.50 ? 56   ASP A CA  1 
ATOM   360 C  C   . ASP A 1 56  ? -0.728  -19.582 -1.467  1.00 38.76 ? 56   ASP A C   1 
ATOM   361 O  O   . ASP A 1 56  ? -0.311  -19.919 -2.569  1.00 40.29 ? 56   ASP A O   1 
ATOM   362 C  CB  . ASP A 1 56  ? -2.893  -20.798 -1.630  1.00 40.86 ? 56   ASP A CB  1 
ATOM   363 C  CG  . ASP A 1 56  ? -3.603  -19.525 -2.103  1.00 42.67 ? 56   ASP A CG  1 
ATOM   364 O  OD1 . ASP A 1 56  ? -3.254  -18.421 -1.630  1.00 39.90 ? 56   ASP A OD1 1 
ATOM   365 O  OD2 . ASP A 1 56  ? -4.518  -19.624 -2.958  1.00 43.17 ? 56   ASP A OD2 1 
ATOM   366 N  N   . GLY A 1 57  ? -0.382  -18.434 -0.884  1.00 36.82 ? 57   GLY A N   1 
ATOM   367 C  CA  . GLY A 1 57  ? 0.550   -17.530 -1.535  1.00 31.44 ? 57   GLY A CA  1 
ATOM   368 C  C   . GLY A 1 57  ? -0.064  -16.307 -2.183  1.00 30.54 ? 57   GLY A C   1 
ATOM   369 O  O   . GLY A 1 57  ? 0.655   -15.396 -2.578  1.00 28.02 ? 57   GLY A O   1 
ATOM   370 N  N   . ARG A 1 58  ? -1.381  -16.281 -2.329  1.00 30.38 ? 58   ARG A N   1 
ATOM   371 C  CA  . ARG A 1 58  ? -2.032  -15.139 -2.944  1.00 29.01 ? 58   ARG A CA  1 
ATOM   372 C  C   . ARG A 1 58  ? -2.094  -13.959 -2.007  1.00 28.59 ? 58   ARG A C   1 
ATOM   373 O  O   . ARG A 1 58  ? -2.464  -14.110 -0.840  1.00 27.55 ? 58   ARG A O   1 
ATOM   374 C  CB  . ARG A 1 58  ? -3.414  -15.550 -3.377  1.00 33.62 ? 58   ARG A CB  1 
ATOM   375 C  CG  . ARG A 1 58  ? -3.316  -16.481 -4.524  1.00 38.68 ? 58   ARG A CG  1 
ATOM   376 C  CD  . ARG A 1 58  ? -4.601  -17.109 -4.935  1.00 41.68 ? 58   ARG A CD  1 
ATOM   377 N  NE  . ARG A 1 58  ? -4.292  -17.821 -6.159  1.00 47.04 ? 58   ARG A NE  1 
ATOM   378 C  CZ  . ARG A 1 58  ? -4.955  -17.661 -7.293  1.00 49.77 ? 58   ARG A CZ  1 
ATOM   379 N  NH1 . ARG A 1 58  ? -5.982  -16.820 -7.356  1.00 53.00 ? 58   ARG A NH1 1 
ATOM   380 N  NH2 . ARG A 1 58  ? -4.572  -18.321 -8.370  1.00 51.63 ? 58   ARG A NH2 1 
ATOM   381 N  N   . GLY A 1 59  ? -1.794  -12.773 -2.529  1.00 26.54 ? 59   GLY A N   1 
ATOM   382 C  CA  . GLY A 1 59  ? -1.780  -11.617 -1.664  1.00 22.59 ? 59   GLY A CA  1 
ATOM   383 C  C   . GLY A 1 59  ? -1.968  -10.244 -2.262  1.00 22.48 ? 59   GLY A C   1 
ATOM   384 O  O   . GLY A 1 59  ? -1.545  -9.976  -3.384  1.00 21.31 ? 59   GLY A O   1 
ATOM   385 N  N   . ILE A 1 60  ? -2.633  -9.371  -1.510  1.00 20.31 ? 60   ILE A N   1 
ATOM   386 C  CA  . ILE A 1 60  ? -2.830  -8.002  -1.950  1.00 19.78 ? 60   ILE A CA  1 
ATOM   387 C  C   . ILE A 1 60  ? -2.406  -7.011  -0.856  1.00 20.32 ? 60   ILE A C   1 
ATOM   388 O  O   . ILE A 1 60  ? -2.824  -7.091  0.308   1.00 18.88 ? 60   ILE A O   1 
ATOM   389 C  CB  . ILE A 1 60  ? -4.305  -7.714  -2.319  1.00 23.27 ? 60   ILE A CB  1 
ATOM   390 C  CG1 . ILE A 1 60  ? -4.797  -8.703  -3.377  1.00 20.52 ? 60   ILE A CG1 1 
ATOM   391 C  CG2 . ILE A 1 60  ? -4.451  -6.301  -2.785  1.00 22.75 ? 60   ILE A CG2 1 
ATOM   392 C  CD1 . ILE A 1 60  ? -3.905  -8.841  -4.582  1.00 30.70 ? 60   ILE A CD1 1 
ATOM   393 N  N   . THR A 1 61  ? -1.567  -6.063  -1.234  1.00 20.82 ? 61   THR A N   1 
ATOM   394 C  CA  . THR A 1 61  ? -1.133  -5.049  -0.296  1.00 20.82 ? 61   THR A CA  1 
ATOM   395 C  C   . THR A 1 61  ? -1.348  -3.682  -0.934  1.00 19.32 ? 61   THR A C   1 
ATOM   396 O  O   . THR A 1 61  ? -0.857  -3.408  -2.025  1.00 21.96 ? 61   THR A O   1 
ATOM   397 C  CB  . THR A 1 61  ? 0.350   -5.256  0.105   1.00 22.35 ? 61   THR A CB  1 
ATOM   398 O  OG1 . THR A 1 61  ? 0.448   -6.424  0.932   1.00 23.94 ? 61   THR A OG1 1 
ATOM   399 C  CG2 . THR A 1 61  ? 0.866   -4.064  0.910   1.00 21.78 ? 61   THR A CG2 1 
ATOM   400 N  N   . VAL A 1 62  ? -2.147  -2.838  -0.296  1.00 19.94 ? 62   VAL A N   1 
ATOM   401 C  CA  . VAL A 1 62  ? -2.360  -1.510  -0.856  1.00 20.82 ? 62   VAL A CA  1 
ATOM   402 C  C   . VAL A 1 62  ? -1.805  -0.473  0.098   1.00 22.05 ? 62   VAL A C   1 
ATOM   403 O  O   . VAL A 1 62  ? -2.029  -0.530  1.312   1.00 23.05 ? 62   VAL A O   1 
ATOM   404 C  CB  . VAL A 1 62  ? -3.855  -1.176  -1.078  1.00 19.86 ? 62   VAL A CB  1 
ATOM   405 C  CG1 . VAL A 1 62  ? -3.978  0.010   -1.994  1.00 19.09 ? 62   VAL A CG1 1 
ATOM   406 C  CG2 . VAL A 1 62  ? -4.604  -2.389  -1.640  1.00 18.25 ? 62   VAL A CG2 1 
ATOM   407 N  N   . SER A 1 63  ? -1.077  0.483   -0.452  1.00 22.40 ? 63   SER A N   1 
ATOM   408 C  CA  . SER A 1 63  ? -0.530  1.546   0.361   1.00 23.16 ? 63   SER A CA  1 
ATOM   409 C  C   . SER A 1 63  ? -1.100  2.848   -0.152  1.00 23.26 ? 63   SER A C   1 
ATOM   410 O  O   . SER A 1 63  ? -1.235  3.050   -1.351  1.00 23.94 ? 63   SER A O   1 
ATOM   411 C  CB  . SER A 1 63  ? 0.990   1.546   0.280   1.00 22.32 ? 63   SER A CB  1 
ATOM   412 O  OG  . SER A 1 63  ? 1.454   1.825   -1.027  1.00 26.08 ? 63   SER A OG  1 
ATOM   413 N  N   . TYR A 1 64  ? -1.449  3.723   0.776   1.00 23.80 ? 64   TYR A N   1 
ATOM   414 C  CA  . TYR A 1 64  ? -2.051  4.993   0.425   1.00 24.37 ? 64   TYR A CA  1 
ATOM   415 C  C   . TYR A 1 64  ? -1.078  6.151   0.622   1.00 26.75 ? 64   TYR A C   1 
ATOM   416 O  O   . TYR A 1 64  ? -0.355  6.217   1.617   1.00 27.67 ? 64   TYR A O   1 
ATOM   417 C  CB  . TYR A 1 64  ? -3.329  5.155   1.242   1.00 21.64 ? 64   TYR A CB  1 
ATOM   418 C  CG  . TYR A 1 64  ? -4.277  3.975   1.053   1.00 23.65 ? 64   TYR A CG  1 
ATOM   419 C  CD1 . TYR A 1 64  ? -4.984  3.797   -0.137  1.00 21.41 ? 64   TYR A CD1 1 
ATOM   420 C  CD2 . TYR A 1 64  ? -4.448  3.025   2.048   1.00 20.92 ? 64   TYR A CD2 1 
ATOM   421 C  CE1 . TYR A 1 64  ? -5.830  2.706   -0.320  1.00 22.66 ? 64   TYR A CE1 1 
ATOM   422 C  CE2 . TYR A 1 64  ? -5.296  1.933   1.859   1.00 23.68 ? 64   TYR A CE2 1 
ATOM   423 C  CZ  . TYR A 1 64  ? -5.980  1.788   0.675   1.00 20.51 ? 64   TYR A CZ  1 
ATOM   424 O  OH  . TYR A 1 64  ? -6.819  0.727   0.492   1.00 22.94 ? 64   TYR A OH  1 
ATOM   425 N  N   . TRP A 1 65  ? -1.059  7.054   -0.351  1.00 26.14 ? 65   TRP A N   1 
ATOM   426 C  CA  . TRP A 1 65  ? -0.139  8.177   -0.351  1.00 26.34 ? 65   TRP A CA  1 
ATOM   427 C  C   . TRP A 1 65  ? -0.803  9.467   -0.704  1.00 27.90 ? 65   TRP A C   1 
ATOM   428 O  O   . TRP A 1 65  ? -1.754  9.487   -1.471  1.00 27.69 ? 65   TRP A O   1 
ATOM   429 C  CB  . TRP A 1 65  ? 0.969   7.933   -1.356  1.00 26.36 ? 65   TRP A CB  1 
ATOM   430 C  CG  . TRP A 1 65  ? 1.577   6.635   -1.148  1.00 23.98 ? 65   TRP A CG  1 
ATOM   431 C  CD1 . TRP A 1 65  ? 1.095   5.437   -1.555  1.00 24.08 ? 65   TRP A CD1 1 
ATOM   432 C  CD2 . TRP A 1 65  ? 2.754   6.368   -0.401  1.00 23.46 ? 65   TRP A CD2 1 
ATOM   433 N  NE1 . TRP A 1 65  ? 1.900   4.430   -1.104  1.00 23.17 ? 65   TRP A NE1 1 
ATOM   434 C  CE2 . TRP A 1 65  ? 2.933   4.980   -0.391  1.00 23.18 ? 65   TRP A CE2 1 
ATOM   435 C  CE3 . TRP A 1 65  ? 3.684   7.173   0.259   1.00 24.52 ? 65   TRP A CE3 1 
ATOM   436 C  CZ2 . TRP A 1 65  ? 4.001   4.372   0.261   1.00 25.38 ? 65   TRP A CZ2 1 
ATOM   437 C  CZ3 . TRP A 1 65  ? 4.741   6.577   0.901   1.00 25.02 ? 65   TRP A CZ3 1 
ATOM   438 C  CH2 . TRP A 1 65  ? 4.896   5.189   0.898   1.00 25.68 ? 65   TRP A CH2 1 
ATOM   439 N  N   . ASP A 1 66  ? -0.271  10.554  -0.163  1.00 30.00 ? 66   ASP A N   1 
ATOM   440 C  CA  . ASP A 1 66  ? -0.837  11.866  -0.412  1.00 33.66 ? 66   ASP A CA  1 
ATOM   441 C  C   . ASP A 1 66  ? -0.519  12.481  -1.753  1.00 34.03 ? 66   ASP A C   1 
ATOM   442 O  O   . ASP A 1 66  ? -1.208  13.397  -2.171  1.00 35.82 ? 66   ASP A O   1 
ATOM   443 C  CB  . ASP A 1 66  ? -0.392  12.843  0.659   1.00 36.89 ? 66   ASP A CB  1 
ATOM   444 C  CG  . ASP A 1 66  ? 1.046   13.269  0.488   1.00 41.10 ? 66   ASP A CG  1 
ATOM   445 O  OD1 . ASP A 1 66  ? 1.532   13.369  -0.647  1.00 43.85 ? 66   ASP A OD1 1 
ATOM   446 O  OD2 . ASP A 1 66  ? 1.710   13.543  1.490   1.00 44.46 ? 66   ASP A OD2 1 
ATOM   447 N  N   . SER A 1 67  ? 0.514   12.020  -2.435  1.00 35.47 ? 67   SER A N   1 
ATOM   448 C  CA  . SER A 1 67  ? 0.824   12.638  -3.706  1.00 38.87 ? 67   SER A CA  1 
ATOM   449 C  C   . SER A 1 67  ? 1.637   11.731  -4.577  1.00 41.48 ? 67   SER A C   1 
ATOM   450 O  O   . SER A 1 67  ? 2.306   10.819  -4.102  1.00 40.68 ? 67   SER A O   1 
ATOM   451 C  CB  . SER A 1 67  ? 1.620   13.922  -3.494  1.00 39.80 ? 67   SER A CB  1 
ATOM   452 O  OG  . SER A 1 67  ? 2.927   13.625  -3.008  1.00 40.27 ? 67   SER A OG  1 
HETATM 453 N  N   . MSE A 1 68  ? 1.557   11.974  -5.871  1.00 44.89 ? 68   MSE A N   1 
HETATM 454 C  CA  . MSE A 1 68  ? 2.338   11.203  -6.807  1.00 49.78 ? 68   MSE A CA  1 
HETATM 455 C  C   . MSE A 1 68  ? 3.780   11.477  -6.440  1.00 50.08 ? 68   MSE A C   1 
HETATM 456 O  O   . MSE A 1 68  ? 4.609   10.581  -6.503  1.00 50.47 ? 68   MSE A O   1 
HETATM 457 C  CB  . MSE A 1 68  ? 2.070   11.672  -8.225  1.00 55.25 ? 68   MSE A CB  1 
HETATM 458 C  CG  . MSE A 1 68  ? 1.409   10.639  -9.102  1.00 63.10 ? 68   MSE A CG  1 
HETATM 459 SE SE  . MSE A 1 68  ? 0.180   11.499  -10.261 1.00 76.72 ? 68   MSE A SE  1 
HETATM 460 C  CE  . MSE A 1 68  ? 1.222   11.701  -11.803 1.00 70.00 ? 68   MSE A CE  1 
ATOM   461 N  N   . ASP A 1 69  ? 4.060   12.705  -6.014  1.00 50.66 ? 69   ASP A N   1 
ATOM   462 C  CA  . ASP A 1 69  ? 5.404   13.062  -5.641  1.00 50.33 ? 69   ASP A CA  1 
ATOM   463 C  C   . ASP A 1 69  ? 5.905   12.391  -4.372  1.00 50.04 ? 69   ASP A C   1 
ATOM   464 O  O   . ASP A 1 69  ? 7.106   12.251  -4.203  1.00 49.74 ? 69   ASP A O   1 
ATOM   465 C  CB  . ASP A 1 69  ? 5.531   14.560  -5.459  1.00 53.06 ? 69   ASP A CB  1 
ATOM   466 C  CG  . ASP A 1 69  ? 6.913   14.947  -5.007  1.00 54.85 ? 69   ASP A CG  1 
ATOM   467 O  OD1 . ASP A 1 69  ? 7.066   15.977  -4.328  1.00 57.09 ? 69   ASP A OD1 1 
ATOM   468 O  OD2 . ASP A 1 69  ? 7.866   14.206  -5.329  1.00 55.59 ? 69   ASP A OD2 1 
ATOM   469 N  N   . ALA A 1 70  ? 4.999   11.986  -3.485  1.00 48.65 ? 70   ALA A N   1 
ATOM   470 C  CA  . ALA A 1 70  ? 5.370   11.345  -2.230  1.00 47.28 ? 70   ALA A CA  1 
ATOM   471 C  C   . ALA A 1 70  ? 5.751   9.903   -2.477  1.00 47.21 ? 70   ALA A C   1 
ATOM   472 O  O   . ALA A 1 70  ? 6.503   9.311   -1.718  1.00 47.71 ? 70   ALA A O   1 
ATOM   473 C  CB  . ALA A 1 70  ? 4.213   11.406  -1.275  1.00 47.07 ? 70   ALA A CB  1 
ATOM   474 N  N   . ILE A 1 71  ? 5.245   9.366   -3.576  1.00 46.88 ? 71   ILE A N   1 
ATOM   475 C  CA  . ILE A 1 71  ? 5.478   7.989   -3.972  1.00 46.59 ? 71   ILE A CA  1 
ATOM   476 C  C   . ILE A 1 71  ? 6.810   7.872   -4.688  1.00 48.54 ? 71   ILE A C   1 
ATOM   477 O  O   . ILE A 1 71  ? 7.399   6.799   -4.723  1.00 47.78 ? 71   ILE A O   1 
ATOM   478 C  CB  . ILE A 1 71  ? 4.346   7.527   -4.920  1.00 43.04 ? 71   ILE A CB  1 
ATOM   479 C  CG1 . ILE A 1 71  ? 3.100   7.183   -4.108  1.00 41.24 ? 71   ILE A CG1 1 
ATOM   480 C  CG2 . ILE A 1 71  ? 4.796   6.383   -5.782  1.00 41.70 ? 71   ILE A CG2 1 
ATOM   481 C  CD1 . ILE A 1 71  ? 1.820   7.210   -4.903  1.00 36.82 ? 71   ILE A CD1 1 
ATOM   482 N  N   . ASN A 1 72  ? 7.279   8.973   -5.268  1.00 50.90 ? 72   ASN A N   1 
ATOM   483 C  CA  . ASN A 1 72  ? 8.546   8.964   -5.997  1.00 54.43 ? 72   ASN A CA  1 
ATOM   484 C  C   . ASN A 1 72  ? 9.761   9.085   -5.085  1.00 56.61 ? 72   ASN A C   1 
ATOM   485 O  O   . ASN A 1 72  ? 10.849  8.667   -5.440  1.00 57.50 ? 72   ASN A O   1 
ATOM   486 C  CB  . ASN A 1 72  ? 8.587   10.092  -7.020  1.00 54.44 ? 72   ASN A CB  1 
ATOM   487 C  CG  . ASN A 1 72  ? 7.810   9.776   -8.245  1.00 55.09 ? 72   ASN A CG  1 
ATOM   488 O  OD1 . ASN A 1 72  ? 7.861   8.661   -8.746  1.00 55.78 ? 72   ASN A OD1 1 
ATOM   489 N  ND2 . ASN A 1 72  ? 7.102   10.760  -8.762  1.00 54.90 ? 72   ASN A ND2 1 
ATOM   490 N  N   . HIS A 1 73  ? 9.577   9.681   -3.917  1.00 59.11 ? 73   HIS A N   1 
ATOM   491 C  CA  . HIS A 1 73  ? 10.658  9.837   -2.959  1.00 62.50 ? 73   HIS A CA  1 
ATOM   492 C  C   . HIS A 1 73  ? 10.679  8.611   -2.106  1.00 63.37 ? 73   HIS A C   1 
ATOM   493 O  O   . HIS A 1 73  ? 11.454  8.488   -1.166  1.00 64.36 ? 73   HIS A O   1 
ATOM   494 C  CB  . HIS A 1 73  ? 10.400  11.038  -2.085  1.00 65.10 ? 73   HIS A CB  1 
ATOM   495 C  CG  . HIS A 1 73  ? 11.258  12.204  -2.425  1.00 68.33 ? 73   HIS A CG  1 
ATOM   496 N  ND1 . HIS A 1 73  ? 12.540  12.340  -1.945  1.00 69.30 ? 73   HIS A ND1 1 
ATOM   497 C  CD2 . HIS A 1 73  ? 11.030  13.273  -3.221  1.00 68.49 ? 73   HIS A CD2 1 
ATOM   498 C  CE1 . HIS A 1 73  ? 13.064  13.450  -2.428  1.00 70.33 ? 73   HIS A CE1 1 
ATOM   499 N  NE2 . HIS A 1 73  ? 12.171  14.035  -3.204  1.00 69.69 ? 73   HIS A NE2 1 
ATOM   500 N  N   . TRP A 1 74  ? 9.759   7.720   -2.397  1.00 64.47 ? 74   TRP A N   1 
ATOM   501 C  CA  . TRP A 1 74  ? 9.731   6.497   -1.664  1.00 65.12 ? 74   TRP A CA  1 
ATOM   502 C  C   . TRP A 1 74  ? 10.381  5.493   -2.575  1.00 67.10 ? 74   TRP A C   1 
ATOM   503 O  O   . TRP A 1 74  ? 11.321  4.826   -2.176  1.00 67.19 ? 74   TRP A O   1 
ATOM   504 C  CB  . TRP A 1 74  ? 8.307   6.122   -1.364  1.00 62.27 ? 74   TRP A CB  1 
ATOM   505 C  CG  . TRP A 1 74  ? 8.168   4.770   -0.879  1.00 58.79 ? 74   TRP A CG  1 
ATOM   506 C  CD1 . TRP A 1 74  ? 8.957   4.152   0.016   1.00 57.54 ? 74   TRP A CD1 1 
ATOM   507 C  CD2 . TRP A 1 74  ? 7.149   3.843   -1.234  1.00 56.96 ? 74   TRP A CD2 1 
ATOM   508 N  NE1 . TRP A 1 74  ? 8.502   2.886   0.247   1.00 56.52 ? 74   TRP A NE1 1 
ATOM   509 C  CE2 . TRP A 1 74  ? 7.388   2.673   -0.516  1.00 55.73 ? 74   TRP A CE2 1 
ATOM   510 C  CE3 . TRP A 1 74  ? 6.058   3.887   -2.100  1.00 56.46 ? 74   TRP A CE3 1 
ATOM   511 C  CZ2 . TRP A 1 74  ? 6.573   1.560   -0.623  1.00 55.35 ? 74   TRP A CZ2 1 
ATOM   512 C  CZ3 . TRP A 1 74  ? 5.254   2.782   -2.204  1.00 55.07 ? 74   TRP A CZ3 1 
ATOM   513 C  CH2 . TRP A 1 74  ? 5.514   1.635   -1.477  1.00 55.51 ? 74   TRP A CH2 1 
ATOM   514 N  N   . ARG A 1 75  ? 9.887   5.376   -3.796  1.00 70.13 ? 75   ARG A N   1 
ATOM   515 C  CA  . ARG A 1 75  ? 10.505  4.465   -4.719  1.00 73.42 ? 75   ARG A CA  1 
ATOM   516 C  C   . ARG A 1 75  ? 11.960  4.914   -4.821  1.00 75.42 ? 75   ARG A C   1 
ATOM   517 O  O   . ARG A 1 75  ? 12.831  4.100   -5.100  1.00 75.42 ? 75   ARG A O   1 
ATOM   518 C  CB  . ARG A 1 75  ? 9.825   4.582   -6.066  1.00 74.85 ? 75   ARG A CB  1 
ATOM   519 C  CG  . ARG A 1 75  ? 10.751  4.317   -7.216  1.00 77.44 ? 75   ARG A CG  1 
ATOM   520 C  CD  . ARG A 1 75  ? 10.452  3.016   -7.883  1.00 79.81 ? 75   ARG A CD  1 
ATOM   521 N  NE  . ARG A 1 75  ? 10.844  3.075   -9.285  1.00 81.55 ? 75   ARG A NE  1 
ATOM   522 C  CZ  . ARG A 1 75  ? 9.986   3.034   -10.299 1.00 82.46 ? 75   ARG A CZ  1 
ATOM   523 N  NH1 . ARG A 1 75  ? 8.680   2.927   -10.066 1.00 82.97 ? 75   ARG A NH1 1 
ATOM   524 N  NH2 . ARG A 1 75  ? 10.430  3.120   -11.546 1.00 82.25 ? 75   ARG A NH2 1 
ATOM   525 N  N   . HIS A 1 76  ? 12.215  6.198   -4.560  1.00 77.62 ? 76   HIS A N   1 
ATOM   526 C  CA  . HIS A 1 76  ? 13.563  6.767   -4.652  1.00 79.70 ? 76   HIS A CA  1 
ATOM   527 C  C   . HIS A 1 76  ? 14.553  6.397   -3.539  1.00 80.66 ? 76   HIS A C   1 
ATOM   528 O  O   . HIS A 1 76  ? 15.692  6.013   -3.832  1.00 80.98 ? 76   HIS A O   1 
ATOM   529 C  CB  . HIS A 1 76  ? 13.487  8.290   -4.756  1.00 80.00 ? 76   HIS A CB  1 
ATOM   530 C  CG  . HIS A 1 76  ? 14.810  8.968   -4.599  1.00 80.59 ? 76   HIS A CG  1 
ATOM   531 N  ND1 . HIS A 1 76  ? 15.586  9.360   -5.670  1.00 80.69 ? 76   HIS A ND1 1 
ATOM   532 C  CD2 . HIS A 1 76  ? 15.515  9.291   -3.488  1.00 80.92 ? 76   HIS A CD2 1 
ATOM   533 C  CE1 . HIS A 1 76  ? 16.708  9.893   -5.225  1.00 80.51 ? 76   HIS A CE1 1 
ATOM   534 N  NE2 . HIS A 1 76  ? 16.691  9.862   -3.904  1.00 80.81 ? 76   HIS A NE2 1 
ATOM   535 N  N   . HIS A 1 77  ? 14.143  6.521   -2.279  1.00 81.57 ? 77   HIS A N   1 
ATOM   536 C  CA  . HIS A 1 77  ? 15.032  6.202   -1.154  1.00 82.72 ? 77   HIS A CA  1 
ATOM   537 C  C   . HIS A 1 77  ? 15.227  4.701   -0.961  1.00 82.86 ? 77   HIS A C   1 
ATOM   538 O  O   . HIS A 1 77  ? 16.066  4.249   -0.173  1.00 83.59 ? 77   HIS A O   1 
ATOM   539 C  CB  . HIS A 1 77  ? 14.469  6.848   0.115   1.00 83.44 ? 77   HIS A CB  1 
ATOM   540 C  CG  . HIS A 1 77  ? 14.327  5.908   1.269   1.00 84.50 ? 77   HIS A CG  1 
ATOM   541 N  ND1 . HIS A 1 77  ? 14.211  4.546   1.102   1.00 84.46 ? 77   HIS A ND1 1 
ATOM   542 C  CD2 . HIS A 1 77  ? 14.288  6.127   2.605   1.00 84.69 ? 77   HIS A CD2 1 
ATOM   543 C  CE1 . HIS A 1 77  ? 14.119  3.965   2.279   1.00 85.03 ? 77   HIS A CE1 1 
ATOM   544 N  NE2 . HIS A 1 77  ? 14.161  4.903   3.211   1.00 85.06 ? 77   HIS A NE2 1 
ATOM   545 N  N   . THR A 1 78  ? 14.506  3.951   -1.768  1.00 82.60 ? 78   THR A N   1 
ATOM   546 C  CA  . THR A 1 78  ? 14.492  2.522   -1.698  1.00 82.36 ? 78   THR A CA  1 
ATOM   547 C  C   . THR A 1 78  ? 15.723  1.818   -2.262  1.00 82.32 ? 78   THR A C   1 
ATOM   548 O  O   . THR A 1 78  ? 16.347  2.252   -3.237  1.00 82.31 ? 78   THR A O   1 
ATOM   549 C  CB  . THR A 1 78  ? 13.212  2.044   -2.390  1.00 82.57 ? 78   THR A CB  1 
ATOM   550 O  OG1 . THR A 1 78  ? 12.276  1.604   -1.402  1.00 81.99 ? 78   THR A OG1 1 
ATOM   551 C  CG2 . THR A 1 78  ? 13.499  0.907   -3.377  1.00 82.87 ? 78   THR A CG2 1 
ATOM   552 N  N   . TYR A 1 92  ? 8.657   -13.946 -5.708  1.00 31.60 ? 92   TYR A N   1 
ATOM   553 C  CA  . TYR A 1 92  ? 7.345   -13.874 -6.329  1.00 34.17 ? 92   TYR A CA  1 
ATOM   554 C  C   . TYR A 1 92  ? 7.198   -14.645 -7.613  1.00 34.08 ? 92   TYR A C   1 
ATOM   555 O  O   . TYR A 1 92  ? 7.932   -14.424 -8.567  1.00 35.66 ? 92   TYR A O   1 
ATOM   556 C  CB  . TYR A 1 92  ? 6.962   -12.427 -6.610  1.00 32.97 ? 92   TYR A CB  1 
ATOM   557 C  CG  . TYR A 1 92  ? 6.897   -11.602 -5.366  1.00 35.46 ? 92   TYR A CG  1 
ATOM   558 C  CD1 . TYR A 1 92  ? 6.116   -11.995 -4.298  1.00 36.19 ? 92   TYR A CD1 1 
ATOM   559 C  CD2 . TYR A 1 92  ? 7.623   -10.439 -5.243  1.00 37.15 ? 92   TYR A CD2 1 
ATOM   560 C  CE1 . TYR A 1 92  ? 6.070   -11.263 -3.136  1.00 37.94 ? 92   TYR A CE1 1 
ATOM   561 C  CE2 . TYR A 1 92  ? 7.577   -9.697  -4.081  1.00 38.56 ? 92   TYR A CE2 1 
ATOM   562 C  CZ  . TYR A 1 92  ? 6.794   -10.112 -3.029  1.00 38.78 ? 92   TYR A CZ  1 
ATOM   563 O  OH  . TYR A 1 92  ? 6.740   -9.385  -1.859  1.00 41.69 ? 92   TYR A OH  1 
ATOM   564 N  N   . GLU A 1 93  ? 6.255   -15.573 -7.620  1.00 32.97 ? 93   GLU A N   1 
ATOM   565 C  CA  . GLU A 1 93  ? 5.947   -16.340 -8.817  1.00 31.84 ? 93   GLU A CA  1 
ATOM   566 C  C   . GLU A 1 93  ? 5.377   -15.325 -9.825  1.00 30.32 ? 93   GLU A C   1 
ATOM   567 O  O   . GLU A 1 93  ? 5.593   -15.450 -11.038 1.00 28.10 ? 93   GLU A O   1 
ATOM   568 C  CB  . GLU A 1 93  ? 4.947   -17.432 -8.430  1.00 35.91 ? 93   GLU A CB  1 
ATOM   569 C  CG  . GLU A 1 93  ? 4.313   -18.267 -9.525  1.00 39.67 ? 93   GLU A CG  1 
ATOM   570 C  CD  . GLU A 1 93  ? 3.348   -19.300 -8.949  1.00 42.96 ? 93   GLU A CD  1 
ATOM   571 O  OE1 . GLU A 1 93  ? 2.145   -19.281 -9.284  1.00 43.41 ? 93   GLU A OE1 1 
ATOM   572 O  OE2 . GLU A 1 93  ? 3.796   -20.144 -8.152  1.00 44.95 ? 93   GLU A OE2 1 
ATOM   573 N  N   . SER A 1 94  ? 4.682   -14.309 -9.303  1.00 28.13 ? 94   SER A N   1 
ATOM   574 C  CA  . SER A 1 94  ? 4.129   -13.224 -10.117 1.00 27.19 ? 94   SER A CA  1 
ATOM   575 C  C   . SER A 1 94  ? 3.692   -12.035 -9.257  1.00 26.72 ? 94   SER A C   1 
ATOM   576 O  O   . SER A 1 94  ? 3.455   -12.190 -8.059  1.00 26.38 ? 94   SER A O   1 
ATOM   577 C  CB  . SER A 1 94  ? 2.943   -13.725 -10.939 1.00 26.84 ? 94   SER A CB  1 
ATOM   578 O  OG  . SER A 1 94  ? 1.889   -14.212 -10.118 1.00 27.02 ? 94   SER A OG  1 
ATOM   579 N  N   . TYR A 1 95  ? 3.643   -10.843 -9.852  1.00 25.98 ? 95   TYR A N   1 
ATOM   580 C  CA  . TYR A 1 95  ? 3.172   -9.657  -9.147  1.00 25.12 ? 95   TYR A CA  1 
ATOM   581 C  C   . TYR A 1 95  ? 2.732   -8.610  -10.133 1.00 25.33 ? 95   TYR A C   1 
ATOM   582 O  O   . TYR A 1 95  ? 3.037   -8.678  -11.329 1.00 27.09 ? 95   TYR A O   1 
ATOM   583 C  CB  . TYR A 1 95  ? 4.242   -9.057  -8.209  1.00 27.48 ? 95   TYR A CB  1 
ATOM   584 C  CG  . TYR A 1 95  ? 5.388   -8.268  -8.839  1.00 27.95 ? 95   TYR A CG  1 
ATOM   585 C  CD1 . TYR A 1 95  ? 5.256   -6.932  -9.197  1.00 29.39 ? 95   TYR A CD1 1 
ATOM   586 C  CD2 . TYR A 1 95  ? 6.615   -8.858  -9.045  1.00 29.33 ? 95   TYR A CD2 1 
ATOM   587 C  CE1 . TYR A 1 95  ? 6.336   -6.213  -9.750  1.00 29.81 ? 95   TYR A CE1 1 
ATOM   588 C  CE2 . TYR A 1 95  ? 7.670   -8.155  -9.587  1.00 29.27 ? 95   TYR A CE2 1 
ATOM   589 C  CZ  . TYR A 1 95  ? 7.538   -6.849  -9.940  1.00 28.93 ? 95   TYR A CZ  1 
ATOM   590 O  OH  . TYR A 1 95  ? 8.621   -6.223  -10.515 1.00 33.65 ? 95   TYR A OH  1 
ATOM   591 N  N   . ALA A 1 96  ? 1.982   -7.651  -9.620  1.00 24.64 ? 96   ALA A N   1 
ATOM   592 C  CA  . ALA A 1 96  ? 1.511   -6.550  -10.419 1.00 23.53 ? 96   ALA A CA  1 
ATOM   593 C  C   . ALA A 1 96  ? 1.548   -5.350  -9.495  1.00 23.45 ? 96   ALA A C   1 
ATOM   594 O  O   . ALA A 1 96  ? 1.218   -5.444  -8.314  1.00 23.42 ? 96   ALA A O   1 
ATOM   595 C  CB  . ALA A 1 96  ? 0.113   -6.809  -10.889 1.00 22.60 ? 96   ALA A CB  1 
ATOM   596 N  N   . VAL A 1 97  ? 2.012   -4.234  -10.026 1.00 23.96 ? 97   VAL A N   1 
ATOM   597 C  CA  . VAL A 1 97  ? 2.077   -3.004  -9.272  1.00 23.81 ? 97   VAL A CA  1 
ATOM   598 C  C   . VAL A 1 97  ? 1.246   -2.015  -10.049 1.00 24.28 ? 97   VAL A C   1 
ATOM   599 O  O   . VAL A 1 97  ? 1.547   -1.728  -11.203 1.00 26.10 ? 97   VAL A O   1 
ATOM   600 C  CB  . VAL A 1 97  ? 3.506   -2.442  -9.210  1.00 26.07 ? 97   VAL A CB  1 
ATOM   601 C  CG1 . VAL A 1 97  ? 3.497   -1.102  -8.509  1.00 23.34 ? 97   VAL A CG1 1 
ATOM   602 C  CG2 . VAL A 1 97  ? 4.428   -3.421  -8.507  1.00 23.14 ? 97   VAL A CG2 1 
ATOM   603 N  N   . ARG A 1 98  ? 0.196   -1.499  -9.429  1.00 22.73 ? 98   ARG A N   1 
ATOM   604 C  CA  . ARG A 1 98  ? -0.627  -0.516  -10.103 1.00 20.53 ? 98   ARG A CA  1 
ATOM   605 C  C   . ARG A 1 98  ? -0.748  0.714   -9.232  1.00 21.60 ? 98   ARG A C   1 
ATOM   606 O  O   . ARG A 1 98  ? -1.052  0.613   -8.041  1.00 21.41 ? 98   ARG A O   1 
ATOM   607 C  CB  . ARG A 1 98  ? -2.020  -1.057  -10.358 1.00 18.18 ? 98   ARG A CB  1 
ATOM   608 C  CG  . ARG A 1 98  ? -2.064  -2.287  -11.225 1.00 22.54 ? 98   ARG A CG  1 
ATOM   609 C  CD  . ARG A 1 98  ? -3.370  -3.004  -11.005 1.00 22.59 ? 98   ARG A CD  1 
ATOM   610 N  NE  . ARG A 1 98  ? -3.590  -4.042  -11.996 1.00 24.75 ? 98   ARG A NE  1 
ATOM   611 C  CZ  . ARG A 1 98  ? -3.580  -5.342  -11.724 1.00 25.65 ? 98   ARG A CZ  1 
ATOM   612 N  NH1 . ARG A 1 98  ? -3.363  -5.796  -10.495 1.00 26.89 ? 98   ARG A NH1 1 
ATOM   613 N  NH2 . ARG A 1 98  ? -3.801  -6.202  -12.693 1.00 25.06 ? 98   ARG A NH2 1 
ATOM   614 N  N   . VAL A 1 99  ? -0.488  1.882   -9.798  1.00 19.17 ? 99   VAL A N   1 
ATOM   615 C  CA  . VAL A 1 99  ? -0.660  3.070   -8.996  1.00 20.14 ? 99   VAL A CA  1 
ATOM   616 C  C   . VAL A 1 99  ? -1.873  3.794   -9.531  1.00 20.41 ? 99   VAL A C   1 
ATOM   617 O  O   . VAL A 1 99  ? -2.036  3.974   -10.731 1.00 19.90 ? 99   VAL A O   1 
ATOM   618 C  CB  . VAL A 1 99  ? 0.634   3.934   -8.910  1.00 18.55 ? 99   VAL A CB  1 
ATOM   619 C  CG1 . VAL A 1 99  ? 1.664   3.447   -9.875  1.00 20.84 ? 99   VAL A CG1 1 
ATOM   620 C  CG2 . VAL A 1 99  ? 0.337   5.378   -9.064  1.00 17.23 ? 99   VAL A CG2 1 
ATOM   621 N  N   . ALA A 1 100 ? -2.758  4.143   -8.611  1.00 20.90 ? 100  ALA A N   1 
ATOM   622 C  CA  . ALA A 1 100 ? -4.021  4.737   -8.980  1.00 22.71 ? 100  ALA A CA  1 
ATOM   623 C  C   . ALA A 1 100 ? -4.389  5.941   -8.172  1.00 22.55 ? 100  ALA A C   1 
ATOM   624 O  O   . ALA A 1 100 ? -3.944  6.112   -7.039  1.00 23.76 ? 100  ALA A O   1 
ATOM   625 C  CB  . ALA A 1 100 ? -5.113  3.687   -8.866  1.00 23.94 ? 100  ALA A CB  1 
ATOM   626 N  N   . LYS A 1 101 ? -5.192  6.802   -8.772  1.00 23.84 ? 101  LYS A N   1 
ATOM   627 C  CA  . LYS A 1 101 ? -5.604  7.996   -8.066  1.00 24.67 ? 101  LYS A CA  1 
ATOM   628 C  C   . LYS A 1 101 ? -7.017  7.822   -7.549  1.00 22.83 ? 101  LYS A C   1 
ATOM   629 O  O   . LYS A 1 101 ? -7.973  7.722   -8.308  1.00 25.47 ? 101  LYS A O   1 
ATOM   630 C  CB  . LYS A 1 101 ? -5.486  9.207   -8.974  1.00 24.35 ? 101  LYS A CB  1 
ATOM   631 C  CG  . LYS A 1 101 ? -5.784  10.508  -8.277  1.00 25.93 ? 101  LYS A CG  1 
ATOM   632 C  CD  . LYS A 1 101 ? -5.680  11.622  -9.289  1.00 30.44 ? 101  LYS A CD  1 
ATOM   633 C  CE  . LYS A 1 101 ? -6.254  12.915  -8.785  1.00 33.74 ? 101  LYS A CE  1 
ATOM   634 N  NZ  . LYS A 1 101 ? -5.190  13.960  -8.634  1.00 36.90 ? 101  LYS A NZ  1 
ATOM   635 N  N   . VAL A 1 102 ? -7.126  7.772   -6.233  1.00 22.41 ? 102  VAL A N   1 
ATOM   636 C  CA  . VAL A 1 102 ? -8.393  7.558   -5.569  1.00 22.64 ? 102  VAL A CA  1 
ATOM   637 C  C   . VAL A 1 102 ? -9.273  8.794   -5.544  1.00 24.91 ? 102  VAL A C   1 
ATOM   638 O  O   . VAL A 1 102 ? -8.884  9.838   -5.024  1.00 23.44 ? 102  VAL A O   1 
ATOM   639 C  CB  . VAL A 1 102 ? -8.167  7.067   -4.139  1.00 21.18 ? 102  VAL A CB  1 
ATOM   640 C  CG1 . VAL A 1 102 ? -9.456  7.150   -3.365  1.00 21.35 ? 102  VAL A CG1 1 
ATOM   641 C  CG2 . VAL A 1 102 ? -7.633  5.655   -4.157  1.00 21.06 ? 102  VAL A CG2 1 
ATOM   642 N  N   . ASP A 1 103 ? -10.450 8.705   -6.152  1.00 27.30 ? 103  ASP A N   1 
ATOM   643 C  CA  . ASP A 1 103 ? -11.315 9.868   -6.120  1.00 29.37 ? 103  ASP A CA  1 
ATOM   644 C  C   . ASP A 1 103 ? -12.549 9.659   -5.273  1.00 28.85 ? 103  ASP A C   1 
ATOM   645 O  O   . ASP A 1 103 ? -13.310 10.589  -5.066  1.00 30.60 ? 103  ASP A O   1 
ATOM   646 C  CB  . ASP A 1 103 ? -11.681 10.330  -7.537  1.00 28.88 ? 103  ASP A CB  1 
ATOM   647 C  CG  . ASP A 1 103 ? -12.731 9.468   -8.213  1.00 33.13 ? 103  ASP A CG  1 
ATOM   648 O  OD1 . ASP A 1 103 ? -13.164 8.430   -7.703  1.00 34.80 ? 103  ASP A OD1 1 
ATOM   649 O  OD2 . ASP A 1 103 ? -13.143 9.841   -9.314  1.00 38.52 ? 103  ASP A OD2 1 
ATOM   650 N  N   . ARG A 1 104 ? -12.701 8.476   -4.694  1.00 26.88 ? 104  ARG A N   1 
ATOM   651 C  CA  . ARG A 1 104 ? -13.902 8.224   -3.918  1.00 28.43 ? 104  ARG A CA  1 
ATOM   652 C  C   . ARG A 1 104 ? -13.712 7.228   -2.813  1.00 24.81 ? 104  ARG A C   1 
ATOM   653 O  O   . ARG A 1 104 ? -13.041 6.219   -2.997  1.00 22.44 ? 104  ARG A O   1 
ATOM   654 C  CB  . ARG A 1 104 ? -14.967 7.682   -4.859  1.00 34.01 ? 104  ARG A CB  1 
ATOM   655 C  CG  . ARG A 1 104 ? -16.360 8.109   -4.571  1.00 40.35 ? 104  ARG A CG  1 
ATOM   656 C  CD  . ARG A 1 104 ? -17.114 8.186   -5.878  1.00 45.81 ? 104  ARG A CD  1 
ATOM   657 N  NE  . ARG A 1 104 ? -17.274 6.886   -6.524  1.00 52.16 ? 104  ARG A NE  1 
ATOM   658 C  CZ  . ARG A 1 104 ? -18.454 6.306   -6.714  1.00 55.12 ? 104  ARG A CZ  1 
ATOM   659 N  NH1 . ARG A 1 104 ? -19.559 6.915   -6.303  1.00 55.58 ? 104  ARG A NH1 1 
ATOM   660 N  NH2 . ARG A 1 104 ? -18.540 5.125   -7.311  1.00 55.38 ? 104  ARG A NH2 1 
ATOM   661 N  N   . GLN A 1 105 ? -14.340 7.484   -1.677  1.00 23.97 ? 105  GLN A N   1 
ATOM   662 C  CA  . GLN A 1 105 ? -14.245 6.544   -0.584  1.00 25.14 ? 105  GLN A CA  1 
ATOM   663 C  C   . GLN A 1 105 ? -15.463 6.521   0.295   1.00 27.23 ? 105  GLN A C   1 
ATOM   664 O  O   . GLN A 1 105 ? -16.180 7.514   0.461   1.00 24.96 ? 105  GLN A O   1 
ATOM   665 C  CB  . GLN A 1 105 ? -13.018 6.805   0.296   1.00 25.03 ? 105  GLN A CB  1 
ATOM   666 C  CG  . GLN A 1 105 ? -13.096 8.047   1.141   1.00 26.89 ? 105  GLN A CG  1 
ATOM   667 C  CD  . GLN A 1 105 ? -11.992 8.113   2.170   1.00 27.23 ? 105  GLN A CD  1 
ATOM   668 O  OE1 . GLN A 1 105 ? -10.983 7.435   2.053   1.00 20.73 ? 105  GLN A OE1 1 
ATOM   669 N  NE2 . GLN A 1 105 ? -12.173 8.950   3.175   1.00 27.31 ? 105  GLN A NE2 1 
ATOM   670 N  N   . ARG A 1 106 ? -15.682 5.350   0.866   1.00 29.58 ? 106  ARG A N   1 
ATOM   671 C  CA  . ARG A 1 106 ? -16.779 5.145   1.764   1.00 29.99 ? 106  ARG A CA  1 
ATOM   672 C  C   . ARG A 1 106 ? -16.244 4.210   2.830   1.00 29.09 ? 106  ARG A C   1 
ATOM   673 O  O   . ARG A 1 106 ? -15.771 3.121   2.531   1.00 25.80 ? 106  ARG A O   1 
ATOM   674 C  CB  . ARG A 1 106 ? -17.930 4.536   1.007   1.00 31.64 ? 106  ARG A CB  1 
ATOM   675 C  CG  . ARG A 1 106 ? -19.163 4.461   1.814   1.00 37.54 ? 106  ARG A CG  1 
ATOM   676 C  CD  . ARG A 1 106 ? -19.544 3.051   2.043   1.00 41.67 ? 106  ARG A CD  1 
ATOM   677 N  NE  . ARG A 1 106 ? -20.947 2.775   1.760   1.00 46.39 ? 106  ARG A NE  1 
ATOM   678 C  CZ  . ARG A 1 106 ? -21.743 3.549   1.037   1.00 47.56 ? 106  ARG A CZ  1 
ATOM   679 N  NH1 . ARG A 1 106 ? -21.286 4.666   0.515   1.00 50.80 ? 106  ARG A NH1 1 
ATOM   680 N  NH2 . ARG A 1 106 ? -22.997 3.194   0.825   1.00 49.05 ? 106  ARG A NH2 1 
ATOM   681 N  N   . LEU A 1 107 ? -16.269 4.680   4.070   1.00 28.97 ? 107  LEU A N   1 
ATOM   682 C  CA  . LEU A 1 107 ? -15.769 3.905   5.188   1.00 29.76 ? 107  LEU A CA  1 
ATOM   683 C  C   . LEU A 1 107 ? -16.909 3.482   6.105   1.00 28.38 ? 107  LEU A C   1 
ATOM   684 O  O   . LEU A 1 107 ? -17.843 4.235   6.321   1.00 29.65 ? 107  LEU A O   1 
ATOM   685 C  CB  . LEU A 1 107 ? -14.730 4.736   5.924   1.00 29.03 ? 107  LEU A CB  1 
ATOM   686 C  CG  . LEU A 1 107 ? -13.672 5.327   4.966   1.00 31.59 ? 107  LEU A CG  1 
ATOM   687 C  CD1 . LEU A 1 107 ? -13.051 6.551   5.578   1.00 30.43 ? 107  LEU A CD1 1 
ATOM   688 C  CD2 . LEU A 1 107 ? -12.649 4.299   4.567   1.00 31.60 ? 107  LEU A CD2 1 
ATOM   689 N  N   . PHE A 1 108 ? -16.816 2.274   6.653   1.00 29.27 ? 108  PHE A N   1 
ATOM   690 C  CA  . PHE A 1 108 ? -17.887 1.713   7.485   1.00 28.92 ? 108  PHE A CA  1 
ATOM   691 C  C   . PHE A 1 108 ? -17.388 0.798   8.590   1.00 28.60 ? 108  PHE A C   1 
ATOM   692 O  O   . PHE A 1 108 ? -16.441 0.045   8.401   1.00 29.88 ? 108  PHE A O   1 
ATOM   693 C  CB  . PHE A 1 108 ? -18.849 0.915   6.582   1.00 29.90 ? 108  PHE A CB  1 
ATOM   694 C  CG  . PHE A 1 108 ? -19.879 0.096   7.329   1.00 30.61 ? 108  PHE A CG  1 
ATOM   695 C  CD1 . PHE A 1 108 ? -21.178 0.543   7.463   1.00 33.70 ? 108  PHE A CD1 1 
ATOM   696 C  CD2 . PHE A 1 108 ? -19.555 -1.135  7.870   1.00 30.82 ? 108  PHE A CD2 1 
ATOM   697 C  CE1 . PHE A 1 108 ? -22.136 -0.233  8.129   1.00 34.57 ? 108  PHE A CE1 1 
ATOM   698 C  CE2 . PHE A 1 108 ? -20.509 -1.907  8.533   1.00 32.93 ? 108  PHE A CE2 1 
ATOM   699 C  CZ  . PHE A 1 108 ? -21.798 -1.454  8.658   1.00 32.71 ? 108  PHE A CZ  1 
ATOM   700 N  N   . GLN A 1 109 ? -18.028 0.888   9.750   1.00 28.47 ? 109  GLN A N   1 
ATOM   701 C  CA  . GLN A 1 109 ? -17.711 0.034   10.891  1.00 30.89 ? 109  GLN A CA  1 
ATOM   702 C  C   . GLN A 1 109 ? -18.928 -0.064  11.806  1.00 30.56 ? 109  GLN A C   1 
ATOM   703 O  O   . GLN A 1 109 ? -19.657 0.903   11.992  1.00 30.82 ? 109  GLN A O   1 
ATOM   704 C  CB  . GLN A 1 109 ? -16.468 0.516   11.680  1.00 30.64 ? 109  GLN A CB  1 
ATOM   705 C  CG  . GLN A 1 109 ? -16.561 1.859   12.356  1.00 36.25 ? 109  GLN A CG  1 
ATOM   706 C  CD  . GLN A 1 109 ? -15.288 2.208   13.114  1.00 40.52 ? 109  GLN A CD  1 
ATOM   707 O  OE1 . GLN A 1 109 ? -14.755 3.309   12.994  1.00 43.67 ? 109  GLN A OE1 1 
ATOM   708 N  NE2 . GLN A 1 109 ? -14.807 1.273   13.911  1.00 41.23 ? 109  GLN A NE2 1 
ATOM   709 N  N   . GLU A 1 110 ? -19.176 -1.265  12.316  1.00 30.74 ? 110  GLU A N   1 
ATOM   710 C  CA  . GLU A 1 110 ? -20.297 -1.524  13.217  1.00 32.81 ? 110  GLU A CA  1 
ATOM   711 C  C   . GLU A 1 110 ? -19.824 -2.599  14.204  1.00 32.80 ? 110  GLU A C   1 
ATOM   712 O  O   . GLU A 1 110 ? -19.201 -3.584  13.727  1.00 30.10 ? 110  GLU A O   1 
ATOM   713 C  CB  . GLU A 1 110 ? -21.512 -2.055  12.435  1.00 36.59 ? 110  GLU A CB  1 
ATOM   714 C  CG  . GLU A 1 110 ? -22.856 -1.553  12.939  1.00 39.46 ? 110  GLU A CG  1 
ATOM   715 C  CD  . GLU A 1 110 ? -24.026 -2.386  12.465  1.00 41.50 ? 110  GLU A CD  1 
ATOM   716 O  OE1 . GLU A 1 110 ? -24.627 -3.092  13.298  1.00 46.30 ? 110  GLU A OE1 1 
ATOM   717 O  OE2 . GLU A 1 110 ? -24.351 -2.354  11.267  1.00 42.84 ? 110  GLU A OE2 1 
HETATM 718 O  O   . HOH B 2 .   ? -2.068  -4.679  -8.394  1.00 25.89 ? 3001 HOH A O   1 
HETATM 719 O  O   . HOH B 2 .   ? 1.916   -0.722  -1.718  1.00 20.66 ? 3002 HOH A O   1 
HETATM 720 O  O   . HOH B 2 .   ? 0.860   -8.742  -2.391  1.00 28.74 ? 3003 HOH A O   1 
HETATM 721 O  O   . HOH B 2 .   ? -2.693  -4.634  7.030   1.00 27.92 ? 3005 HOH A O   1 
HETATM 722 O  O   . HOH B 2 .   ? -3.498  -2.275  8.043   1.00 42.77 ? 3007 HOH A O   1 
HETATM 723 O  O   . HOH B 2 .   ? -11.739 9.331   -11.422 1.00 38.27 ? 3008 HOH A O   1 
HETATM 724 O  O   . HOH B 2 .   ? 1.660   -16.708 -10.148 1.00 29.43 ? 3009 HOH A O   1 
HETATM 725 O  O   . HOH B 2 .   ? 3.199   -11.770 3.088   1.00 50.99 ? 3011 HOH A O   1 
HETATM 726 O  O   . HOH B 2 .   ? 11.264  -8.120  10.130  1.00 43.48 ? 3014 HOH A O   1 
HETATM 727 O  O   . HOH B 2 .   ? -9.871  14.834  5.422   1.00 37.17 ? 3015 HOH A O   1 
HETATM 728 O  O   . HOH B 2 .   ? 0.382   -9.178  0.875   1.00 40.22 ? 3016 HOH A O   1 
HETATM 729 O  O   . HOH B 2 .   ? -10.029 -4.272  12.523  1.00 40.93 ? 3017 HOH A O   1 
HETATM 730 O  O   . HOH B 2 .   ? -12.208 13.694  -5.576  1.00 49.90 ? 3019 HOH A O   1 
HETATM 731 O  O   . HOH B 2 .   ? 5.659   -10.167 6.779   1.00 54.98 ? 3022 HOH A O   1 
HETATM 732 O  O   . HOH B 2 .   ? -9.524  9.968   -10.053 1.00 41.82 ? 3023 HOH A O   1 
HETATM 733 O  O   . HOH B 2 .   ? 7.904   10.263  0.585   1.00 73.15 ? 3025 HOH A O   1 
HETATM 734 O  O   . HOH B 2 .   ? -17.068 -0.429  16.056  1.00 51.38 ? 3026 HOH A O   1 
HETATM 735 O  O   . HOH B 2 .   ? 11.188  -8.037  -10.204 1.00 63.37 ? 3028 HOH A O   1 
HETATM 736 O  O   . HOH B 2 .   ? -10.120 -1.966  10.232  1.00 47.78 ? 3032 HOH A O   1 
HETATM 737 O  O   . HOH B 2 .   ? -18.458 9.326   -12.370 1.00 52.79 ? 3033 HOH A O   1 
HETATM 738 O  O   . HOH B 2 .   ? -11.462 7.283   -9.554  1.00 51.20 ? 3034 HOH A O   1 
HETATM 739 O  O   . HOH B 2 .   ? -9.829  -16.298 -0.518  1.00 46.80 ? 3035 HOH A O   1 
HETATM 740 O  O   . HOH B 2 .   ? -3.999  4.605   8.227   1.00 45.49 ? 3036 HOH A O   1 
HETATM 741 O  O   . HOH B 2 .   ? 8.829   -0.499  0.467   1.00 45.44 ? 3037 HOH A O   1 
HETATM 742 O  O   . HOH B 2 .   ? -2.688  12.361  -11.784 1.00 45.01 ? 3042 HOH A O   1 
HETATM 743 O  O   . HOH B 2 .   ? 18.592  -8.155  5.632   1.00 42.31 ? 3043 HOH A O   1 
HETATM 744 O  O   . HOH B 2 .   ? -17.112 11.870  -11.379 1.00 50.25 ? 3047 HOH A O   1 
HETATM 745 O  O   . HOH B 2 .   ? 5.217   -10.528 0.970   1.00 60.08 ? 3053 HOH A O   1 
HETATM 746 O  O   . HOH B 2 .   ? 1.492   -17.440 1.846   1.00 51.08 ? 3057 HOH A O   1 
HETATM 747 O  O   . HOH B 2 .   ? -13.954 14.929  -1.534  1.00 72.86 ? 3064 HOH A O   1 
HETATM 748 O  O   . HOH B 2 .   ? -13.900 1.380   9.134   1.00 60.24 ? 3065 HOH A O   1 
HETATM 749 O  O   . HOH B 2 .   ? -12.855 0.225   11.636  1.00 57.53 ? 3071 HOH A O   1 
HETATM 750 O  O   . HOH B 2 .   ? -1.294  -20.323 -5.593  1.00 55.21 ? 3080 HOH A O   1 
HETATM 751 O  O   . HOH B 2 .   ? -22.543 -6.168  13.447  1.00 69.94 ? 3082 HOH A O   1 
HETATM 752 O  O   . HOH B 2 .   ? 5.669   1.808   -8.480  1.00 55.70 ? 3083 HOH A O   1 
HETATM 753 O  O   . HOH B 2 .   ? -0.947  -2.723  14.333  1.00 50.26 ? 3084 HOH A O   1 
HETATM 754 O  O   . HOH B 2 .   ? -5.065  -19.525 0.715   1.00 75.94 ? 3089 HOH A O   1 
HETATM 755 O  O   . HOH B 2 .   ? -17.097 12.220  -4.067  1.00 41.32 ? 3127 HOH A O   1 
HETATM 756 O  O   . HOH B 2 .   ? -4.322  13.551  -1.128  1.00 48.04 ? 3129 HOH A O   1 
HETATM 757 O  O   . HOH B 2 .   ? 4.107   -2.349  -0.937  1.00 50.88 ? 3131 HOH A O   1 
HETATM 758 O  O   . HOH B 2 .   ? 6.105   -4.556  -0.602  1.00 49.50 ? 3133 HOH A O   1 
HETATM 759 O  O   . HOH B 2 .   ? -4.613  -1.017  16.101  1.00 70.59 ? 3136 HOH A O   1 
HETATM 760 O  O   . HOH B 2 .   ? 16.923  1.883   3.336   1.00 56.54 ? 3138 HOH A O   1 
HETATM 761 O  O   . HOH B 2 .   ? -16.101 18.044  2.958   1.00 56.40 ? 3144 HOH A O   1 
HETATM 762 O  O   . HOH B 2 .   ? -0.331  0.287   16.402  1.00 68.29 ? 3145 HOH A O   1 
HETATM 763 O  O   . HOH B 2 .   ? 15.559  -13.123 -4.712  1.00 67.90 ? 3149 HOH A O   1 
HETATM 764 O  O   . HOH B 2 .   ? 7.908   -6.622  -0.981  1.00 60.62 ? 3151 HOH A O   1 
HETATM 765 O  O   . HOH B 2 .   ? 22.604  9.584   -8.962  1.00 51.90 ? 3160 HOH A O   1 
HETATM 766 O  O   . HOH B 2 .   ? 7.725   -2.197  -1.281  1.00 49.46 ? 3162 HOH A O   1 
HETATM 767 O  O   . HOH B 2 .   ? 9.416   0.837   -5.314  1.00 59.76 ? 3165 HOH A O   1 
HETATM 768 O  O   . HOH B 2 .   ? -11.038 17.383  6.155   1.00 52.67 ? 3168 HOH A O   1 
HETATM 769 O  O   . HOH B 2 .   ? -0.681  14.135  -12.607 1.00 63.24 ? 3172 HOH A O   1 
HETATM 770 O  O   . HOH B 2 .   ? -5.680  1.766   14.302  1.00 68.12 ? 3180 HOH A O   1 
HETATM 771 O  O   . HOH B 2 .   ? -11.705 -13.773 -7.244  1.00 60.26 ? 3181 HOH A O   1 
HETATM 772 O  O   . HOH B 2 .   ? -0.468  -5.092  15.215  1.00 60.67 ? 3196 HOH A O   1 
HETATM 773 O  O   . HOH B 2 .   ? 4.327   16.426  -0.754  1.00 51.00 ? 3200 HOH A O   1 
HETATM 774 O  O   . HOH B 2 .   ? 6.123   -3.176  -3.219  1.00 55.43 ? 3201 HOH A O   1 
HETATM 775 O  O   . HOH B 2 .   ? 5.428   2.544   -6.297  1.00 62.48 ? 3202 HOH A O   1 
HETATM 776 O  O   . HOH B 2 .   ? 3.311   -10.319 6.538   1.00 62.98 ? 3203 HOH A O   1 
HETATM 777 O  O   . HOH B 2 .   ? 13.217  -3.127  10.178  1.00 48.24 ? 3204 HOH A O   1 
HETATM 778 O  O   . HOH B 2 .   ? 8.796   -22.014 -3.079  1.00 49.66 ? 3206 HOH A O   1 
HETATM 779 O  O   . HOH B 2 .   ? 5.377   1.685   -11.406 1.00 56.92 ? 3215 HOH A O   1 
HETATM 780 O  O   . HOH B 2 .   ? 11.818  -14.322 -6.735  1.00 60.10 ? 3218 HOH A O   1 
HETATM 781 O  O   . HOH B 2 .   ? 18.705  3.148   -4.078  1.00 60.82 ? 3224 HOH A O   1 
HETATM 782 O  O   . HOH B 2 .   ? -0.670  1.562   12.329  1.00 83.34 ? 3233 HOH A O   1 
HETATM 783 O  O   . HOH B 2 .   ? 12.843  -12.908 3.416   1.00 42.95 ? 3237 HOH A O   1 
HETATM 784 O  O   . HOH B 2 .   ? -22.746 -4.398  9.503   1.00 55.26 ? 3239 HOH A O   1 
HETATM 785 O  O   . HOH B 2 .   ? 3.475   -19.363 1.121   1.00 50.27 ? 3243 HOH A O   1 
HETATM 786 O  O   . HOH B 2 .   ? -2.196  -16.119 6.289   1.00 40.58 ? 3245 HOH A O   1 
HETATM 787 O  O   . HOH B 2 .   ? 3.885   -6.751  1.180   1.00 42.95 ? 3250 HOH A O   1 
HETATM 788 O  O   . HOH B 2 .   ? 5.448   -20.576 -11.283 1.00 72.01 ? 3251 HOH A O   1 
HETATM 789 O  O   . HOH B 2 .   ? -8.022  4.148   13.182  1.00 60.16 ? 3252 HOH A O   1 
HETATM 790 O  O   . HOH B 2 .   ? 6.853   -13.531 3.457   1.00 60.80 ? 3253 HOH A O   1 
HETATM 791 O  O   . HOH B 2 .   ? -6.004  0.464   18.771  1.00 73.78 ? 3260 HOH A O   1 
HETATM 792 O  O   . HOH B 2 .   ? -8.539  13.173  11.061  1.00 55.09 ? 3261 HOH A O   1 
HETATM 793 O  O   . HOH B 2 .   ? -24.918 -8.296  12.223  1.00 67.74 ? 3270 HOH A O   1 
HETATM 794 O  O   . HOH B 2 .   ? -2.568  -0.405  13.131  1.00 66.08 ? 3272 HOH A O   1 
HETATM 795 O  O   . HOH B 2 .   ? 22.370  6.050   -9.259  1.00 63.46 ? 3275 HOH A O   1 
HETATM 796 O  O   . HOH B 2 .   ? 8.164   -15.296 -3.600  1.00 45.00 ? 3276 HOH A O   1 
HETATM 797 O  O   . HOH B 2 .   ? 2.593   -9.394  2.198   1.00 54.21 ? 3279 HOH A O   1 
HETATM 798 O  O   . HOH B 2 .   ? -3.000  -3.368  11.155  1.00 59.69 ? 3280 HOH A O   1 
HETATM 799 O  O   . HOH B 2 .   ? 3.928   -0.677  1.420   1.00 48.63 ? 3283 HOH A O   1 
HETATM 800 O  O   . HOH B 2 .   ? 10.443  -14.107 -3.291  1.00 53.35 ? 3284 HOH A O   1 
HETATM 801 O  O   . HOH B 2 .   ? 13.388  10.291  -1.294  1.00 60.85 ? 3286 HOH A O   1 
HETATM 802 O  O   . HOH B 2 .   ? -5.383  3.751   10.390  1.00 48.81 ? 3287 HOH A O   1 
HETATM 803 O  O   . HOH B 2 .   ? -9.010  13.017  -9.759  1.00 53.15 ? 3288 HOH A O   1 
HETATM 804 O  O   . HOH B 2 .   ? 2.595   0.784   -11.765 1.00 66.47 ? 3289 HOH A O   1 
HETATM 805 O  O   . HOH B 2 .   ? 13.351  8.628   10.771  1.00 72.14 ? 3293 HOH A O   1 
HETATM 806 O  O   . HOH B 2 .   ? 3.989   -15.074 3.845   1.00 72.76 ? 3295 HOH A O   1 
HETATM 807 O  O   . HOH B 2 .   ? -10.503 5.345   12.810  1.00 66.46 ? 3300 HOH A O   1 
HETATM 808 O  O   . HOH B 2 .   ? -0.229  7.949   7.853   1.00 65.99 ? 3309 HOH A O   1 
HETATM 809 O  O   . HOH B 2 .   ? 20.247  4.880   -5.982  1.00 77.70 ? 3310 HOH A O   1 
HETATM 810 O  O   . HOH B 2 .   ? 11.879  -13.055 -0.840  1.00 60.14 ? 3315 HOH A O   1 
HETATM 811 O  O   . HOH B 2 .   ? -9.556  16.261  8.121   1.00 62.96 ? 3317 HOH A O   1 
HETATM 812 O  O   . HOH B 2 .   ? 3.959   13.445  5.961   1.00 52.83 ? 3318 HOH A O   1 
HETATM 813 O  O   . HOH B 2 .   ? -15.917 20.903  2.873   1.00 75.19 ? 3320 HOH A O   1 
HETATM 814 O  O   . HOH B 2 .   ? 5.842   -2.512  1.074   1.00 59.62 ? 3321 HOH A O   1 
HETATM 815 O  O   . HOH B 2 .   ? 6.985   -1.574  -5.163  1.00 69.86 ? 3322 HOH A O   1 
HETATM 816 O  O   . HOH B 2 .   ? -15.491 10.635  -1.368  1.00 48.70 ? 3323 HOH A O   1 
HETATM 817 O  O   . HOH B 2 .   ? 5.110   8.747   8.137   1.00 59.52 ? 3324 HOH A O   1 
HETATM 818 O  O   . HOH B 2 .   ? 7.085   -5.614  -3.315  1.00 74.82 ? 3325 HOH A O   1 
HETATM 819 O  O   . HOH B 2 .   ? 18.517  -12.253 -4.398  1.00 58.45 ? 3326 HOH A O   1 
HETATM 820 O  O   . HOH B 2 .   ? 15.383  3.276   -5.528  1.00 58.99 ? 3327 HOH A O   1 
HETATM 821 O  O   . HOH B 2 .   ? -15.574 7.416   -8.692  1.00 54.67 ? 3328 HOH A O   1 
HETATM 822 O  O   . HOH B 2 .   ? -13.810 11.914  -10.878 1.00 57.67 ? 3329 HOH A O   1 
HETATM 823 O  O   . HOH B 2 .   ? -11.235 -17.686 1.181   1.00 56.57 ? 3330 HOH A O   1 
HETATM 824 O  O   . HOH B 2 .   ? 10.287  -13.818 1.775   1.00 55.51 ? 3331 HOH A O   1 
HETATM 825 O  O   . HOH B 2 .   ? 10.572  -20.647 -1.602  1.00 50.50 ? 3332 HOH A O   1 
HETATM 826 O  O   . HOH B 2 .   ? -5.394  -2.561  19.736  1.00 53.52 ? 3333 HOH A O   1 
HETATM 827 O  O   . HOH B 2 .   ? -12.586 -15.582 -4.728  1.00 50.94 ? 3334 HOH A O   1 
HETATM 828 O  O   . HOH B 2 .   ? 20.311  8.980   -7.570  1.00 53.90 ? 3335 HOH A O   1 
HETATM 829 O  O   . HOH B 2 .   ? -13.630 5.189   15.229  1.00 48.51 ? 3336 HOH A O   1 
HETATM 830 O  O   . HOH B 2 .   ? 6.572   -24.011 -2.520  1.00 60.22 ? 3337 HOH A O   1 
HETATM 831 O  O   . HOH B 2 .   ? 12.744  -6.823  1.297   1.00 47.29 ? 3338 HOH A O   1 
HETATM 832 O  O   . HOH B 2 .   ? 10.417  8.944   9.638   1.00 56.06 ? 3339 HOH A O   1 
HETATM 833 O  O   . HOH B 2 .   ? -2.667  2.275   7.905   1.00 58.26 ? 3340 HOH A O   1 
HETATM 834 O  O   . HOH B 2 .   ? -1.038  -2.399  9.252   1.00 53.38 ? 3341 HOH A O   1 
HETATM 835 O  O   . HOH B 2 .   ? 17.932  0.710   0.760   1.00 70.91 ? 3342 HOH A O   1 
HETATM 836 O  O   . HOH B 2 .   ? -6.980  15.278  0.896   1.00 44.34 ? 3343 HOH A O   1 
HETATM 837 O  O   . HOH B 2 .   ? -25.067 -2.905  8.139   1.00 56.08 ? 3344 HOH A O   1 
HETATM 838 O  O   . HOH B 2 .   ? -10.561 14.893  -7.350  1.00 63.63 ? 3345 HOH A O   1 
HETATM 839 O  O   . HOH B 2 .   ? 19.814  10.857  -4.520  1.00 61.27 ? 3346 HOH A O   1 
HETATM 840 O  O   . HOH B 2 .   ? -9.636  0.978   14.842  1.00 68.52 ? 3347 HOH A O   1 
HETATM 841 O  O   . HOH B 2 .   ? -11.315 11.184  6.013   1.00 55.76 ? 3348 HOH A O   1 
HETATM 842 O  O   . HOH B 2 .   ? 8.542   -21.311 -10.436 1.00 54.13 ? 3349 HOH A O   1 
HETATM 843 O  O   . HOH B 2 .   ? -15.964 -2.624  15.041  1.00 60.91 ? 3350 HOH A O   1 
HETATM 844 O  O   . HOH B 2 .   ? 12.337  -5.468  11.209  1.00 59.26 ? 3351 HOH A O   1 
HETATM 845 O  O   . HOH B 2 .   ? 7.254   7.282   11.211  1.00 70.93 ? 3352 HOH A O   1 
HETATM 846 O  O   . HOH B 2 .   ? -23.207 0.740   1.924   1.00 72.93 ? 3353 HOH A O   1 
HETATM 847 O  O   . HOH B 2 .   ? 0.496   -1.174  12.698  1.00 69.74 ? 3354 HOH A O   1 
HETATM 848 O  O   . HOH B 2 .   ? 5.510   14.763  1.853   1.00 63.51 ? 3355 HOH A O   1 
HETATM 849 O  O   . HOH B 2 .   ? 14.389  -1.217  8.235   1.00 76.17 ? 3356 HOH A O   1 
HETATM 850 O  O   . HOH B 2 .   ? -24.510 -4.443  16.713  1.00 50.53 ? 3357 HOH A O   1 
HETATM 851 O  O   . HOH B 2 .   ? 0.105   2.812   18.023  1.00 54.97 ? 3358 HOH A O   1 
HETATM 852 O  O   . HOH B 2 .   ? -7.323  10.857  8.648   1.00 51.81 ? 3359 HOH A O   1 
HETATM 853 O  O   . HOH B 2 .   ? 3.455   6.347   9.892   1.00 58.65 ? 3360 HOH A O   1 
# 
